data_5F6D
# 
_entry.id   5F6D 
# 
_audit_conform.dict_name       mmcif_pdbx.dic 
_audit_conform.dict_version    5.379 
_audit_conform.dict_location   http://mmcif.pdb.org/dictionaries/ascii/mmcif_pdbx.dic 
# 
loop_
_database_2.database_id 
_database_2.database_code 
_database_2.pdbx_database_accession 
_database_2.pdbx_DOI 
PDB   5F6D         pdb_00005f6d 10.2210/pdb5f6d/pdb 
WWPDB D_1000216022 ?            ?                   
# 
loop_
_pdbx_database_related.content_type 
_pdbx_database_related.db_id 
_pdbx_database_related.db_name 
_pdbx_database_related.details 
unspecified 5F6E PDB . 
unspecified 5F6U PDB . 
unspecified 5F6V PDB . 
unspecified 5F6W PDB . 
unspecified 5F6X PDB . 
unspecified 5F6Y PDB . 
# 
_pdbx_database_status.status_code                     REL 
_pdbx_database_status.status_code_sf                  REL 
_pdbx_database_status.status_code_mr                  ? 
_pdbx_database_status.entry_id                        5F6D 
_pdbx_database_status.recvd_initial_deposition_date   2015-12-05 
_pdbx_database_status.SG_entry                        N 
_pdbx_database_status.deposit_site                    RCSB 
_pdbx_database_status.process_site                    RCSB 
_pdbx_database_status.status_code_cs                  ? 
_pdbx_database_status.methods_development_category    ? 
_pdbx_database_status.pdb_format_compatible           Y 
_pdbx_database_status.status_code_nmr_data            ? 
# 
loop_
_audit_author.name 
_audit_author.pdbx_ordinal 
'Lountos, G.T.'        1  
'Hewitt, W.M.'         2  
'Zlotkowski, K.'       3  
'Dahlhauser, S.'       4  
'Saunders, L.B.'       5  
'Needle, D.'           6  
'Tropea, J.E.'         7  
'Zhan, C.'             8  
'Wei, G.'              9  
'Ma, B.'               10 
'Nussinov, R.'         11 
'Schneekloth, J.S.Jr.' 12 
'Waugh, D.S.'          13 
# 
_citation.abstract                  ? 
_citation.abstract_id_CAS           ? 
_citation.book_id_ISBN              ? 
_citation.book_publisher            ? 
_citation.book_publisher_city       ? 
_citation.book_title                ? 
_citation.coordinate_linkage        ? 
_citation.country                   GE 
_citation.database_id_Medline       ? 
_citation.details                   ? 
_citation.id                        primary 
_citation.journal_abbrev            Angew.Chem.Int.Ed.Engl. 
_citation.journal_id_ASTM           ACIEAY 
_citation.journal_id_CSD            0179 
_citation.journal_id_ISSN           1521-3773 
_citation.journal_full              ? 
_citation.journal_issue             ? 
_citation.journal_volume            55 
_citation.language                  ? 
_citation.page_first                5703 
_citation.page_last                 5707 
_citation.title                     'Insights Into the Allosteric Inhibition of the SUMO E2 Enzyme Ubc9.' 
_citation.year                      2016 
_citation.database_id_CSD           ? 
_citation.pdbx_database_id_DOI      10.1002/anie.201511351 
_citation.pdbx_database_id_PubMed   27038327 
_citation.unpublished_flag          ? 
# 
loop_
_citation_author.citation_id 
_citation_author.name 
_citation_author.ordinal 
_citation_author.identifier_ORCID 
primary 'Hewitt, W.M.'      1  ? 
primary 'Lountos, G.T.'     2  ? 
primary 'Zlotkowski, K.'    3  ? 
primary 'Dahlhauser, S.D.'  4  ? 
primary 'Saunders, L.B.'    5  ? 
primary 'Needle, D.'        6  ? 
primary 'Tropea, J.E.'      7  ? 
primary 'Zhan, C.'          8  ? 
primary 'Wei, G.'           9  ? 
primary 'Ma, B.'            10 ? 
primary 'Nussinov, R.'      11 ? 
primary 'Waugh, D.S.'       12 ? 
primary 'Schneekloth, J.S.' 13 ? 
# 
_cell.angle_alpha                  90.00 
_cell.angle_alpha_esd              ? 
_cell.angle_beta                   111.63 
_cell.angle_beta_esd               ? 
_cell.angle_gamma                  90.00 
_cell.angle_gamma_esd              ? 
_cell.entry_id                     5F6D 
_cell.details                      ? 
_cell.formula_units_Z              ? 
_cell.length_a                     50.734 
_cell.length_a_esd                 ? 
_cell.length_b                     35.452 
_cell.length_b_esd                 ? 
_cell.length_c                     57.979 
_cell.length_c_esd                 ? 
_cell.volume                       ? 
_cell.volume_esd                   ? 
_cell.Z_PDB                        2 
_cell.reciprocal_angle_alpha       ? 
_cell.reciprocal_angle_beta        ? 
_cell.reciprocal_angle_gamma       ? 
_cell.reciprocal_angle_alpha_esd   ? 
_cell.reciprocal_angle_beta_esd    ? 
_cell.reciprocal_angle_gamma_esd   ? 
_cell.reciprocal_length_a          ? 
_cell.reciprocal_length_b          ? 
_cell.reciprocal_length_c          ? 
_cell.reciprocal_length_a_esd      ? 
_cell.reciprocal_length_b_esd      ? 
_cell.reciprocal_length_c_esd      ? 
_cell.pdbx_unique_axis             ? 
# 
_symmetry.entry_id                         5F6D 
_symmetry.cell_setting                     ? 
_symmetry.Int_Tables_number                4 
_symmetry.space_group_name_Hall            ? 
_symmetry.space_group_name_H-M             'P 1 21 1' 
_symmetry.pdbx_full_space_group_name_H-M   ? 
# 
loop_
_entity.id 
_entity.type 
_entity.src_method 
_entity.pdbx_description 
_entity.formula_weight 
_entity.pdbx_number_of_molecules 
_entity.pdbx_ec 
_entity.pdbx_mutation 
_entity.pdbx_fragment 
_entity.details 
1 polymer     man 'SUMO-conjugating enzyme UBC9'                 17725.375 1   6.3.2.- K48A,K49A,E54A ? ? 
2 non-polymer syn '6~{H}-benzo[c][1,2]benzothiazine 5,5-dioxide' 231.270   1   ?       ?              ? ? 
3 water       nat water                                          18.015    266 ?       ?              ? ? 
# 
_entity_name_com.entity_id   1 
_entity_name_com.name        
;SUMO-protein ligase,Ubiquitin carrier protein 9,Ubiquitin carrier protein I,Ubiquitin-conjugating enzyme E2 I,Ubiquitin-protein ligase I,p18
;
# 
_entity_poly.entity_id                      1 
_entity_poly.type                           'polypeptide(L)' 
_entity_poly.nstd_linkage                   no 
_entity_poly.nstd_monomer                   no 
_entity_poly.pdbx_seq_one_letter_code       
;SGIALSRLAQERKAWRKDHPFGFVAVPTKNPDGTMNLMNWECAIPGAAGTPWAGGLFKLRMLFKDDYPSSPPKCKFEPPL
FHPNVYPSGTVCLSILEEDKDWRPAITIKQILLGIQELLNEPNIQDPAQAEAYTIYCQNRVEYEKRVRAQAKKFAPS
;
_entity_poly.pdbx_seq_one_letter_code_can   
;SGIALSRLAQERKAWRKDHPFGFVAVPTKNPDGTMNLMNWECAIPGAAGTPWAGGLFKLRMLFKDDYPSSPPKCKFEPPL
FHPNVYPSGTVCLSILEEDKDWRPAITIKQILLGIQELLNEPNIQDPAQAEAYTIYCQNRVEYEKRVRAQAKKFAPS
;
_entity_poly.pdbx_strand_id                 A 
_entity_poly.pdbx_target_identifier         ? 
# 
loop_
_entity_poly_seq.entity_id 
_entity_poly_seq.num 
_entity_poly_seq.mon_id 
_entity_poly_seq.hetero 
1 1   SER n 
1 2   GLY n 
1 3   ILE n 
1 4   ALA n 
1 5   LEU n 
1 6   SER n 
1 7   ARG n 
1 8   LEU n 
1 9   ALA n 
1 10  GLN n 
1 11  GLU n 
1 12  ARG n 
1 13  LYS n 
1 14  ALA n 
1 15  TRP n 
1 16  ARG n 
1 17  LYS n 
1 18  ASP n 
1 19  HIS n 
1 20  PRO n 
1 21  PHE n 
1 22  GLY n 
1 23  PHE n 
1 24  VAL n 
1 25  ALA n 
1 26  VAL n 
1 27  PRO n 
1 28  THR n 
1 29  LYS n 
1 30  ASN n 
1 31  PRO n 
1 32  ASP n 
1 33  GLY n 
1 34  THR n 
1 35  MET n 
1 36  ASN n 
1 37  LEU n 
1 38  MET n 
1 39  ASN n 
1 40  TRP n 
1 41  GLU n 
1 42  CYS n 
1 43  ALA n 
1 44  ILE n 
1 45  PRO n 
1 46  GLY n 
1 47  ALA n 
1 48  ALA n 
1 49  GLY n 
1 50  THR n 
1 51  PRO n 
1 52  TRP n 
1 53  ALA n 
1 54  GLY n 
1 55  GLY n 
1 56  LEU n 
1 57  PHE n 
1 58  LYS n 
1 59  LEU n 
1 60  ARG n 
1 61  MET n 
1 62  LEU n 
1 63  PHE n 
1 64  LYS n 
1 65  ASP n 
1 66  ASP n 
1 67  TYR n 
1 68  PRO n 
1 69  SER n 
1 70  SER n 
1 71  PRO n 
1 72  PRO n 
1 73  LYS n 
1 74  CYS n 
1 75  LYS n 
1 76  PHE n 
1 77  GLU n 
1 78  PRO n 
1 79  PRO n 
1 80  LEU n 
1 81  PHE n 
1 82  HIS n 
1 83  PRO n 
1 84  ASN n 
1 85  VAL n 
1 86  TYR n 
1 87  PRO n 
1 88  SER n 
1 89  GLY n 
1 90  THR n 
1 91  VAL n 
1 92  CYS n 
1 93  LEU n 
1 94  SER n 
1 95  ILE n 
1 96  LEU n 
1 97  GLU n 
1 98  GLU n 
1 99  ASP n 
1 100 LYS n 
1 101 ASP n 
1 102 TRP n 
1 103 ARG n 
1 104 PRO n 
1 105 ALA n 
1 106 ILE n 
1 107 THR n 
1 108 ILE n 
1 109 LYS n 
1 110 GLN n 
1 111 ILE n 
1 112 LEU n 
1 113 LEU n 
1 114 GLY n 
1 115 ILE n 
1 116 GLN n 
1 117 GLU n 
1 118 LEU n 
1 119 LEU n 
1 120 ASN n 
1 121 GLU n 
1 122 PRO n 
1 123 ASN n 
1 124 ILE n 
1 125 GLN n 
1 126 ASP n 
1 127 PRO n 
1 128 ALA n 
1 129 GLN n 
1 130 ALA n 
1 131 GLU n 
1 132 ALA n 
1 133 TYR n 
1 134 THR n 
1 135 ILE n 
1 136 TYR n 
1 137 CYS n 
1 138 GLN n 
1 139 ASN n 
1 140 ARG n 
1 141 VAL n 
1 142 GLU n 
1 143 TYR n 
1 144 GLU n 
1 145 LYS n 
1 146 ARG n 
1 147 VAL n 
1 148 ARG n 
1 149 ALA n 
1 150 GLN n 
1 151 ALA n 
1 152 LYS n 
1 153 LYS n 
1 154 PHE n 
1 155 ALA n 
1 156 PRO n 
1 157 SER n 
# 
_entity_src_gen.entity_id                          1 
_entity_src_gen.pdbx_src_id                        1 
_entity_src_gen.pdbx_alt_source_flag               sample 
_entity_src_gen.pdbx_seq_type                      'Biological sequence' 
_entity_src_gen.pdbx_beg_seq_num                   1 
_entity_src_gen.pdbx_end_seq_num                   157 
_entity_src_gen.gene_src_common_name               Human 
_entity_src_gen.gene_src_genus                     ? 
_entity_src_gen.pdbx_gene_src_gene                 'UBE2I, UBC9, UBCE9' 
_entity_src_gen.gene_src_species                   ? 
_entity_src_gen.gene_src_strain                    ? 
_entity_src_gen.gene_src_tissue                    ? 
_entity_src_gen.gene_src_tissue_fraction           ? 
_entity_src_gen.gene_src_details                   ? 
_entity_src_gen.pdbx_gene_src_fragment             ? 
_entity_src_gen.pdbx_gene_src_scientific_name      'Homo sapiens' 
_entity_src_gen.pdbx_gene_src_ncbi_taxonomy_id     9606 
_entity_src_gen.pdbx_gene_src_variant              ? 
_entity_src_gen.pdbx_gene_src_cell_line            ? 
_entity_src_gen.pdbx_gene_src_atcc                 ? 
_entity_src_gen.pdbx_gene_src_organ                ? 
_entity_src_gen.pdbx_gene_src_organelle            ? 
_entity_src_gen.pdbx_gene_src_cell                 ? 
_entity_src_gen.pdbx_gene_src_cellular_location    ? 
_entity_src_gen.host_org_common_name               ? 
_entity_src_gen.pdbx_host_org_scientific_name      'Escherichia coli' 
_entity_src_gen.pdbx_host_org_ncbi_taxonomy_id     562 
_entity_src_gen.host_org_genus                     ? 
_entity_src_gen.pdbx_host_org_gene                 ? 
_entity_src_gen.pdbx_host_org_organ                ? 
_entity_src_gen.host_org_species                   ? 
_entity_src_gen.pdbx_host_org_tissue               ? 
_entity_src_gen.pdbx_host_org_tissue_fraction      ? 
_entity_src_gen.pdbx_host_org_strain               ? 
_entity_src_gen.pdbx_host_org_variant              ? 
_entity_src_gen.pdbx_host_org_cell_line            ? 
_entity_src_gen.pdbx_host_org_atcc                 ? 
_entity_src_gen.pdbx_host_org_culture_collection   ? 
_entity_src_gen.pdbx_host_org_cell                 ? 
_entity_src_gen.pdbx_host_org_organelle            ? 
_entity_src_gen.pdbx_host_org_cellular_location    ? 
_entity_src_gen.pdbx_host_org_vector_type          plasmid 
_entity_src_gen.pdbx_host_org_vector               ? 
_entity_src_gen.host_org_details                   ? 
_entity_src_gen.expression_system_id               ? 
_entity_src_gen.plasmid_name                       pDN2405 
_entity_src_gen.plasmid_details                    ? 
_entity_src_gen.pdbx_description                   ? 
# 
_struct_ref.id                         1 
_struct_ref.db_name                    UNP 
_struct_ref.db_code                    UBC9_HUMAN 
_struct_ref.pdbx_db_accession          P63279 
_struct_ref.pdbx_db_isoform            ? 
_struct_ref.entity_id                  1 
_struct_ref.pdbx_seq_one_letter_code   
;SGIALSRLAQERKAWRKDHPFGFVAVPTKNPDGTMNLMNWECAIPGKKGTPWEGGLFKLRMLFKDDYPSSPPKCKFEPPL
FHPNVYPSGTVCLSILEEDKDWRPAITIKQILLGIQELLNEPNIQDPAQAEAYTIYCQNRVEYEKRVRAQAKKFAPS
;
_struct_ref.pdbx_align_begin           2 
# 
_struct_ref_seq.align_id                      1 
_struct_ref_seq.ref_id                        1 
_struct_ref_seq.pdbx_PDB_id_code              5F6D 
_struct_ref_seq.pdbx_strand_id                A 
_struct_ref_seq.seq_align_beg                 1 
_struct_ref_seq.pdbx_seq_align_beg_ins_code   ? 
_struct_ref_seq.seq_align_end                 157 
_struct_ref_seq.pdbx_seq_align_end_ins_code   ? 
_struct_ref_seq.pdbx_db_accession             P63279 
_struct_ref_seq.db_align_beg                  2 
_struct_ref_seq.pdbx_db_align_beg_ins_code    ? 
_struct_ref_seq.db_align_end                  158 
_struct_ref_seq.pdbx_db_align_end_ins_code    ? 
_struct_ref_seq.pdbx_auth_seq_align_beg       2 
_struct_ref_seq.pdbx_auth_seq_align_end       158 
# 
loop_
_struct_ref_seq_dif.align_id 
_struct_ref_seq_dif.pdbx_pdb_id_code 
_struct_ref_seq_dif.mon_id 
_struct_ref_seq_dif.pdbx_pdb_strand_id 
_struct_ref_seq_dif.seq_num 
_struct_ref_seq_dif.pdbx_pdb_ins_code 
_struct_ref_seq_dif.pdbx_seq_db_name 
_struct_ref_seq_dif.pdbx_seq_db_accession_code 
_struct_ref_seq_dif.db_mon_id 
_struct_ref_seq_dif.pdbx_seq_db_seq_num 
_struct_ref_seq_dif.details 
_struct_ref_seq_dif.pdbx_auth_seq_num 
_struct_ref_seq_dif.pdbx_ordinal 
1 5F6D ALA A 47 ? UNP P63279 LYS 48 'engineered mutation' 48 1 
1 5F6D ALA A 48 ? UNP P63279 LYS 49 'engineered mutation' 49 2 
1 5F6D ALA A 53 ? UNP P63279 GLU 54 'engineered mutation' 54 3 
# 
loop_
_chem_comp.id 
_chem_comp.type 
_chem_comp.mon_nstd_flag 
_chem_comp.name 
_chem_comp.pdbx_synonyms 
_chem_comp.formula 
_chem_comp.formula_weight 
5VJ non-polymer         . '6~{H}-benzo[c][1,2]benzothiazine 5,5-dioxide' ? 'C12 H9 N O2 S'  231.270 
ALA 'L-peptide linking' y ALANINE                                        ? 'C3 H7 N O2'     89.093  
ARG 'L-peptide linking' y ARGININE                                       ? 'C6 H15 N4 O2 1' 175.209 
ASN 'L-peptide linking' y ASPARAGINE                                     ? 'C4 H8 N2 O3'    132.118 
ASP 'L-peptide linking' y 'ASPARTIC ACID'                                ? 'C4 H7 N O4'     133.103 
CYS 'L-peptide linking' y CYSTEINE                                       ? 'C3 H7 N O2 S'   121.158 
GLN 'L-peptide linking' y GLUTAMINE                                      ? 'C5 H10 N2 O3'   146.144 
GLU 'L-peptide linking' y 'GLUTAMIC ACID'                                ? 'C5 H9 N O4'     147.129 
GLY 'peptide linking'   y GLYCINE                                        ? 'C2 H5 N O2'     75.067  
HIS 'L-peptide linking' y HISTIDINE                                      ? 'C6 H10 N3 O2 1' 156.162 
HOH non-polymer         . WATER                                          ? 'H2 O'           18.015  
ILE 'L-peptide linking' y ISOLEUCINE                                     ? 'C6 H13 N O2'    131.173 
LEU 'L-peptide linking' y LEUCINE                                        ? 'C6 H13 N O2'    131.173 
LYS 'L-peptide linking' y LYSINE                                         ? 'C6 H15 N2 O2 1' 147.195 
MET 'L-peptide linking' y METHIONINE                                     ? 'C5 H11 N O2 S'  149.211 
PHE 'L-peptide linking' y PHENYLALANINE                                  ? 'C9 H11 N O2'    165.189 
PRO 'L-peptide linking' y PROLINE                                        ? 'C5 H9 N O2'     115.130 
SER 'L-peptide linking' y SERINE                                         ? 'C3 H7 N O3'     105.093 
THR 'L-peptide linking' y THREONINE                                      ? 'C4 H9 N O3'     119.119 
TRP 'L-peptide linking' y TRYPTOPHAN                                     ? 'C11 H12 N2 O2'  204.225 
TYR 'L-peptide linking' y TYROSINE                                       ? 'C9 H11 N O3'    181.189 
VAL 'L-peptide linking' y VALINE                                         ? 'C5 H11 N O2'    117.146 
# 
_exptl.absorpt_coefficient_mu     ? 
_exptl.absorpt_correction_T_max   ? 
_exptl.absorpt_correction_T_min   ? 
_exptl.absorpt_correction_type    ? 
_exptl.absorpt_process_details    ? 
_exptl.entry_id                   5F6D 
_exptl.crystals_number            ? 
_exptl.details                    ? 
_exptl.method                     'X-RAY DIFFRACTION' 
_exptl.method_details             ? 
# 
_exptl_crystal.colour                      ? 
_exptl_crystal.density_diffrn              ? 
_exptl_crystal.density_Matthews            2.74 
_exptl_crystal.density_method              ? 
_exptl_crystal.density_percent_sol         55.08 
_exptl_crystal.description                 rods 
_exptl_crystal.F_000                       ? 
_exptl_crystal.id                          1 
_exptl_crystal.preparation                 ? 
_exptl_crystal.size_max                    ? 
_exptl_crystal.size_mid                    ? 
_exptl_crystal.size_min                    ? 
_exptl_crystal.size_rad                    ? 
_exptl_crystal.colour_lustre               ? 
_exptl_crystal.colour_modifier             ? 
_exptl_crystal.colour_primary              ? 
_exptl_crystal.density_meas                ? 
_exptl_crystal.density_meas_esd            ? 
_exptl_crystal.density_meas_gt             ? 
_exptl_crystal.density_meas_lt             ? 
_exptl_crystal.density_meas_temp           ? 
_exptl_crystal.density_meas_temp_esd       ? 
_exptl_crystal.density_meas_temp_gt        ? 
_exptl_crystal.density_meas_temp_lt        ? 
_exptl_crystal.pdbx_crystal_image_url      ? 
_exptl_crystal.pdbx_crystal_image_format   ? 
_exptl_crystal.pdbx_mosaicity              ? 
_exptl_crystal.pdbx_mosaicity_esd          ? 
# 
_exptl_crystal_grow.apparatus       ? 
_exptl_crystal_grow.atmosphere      ? 
_exptl_crystal_grow.crystal_id      1 
_exptl_crystal_grow.details         ? 
_exptl_crystal_grow.method          'VAPOR DIFFUSION' 
_exptl_crystal_grow.method_ref      ? 
_exptl_crystal_grow.pH              8.5 
_exptl_crystal_grow.pressure        ? 
_exptl_crystal_grow.pressure_esd    ? 
_exptl_crystal_grow.seeding         ? 
_exptl_crystal_grow.seeding_ref     ? 
_exptl_crystal_grow.temp            294 
_exptl_crystal_grow.temp_details    ? 
_exptl_crystal_grow.temp_esd        ? 
_exptl_crystal_grow.time            ? 
_exptl_crystal_grow.pdbx_details    '0.1M Tris pH 8.5, 8% (w/v) polyethylene glycol 8000' 
_exptl_crystal_grow.pdbx_pH_range   ? 
# 
_diffrn.ambient_environment    ? 
_diffrn.ambient_temp           93 
_diffrn.ambient_temp_details   ? 
_diffrn.ambient_temp_esd       ? 
_diffrn.crystal_id             1 
_diffrn.crystal_support        ? 
_diffrn.crystal_treatment      ? 
_diffrn.details                ? 
_diffrn.id                     1 
_diffrn.ambient_pressure       ? 
_diffrn.ambient_pressure_esd   ? 
_diffrn.ambient_pressure_gt    ? 
_diffrn.ambient_pressure_lt    ? 
_diffrn.ambient_temp_gt        ? 
_diffrn.ambient_temp_lt        ? 
# 
_diffrn_detector.details                      ? 
_diffrn_detector.detector                     CCD 
_diffrn_detector.diffrn_id                    1 
_diffrn_detector.type                         'MARMOSAIC 225 mm CCD' 
_diffrn_detector.area_resol_mean              ? 
_diffrn_detector.dtime                        ? 
_diffrn_detector.pdbx_frames_total            ? 
_diffrn_detector.pdbx_collection_time_total   ? 
_diffrn_detector.pdbx_collection_date         2013-11-21 
# 
_diffrn_radiation.collimation                      ? 
_diffrn_radiation.diffrn_id                        1 
_diffrn_radiation.filter_edge                      ? 
_diffrn_radiation.inhomogeneity                    ? 
_diffrn_radiation.monochromator                    ? 
_diffrn_radiation.polarisn_norm                    ? 
_diffrn_radiation.polarisn_ratio                   ? 
_diffrn_radiation.probe                            ? 
_diffrn_radiation.type                             ? 
_diffrn_radiation.xray_symbol                      ? 
_diffrn_radiation.wavelength_id                    1 
_diffrn_radiation.pdbx_monochromatic_or_laue_m_l   M 
_diffrn_radiation.pdbx_wavelength_list             ? 
_diffrn_radiation.pdbx_wavelength                  ? 
_diffrn_radiation.pdbx_diffrn_protocol             'SINGLE WAVELENGTH' 
_diffrn_radiation.pdbx_analyzer                    ? 
_diffrn_radiation.pdbx_scattering_type             x-ray 
# 
_diffrn_radiation_wavelength.id           1 
_diffrn_radiation_wavelength.wavelength   1.0 
_diffrn_radiation_wavelength.wt           1.0 
# 
_diffrn_source.current                     ? 
_diffrn_source.details                     ? 
_diffrn_source.diffrn_id                   1 
_diffrn_source.power                       ? 
_diffrn_source.size                        ? 
_diffrn_source.source                      SYNCHROTRON 
_diffrn_source.target                      ? 
_diffrn_source.type                        'APS BEAMLINE 22-BM' 
_diffrn_source.voltage                     ? 
_diffrn_source.take-off_angle              ? 
_diffrn_source.pdbx_wavelength_list        1.0 
_diffrn_source.pdbx_wavelength             ? 
_diffrn_source.pdbx_synchrotron_beamline   22-BM 
_diffrn_source.pdbx_synchrotron_site       APS 
# 
_reflns.B_iso_Wilson_estimate            ? 
_reflns.entry_id                         5F6D 
_reflns.data_reduction_details           ? 
_reflns.data_reduction_method            ? 
_reflns.d_resolution_high                1.55 
_reflns.d_resolution_low                 50 
_reflns.details                          ? 
_reflns.limit_h_max                      ? 
_reflns.limit_h_min                      ? 
_reflns.limit_k_max                      ? 
_reflns.limit_k_min                      ? 
_reflns.limit_l_max                      ? 
_reflns.limit_l_min                      ? 
_reflns.number_all                       ? 
_reflns.number_obs                       26685 
_reflns.observed_criterion               ? 
_reflns.observed_criterion_F_max         ? 
_reflns.observed_criterion_F_min         ? 
_reflns.observed_criterion_I_max         ? 
_reflns.observed_criterion_I_min         ? 
_reflns.observed_criterion_sigma_F       ? 
_reflns.observed_criterion_sigma_I       ? 
_reflns.percent_possible_obs             95.3 
_reflns.R_free_details                   ? 
_reflns.Rmerge_F_all                     ? 
_reflns.Rmerge_F_obs                     ? 
_reflns.Friedel_coverage                 ? 
_reflns.number_gt                        ? 
_reflns.threshold_expression             ? 
_reflns.pdbx_redundancy                  3.6 
_reflns.pdbx_Rmerge_I_obs                0.041 
_reflns.pdbx_Rmerge_I_all                ? 
_reflns.pdbx_Rsym_value                  ? 
_reflns.pdbx_netI_over_av_sigmaI         ? 
_reflns.pdbx_netI_over_sigmaI            34.9 
_reflns.pdbx_res_netI_over_av_sigmaI_2   ? 
_reflns.pdbx_res_netI_over_sigmaI_2      ? 
_reflns.pdbx_chi_squared                 ? 
_reflns.pdbx_scaling_rejects             ? 
_reflns.pdbx_d_res_high_opt              ? 
_reflns.pdbx_d_res_low_opt               ? 
_reflns.pdbx_d_res_opt_method            ? 
_reflns.phase_calculation_details        ? 
_reflns.pdbx_Rrim_I_all                  ? 
_reflns.pdbx_Rpim_I_all                  ? 
_reflns.pdbx_d_opt                       ? 
_reflns.pdbx_number_measured_all         ? 
_reflns.pdbx_diffrn_id                   1 
_reflns.pdbx_ordinal                     1 
_reflns.pdbx_CC_half                     ? 
_reflns.pdbx_R_split                     ? 
# 
_reflns_shell.d_res_high                  1.55 
_reflns_shell.d_res_low                   1.58 
_reflns_shell.meanI_over_sigI_all         ? 
_reflns_shell.meanI_over_sigI_obs         3.1 
_reflns_shell.number_measured_all         ? 
_reflns_shell.number_measured_obs         ? 
_reflns_shell.number_possible             ? 
_reflns_shell.number_unique_all           ? 
_reflns_shell.number_unique_obs           ? 
_reflns_shell.percent_possible_all        70.9 
_reflns_shell.percent_possible_obs        ? 
_reflns_shell.Rmerge_F_all                ? 
_reflns_shell.Rmerge_F_obs                ? 
_reflns_shell.Rmerge_I_all                ? 
_reflns_shell.Rmerge_I_obs                0.255 
_reflns_shell.meanI_over_sigI_gt          ? 
_reflns_shell.meanI_over_uI_all           ? 
_reflns_shell.meanI_over_uI_gt            ? 
_reflns_shell.number_measured_gt          ? 
_reflns_shell.number_unique_gt            ? 
_reflns_shell.percent_possible_gt         ? 
_reflns_shell.Rmerge_F_gt                 ? 
_reflns_shell.Rmerge_I_gt                 ? 
_reflns_shell.pdbx_redundancy             3.6 
_reflns_shell.pdbx_Rsym_value             ? 
_reflns_shell.pdbx_chi_squared            ? 
_reflns_shell.pdbx_netI_over_sigmaI_all   ? 
_reflns_shell.pdbx_netI_over_sigmaI_obs   ? 
_reflns_shell.pdbx_Rrim_I_all             ? 
_reflns_shell.pdbx_Rpim_I_all             ? 
_reflns_shell.pdbx_rejects                ? 
_reflns_shell.pdbx_ordinal                1 
_reflns_shell.pdbx_diffrn_id              1 
_reflns_shell.pdbx_CC_half                ? 
_reflns_shell.pdbx_R_split                ? 
# 
_refine.aniso_B[1][1]                            ? 
_refine.aniso_B[1][2]                            ? 
_refine.aniso_B[1][3]                            ? 
_refine.aniso_B[2][2]                            ? 
_refine.aniso_B[2][3]                            ? 
_refine.aniso_B[3][3]                            ? 
_refine.B_iso_max                                ? 
_refine.B_iso_mean                               ? 
_refine.B_iso_min                                ? 
_refine.correlation_coeff_Fo_to_Fc               ? 
_refine.correlation_coeff_Fo_to_Fc_free          ? 
_refine.details                                  ? 
_refine.diff_density_max                         ? 
_refine.diff_density_max_esd                     ? 
_refine.diff_density_min                         ? 
_refine.diff_density_min_esd                     ? 
_refine.diff_density_rms                         ? 
_refine.diff_density_rms_esd                     ? 
_refine.entry_id                                 5F6D 
_refine.pdbx_refine_id                           'X-RAY DIFFRACTION' 
_refine.ls_abs_structure_details                 ? 
_refine.ls_abs_structure_Flack                   ? 
_refine.ls_abs_structure_Flack_esd               ? 
_refine.ls_abs_structure_Rogers                  ? 
_refine.ls_abs_structure_Rogers_esd              ? 
_refine.ls_d_res_high                            1.553 
_refine.ls_d_res_low                             26.949 
_refine.ls_extinction_coef                       ? 
_refine.ls_extinction_coef_esd                   ? 
_refine.ls_extinction_expression                 ? 
_refine.ls_extinction_method                     ? 
_refine.ls_goodness_of_fit_all                   ? 
_refine.ls_goodness_of_fit_all_esd               ? 
_refine.ls_goodness_of_fit_obs                   ? 
_refine.ls_goodness_of_fit_obs_esd               ? 
_refine.ls_hydrogen_treatment                    ? 
_refine.ls_matrix_type                           ? 
_refine.ls_number_constraints                    ? 
_refine.ls_number_parameters                     ? 
_refine.ls_number_reflns_all                     ? 
_refine.ls_number_reflns_obs                     26670 
_refine.ls_number_reflns_R_free                  1999 
_refine.ls_number_reflns_R_work                  ? 
_refine.ls_number_restraints                     ? 
_refine.ls_percent_reflns_obs                    95.30 
_refine.ls_percent_reflns_R_free                 7.50 
_refine.ls_R_factor_all                          ? 
_refine.ls_R_factor_obs                          0.1725 
_refine.ls_R_factor_R_free                       0.1962 
_refine.ls_R_factor_R_free_error                 ? 
_refine.ls_R_factor_R_free_error_details         ? 
_refine.ls_R_factor_R_work                       0.1706 
_refine.ls_R_Fsqd_factor_obs                     ? 
_refine.ls_R_I_factor_obs                        ? 
_refine.ls_redundancy_reflns_all                 ? 
_refine.ls_redundancy_reflns_obs                 ? 
_refine.ls_restrained_S_all                      ? 
_refine.ls_restrained_S_obs                      ? 
_refine.ls_shift_over_esd_max                    ? 
_refine.ls_shift_over_esd_mean                   ? 
_refine.ls_structure_factor_coef                 ? 
_refine.ls_weighting_details                     ? 
_refine.ls_weighting_scheme                      ? 
_refine.ls_wR_factor_all                         ? 
_refine.ls_wR_factor_obs                         ? 
_refine.ls_wR_factor_R_free                      ? 
_refine.ls_wR_factor_R_work                      ? 
_refine.occupancy_max                            ? 
_refine.occupancy_min                            ? 
_refine.solvent_model_details                    'FLAT BULK SOLVENT MODEL' 
_refine.solvent_model_param_bsol                 ? 
_refine.solvent_model_param_ksol                 ? 
_refine.ls_R_factor_gt                           ? 
_refine.ls_goodness_of_fit_gt                    ? 
_refine.ls_goodness_of_fit_ref                   ? 
_refine.ls_shift_over_su_max                     ? 
_refine.ls_shift_over_su_max_lt                  ? 
_refine.ls_shift_over_su_mean                    ? 
_refine.ls_shift_over_su_mean_lt                 ? 
_refine.pdbx_ls_sigma_I                          ? 
_refine.pdbx_ls_sigma_F                          1.34 
_refine.pdbx_ls_sigma_Fsqd                       ? 
_refine.pdbx_data_cutoff_high_absF               ? 
_refine.pdbx_data_cutoff_high_rms_absF           ? 
_refine.pdbx_data_cutoff_low_absF                ? 
_refine.pdbx_isotropic_thermal_model             ? 
_refine.pdbx_ls_cross_valid_method               'FREE R-VALUE' 
_refine.pdbx_method_to_determine_struct          'MOLECULAR REPLACEMENT' 
_refine.pdbx_starting_model                      1U9B 
_refine.pdbx_stereochemistry_target_values       ML 
_refine.pdbx_R_Free_selection_details            ? 
_refine.pdbx_stereochem_target_val_spec_case     ? 
_refine.pdbx_overall_ESU_R                       ? 
_refine.pdbx_overall_ESU_R_Free                  ? 
_refine.pdbx_solvent_vdw_probe_radii             1.11 
_refine.pdbx_solvent_ion_probe_radii             ? 
_refine.pdbx_solvent_shrinkage_radii             0.90 
_refine.pdbx_real_space_R                        ? 
_refine.pdbx_density_correlation                 ? 
_refine.pdbx_pd_number_of_powder_patterns        ? 
_refine.pdbx_pd_number_of_points                 ? 
_refine.pdbx_pd_meas_number_of_points            ? 
_refine.pdbx_pd_proc_ls_prof_R_factor            ? 
_refine.pdbx_pd_proc_ls_prof_wR_factor           ? 
_refine.pdbx_pd_Marquardt_correlation_coeff      ? 
_refine.pdbx_pd_Fsqrd_R_factor                   ? 
_refine.pdbx_pd_ls_matrix_band_width             ? 
_refine.pdbx_overall_phase_error                 21.51 
_refine.pdbx_overall_SU_R_free_Cruickshank_DPI   ? 
_refine.pdbx_overall_SU_R_free_Blow_DPI          ? 
_refine.pdbx_overall_SU_R_Blow_DPI               ? 
_refine.pdbx_TLS_residual_ADP_flag               ? 
_refine.pdbx_diffrn_id                           1 
_refine.overall_SU_B                             ? 
_refine.overall_SU_ML                            0.18 
_refine.overall_SU_R_Cruickshank_DPI             ? 
_refine.overall_SU_R_free                        ? 
_refine.overall_FOM_free_R_set                   ? 
_refine.overall_FOM_work_R_set                   ? 
_refine.pdbx_average_fsc_overall                 ? 
_refine.pdbx_average_fsc_work                    ? 
_refine.pdbx_average_fsc_free                    ? 
# 
_refine_hist.pdbx_refine_id                   'X-RAY DIFFRACTION' 
_refine_hist.cycle_id                         LAST 
_refine_hist.pdbx_number_atoms_protein        1241 
_refine_hist.pdbx_number_atoms_nucleic_acid   0 
_refine_hist.pdbx_number_atoms_ligand         16 
_refine_hist.number_atoms_solvent             266 
_refine_hist.number_atoms_total               1523 
_refine_hist.d_res_high                       1.553 
_refine_hist.d_res_low                        26.949 
# 
loop_
_refine_ls_restr.pdbx_refine_id 
_refine_ls_restr.criterion 
_refine_ls_restr.dev_ideal 
_refine_ls_restr.dev_ideal_target 
_refine_ls_restr.number 
_refine_ls_restr.rejects 
_refine_ls_restr.type 
_refine_ls_restr.weight 
_refine_ls_restr.pdbx_restraint_function 
'X-RAY DIFFRACTION' ? 0.006  ? 1402 ? f_bond_d           ? ? 
'X-RAY DIFFRACTION' ? 1.122  ? 1928 ? f_angle_d          ? ? 
'X-RAY DIFFRACTION' ? 11.137 ? 556  ? f_dihedral_angle_d ? ? 
'X-RAY DIFFRACTION' ? 0.046  ? 198  ? f_chiral_restr     ? ? 
'X-RAY DIFFRACTION' ? 0.006  ? 255  ? f_plane_restr      ? ? 
# 
loop_
_refine_ls_shell.pdbx_refine_id 
_refine_ls_shell.d_res_high 
_refine_ls_shell.d_res_low 
_refine_ls_shell.number_reflns_all 
_refine_ls_shell.number_reflns_obs 
_refine_ls_shell.number_reflns_R_free 
_refine_ls_shell.number_reflns_R_work 
_refine_ls_shell.percent_reflns_obs 
_refine_ls_shell.percent_reflns_R_free 
_refine_ls_shell.R_factor_all 
_refine_ls_shell.R_factor_obs 
_refine_ls_shell.R_factor_R_free 
_refine_ls_shell.R_factor_R_free_error 
_refine_ls_shell.R_factor_R_work 
_refine_ls_shell.redundancy_reflns_all 
_refine_ls_shell.redundancy_reflns_obs 
_refine_ls_shell.wR_factor_all 
_refine_ls_shell.wR_factor_obs 
_refine_ls_shell.wR_factor_R_free 
_refine_ls_shell.wR_factor_R_work 
_refine_ls_shell.pdbx_total_number_of_bins_used 
_refine_ls_shell.pdbx_phase_error 
_refine_ls_shell.pdbx_fsc_work 
_refine_ls_shell.pdbx_fsc_free 
'X-RAY DIFFRACTION' 1.5529 1.5917  . . 116 1324 73.00  . . . 0.2966 . 0.2340 . . . . . . . . . . 
'X-RAY DIFFRACTION' 1.5917 1.6347  . . 106 1523 82.00  . . . 0.2583 . 0.2134 . . . . . . . . . . 
'X-RAY DIFFRACTION' 1.6347 1.6828  . . 141 1643 90.00  . . . 0.2427 . 0.1946 . . . . . . . . . . 
'X-RAY DIFFRACTION' 1.6828 1.7372  . . 143 1747 96.00  . . . 0.2539 . 0.2003 . . . . . . . . . . 
'X-RAY DIFFRACTION' 1.7372 1.7992  . . 147 1801 98.00  . . . 0.2491 . 0.1955 . . . . . . . . . . 
'X-RAY DIFFRACTION' 1.7992 1.8712  . . 148 1858 99.00  . . . 0.2146 . 0.1904 . . . . . . . . . . 
'X-RAY DIFFRACTION' 1.8712 1.9564  . . 139 1818 100.00 . . . 0.2196 . 0.1806 . . . . . . . . . . 
'X-RAY DIFFRACTION' 1.9564 2.0595  . . 147 1843 99.00  . . . 0.2108 . 0.1790 . . . . . . . . . . 
'X-RAY DIFFRACTION' 2.0595 2.1885  . . 150 1830 99.00  . . . 0.2291 . 0.1722 . . . . . . . . . . 
'X-RAY DIFFRACTION' 2.1885 2.3574  . . 156 1837 100.00 . . . 0.2063 . 0.1783 . . . . . . . . . . 
'X-RAY DIFFRACTION' 2.3574 2.5944  . . 149 1827 100.00 . . . 0.2174 . 0.1789 . . . . . . . . . . 
'X-RAY DIFFRACTION' 2.5944 2.9694  . . 157 1868 100.00 . . . 0.2023 . 0.1762 . . . . . . . . . . 
'X-RAY DIFFRACTION' 2.9694 3.7396  . . 143 1866 100.00 . . . 0.1655 . 0.1563 . . . . . . . . . . 
'X-RAY DIFFRACTION' 3.7396 26.9528 . . 157 1886 98.00  . . . 0.1547 . 0.1467 . . . . . . . . . . 
# 
_struct.entry_id                     5F6D 
_struct.title                        'Crystal structure of Ubc9 (K48A/K49A/E54A) complexed with Fragment 6' 
_struct.pdbx_model_details           ? 
_struct.pdbx_formula_weight          ? 
_struct.pdbx_formula_weight_method   ? 
_struct.pdbx_model_type_details      ? 
_struct.pdbx_CASP_flag               ? 
# 
_struct_keywords.entry_id        5F6D 
_struct_keywords.text            'Ubc9, Fragment drug design, sumoylation, LIGASE-LIGASE inhibitor complex' 
_struct_keywords.pdbx_keywords   'LIGASE/LIGASE inhibitor' 
# 
loop_
_struct_asym.id 
_struct_asym.pdbx_blank_PDB_chainid_flag 
_struct_asym.pdbx_modified 
_struct_asym.entity_id 
_struct_asym.details 
A N N 1 ? 
B N N 2 ? 
C N N 3 ? 
# 
loop_
_struct_conf.conf_type_id 
_struct_conf.id 
_struct_conf.pdbx_PDB_helix_id 
_struct_conf.beg_label_comp_id 
_struct_conf.beg_label_asym_id 
_struct_conf.beg_label_seq_id 
_struct_conf.pdbx_beg_PDB_ins_code 
_struct_conf.end_label_comp_id 
_struct_conf.end_label_asym_id 
_struct_conf.end_label_seq_id 
_struct_conf.pdbx_end_PDB_ins_code 
_struct_conf.beg_auth_comp_id 
_struct_conf.beg_auth_asym_id 
_struct_conf.beg_auth_seq_id 
_struct_conf.end_auth_comp_id 
_struct_conf.end_auth_asym_id 
_struct_conf.end_auth_seq_id 
_struct_conf.pdbx_PDB_helix_class 
_struct_conf.details 
_struct_conf.pdbx_PDB_helix_length 
HELX_P HELX_P1 AA1 SER A 1   ? ASP A 18  ? SER A 2   ASP A 19  1 ? 18 
HELX_P HELX_P2 AA2 LEU A 93  ? GLU A 97  ? LEU A 94  GLU A 98  5 ? 5  
HELX_P HELX_P3 AA3 THR A 107 ? GLU A 121 ? THR A 108 GLU A 122 1 ? 15 
HELX_P HELX_P4 AA4 GLN A 129 ? ASN A 139 ? GLN A 130 ASN A 140 1 ? 11 
HELX_P HELX_P5 AA5 ASN A 139 ? PHE A 154 ? ASN A 140 PHE A 155 1 ? 16 
# 
_struct_conf_type.id          HELX_P 
_struct_conf_type.criteria    ? 
_struct_conf_type.reference   ? 
# 
loop_
_struct_mon_prot_cis.pdbx_id 
_struct_mon_prot_cis.label_comp_id 
_struct_mon_prot_cis.label_seq_id 
_struct_mon_prot_cis.label_asym_id 
_struct_mon_prot_cis.label_alt_id 
_struct_mon_prot_cis.pdbx_PDB_ins_code 
_struct_mon_prot_cis.auth_comp_id 
_struct_mon_prot_cis.auth_seq_id 
_struct_mon_prot_cis.auth_asym_id 
_struct_mon_prot_cis.pdbx_label_comp_id_2 
_struct_mon_prot_cis.pdbx_label_seq_id_2 
_struct_mon_prot_cis.pdbx_label_asym_id_2 
_struct_mon_prot_cis.pdbx_PDB_ins_code_2 
_struct_mon_prot_cis.pdbx_auth_comp_id_2 
_struct_mon_prot_cis.pdbx_auth_seq_id_2 
_struct_mon_prot_cis.pdbx_auth_asym_id_2 
_struct_mon_prot_cis.pdbx_PDB_model_num 
_struct_mon_prot_cis.pdbx_omega_angle 
1 TYR 67 A . ? TYR 68 A PRO 68 A ? PRO 69 A 1 6.26 
2 GLU 77 A . ? GLU 78 A PRO 78 A ? PRO 79 A 1 3.92 
# 
_struct_sheet.id               AA1 
_struct_sheet.type             ? 
_struct_sheet.number_strands   4 
_struct_sheet.details          ? 
# 
loop_
_struct_sheet_order.sheet_id 
_struct_sheet_order.range_id_1 
_struct_sheet_order.range_id_2 
_struct_sheet_order.offset 
_struct_sheet_order.sense 
AA1 1 2 ? anti-parallel 
AA1 2 3 ? anti-parallel 
AA1 3 4 ? anti-parallel 
# 
loop_
_struct_sheet_range.sheet_id 
_struct_sheet_range.id 
_struct_sheet_range.beg_label_comp_id 
_struct_sheet_range.beg_label_asym_id 
_struct_sheet_range.beg_label_seq_id 
_struct_sheet_range.pdbx_beg_PDB_ins_code 
_struct_sheet_range.end_label_comp_id 
_struct_sheet_range.end_label_asym_id 
_struct_sheet_range.end_label_seq_id 
_struct_sheet_range.pdbx_end_PDB_ins_code 
_struct_sheet_range.beg_auth_comp_id 
_struct_sheet_range.beg_auth_asym_id 
_struct_sheet_range.beg_auth_seq_id 
_struct_sheet_range.end_auth_comp_id 
_struct_sheet_range.end_auth_asym_id 
_struct_sheet_range.end_auth_seq_id 
AA1 1 VAL A 24 ? LYS A 29 ? VAL A 25 LYS A 30 
AA1 2 MET A 35 ? PRO A 45 ? MET A 36 PRO A 46 
AA1 3 LEU A 56 ? LEU A 62 ? LEU A 57 LEU A 63 
AA1 4 LYS A 73 ? PHE A 76 ? LYS A 74 PHE A 77 
# 
loop_
_pdbx_struct_sheet_hbond.sheet_id 
_pdbx_struct_sheet_hbond.range_id_1 
_pdbx_struct_sheet_hbond.range_id_2 
_pdbx_struct_sheet_hbond.range_1_label_atom_id 
_pdbx_struct_sheet_hbond.range_1_label_comp_id 
_pdbx_struct_sheet_hbond.range_1_label_asym_id 
_pdbx_struct_sheet_hbond.range_1_label_seq_id 
_pdbx_struct_sheet_hbond.range_1_PDB_ins_code 
_pdbx_struct_sheet_hbond.range_1_auth_atom_id 
_pdbx_struct_sheet_hbond.range_1_auth_comp_id 
_pdbx_struct_sheet_hbond.range_1_auth_asym_id 
_pdbx_struct_sheet_hbond.range_1_auth_seq_id 
_pdbx_struct_sheet_hbond.range_2_label_atom_id 
_pdbx_struct_sheet_hbond.range_2_label_comp_id 
_pdbx_struct_sheet_hbond.range_2_label_asym_id 
_pdbx_struct_sheet_hbond.range_2_label_seq_id 
_pdbx_struct_sheet_hbond.range_2_PDB_ins_code 
_pdbx_struct_sheet_hbond.range_2_auth_atom_id 
_pdbx_struct_sheet_hbond.range_2_auth_comp_id 
_pdbx_struct_sheet_hbond.range_2_auth_asym_id 
_pdbx_struct_sheet_hbond.range_2_auth_seq_id 
AA1 1 2 N THR A 28 ? N THR A 29 O ASN A 36 ? O ASN A 37 
AA1 2 3 N CYS A 42 ? N CYS A 43 O LEU A 59 ? O LEU A 60 
AA1 3 4 N ARG A 60 ? N ARG A 61 O LYS A 75 ? O LYS A 76 
# 
_struct_site.id                   AC1 
_struct_site.pdbx_evidence_code   Software 
_struct_site.pdbx_auth_asym_id    A 
_struct_site.pdbx_auth_comp_id    5VJ 
_struct_site.pdbx_auth_seq_id     201 
_struct_site.pdbx_auth_ins_code   ? 
_struct_site.pdbx_num_residues    7 
_struct_site.details              'binding site for residue 5VJ A 201' 
# 
loop_
_struct_site_gen.id 
_struct_site_gen.site_id 
_struct_site_gen.pdbx_num_res 
_struct_site_gen.label_comp_id 
_struct_site_gen.label_asym_id 
_struct_site_gen.label_seq_id 
_struct_site_gen.pdbx_auth_ins_code 
_struct_site_gen.auth_comp_id 
_struct_site_gen.auth_asym_id 
_struct_site_gen.auth_seq_id 
_struct_site_gen.label_atom_id 
_struct_site_gen.label_alt_id 
_struct_site_gen.symmetry 
_struct_site_gen.details 
1 AC1 7 GLU A 41 ? GLU A 42 . ? 1_555 ? 
2 AC1 7 CYS A 42 ? CYS A 43 . ? 1_555 ? 
3 AC1 7 ALA A 43 ? ALA A 44 . ? 1_555 ? 
4 AC1 7 LYS A 58 ? LYS A 59 . ? 1_555 ? 
5 AC1 7 LEU A 59 ? LEU A 60 . ? 1_555 ? 
6 AC1 7 ARG A 60 ? ARG A 61 . ? 1_555 ? 
7 AC1 7 GLU A 77 ? GLU A 78 . ? 1_555 ? 
# 
_atom_sites.entry_id                    5F6D 
_atom_sites.fract_transf_matrix[1][1]   0.00776369 
_atom_sites.fract_transf_matrix[1][2]   -0.01209922 
_atom_sites.fract_transf_matrix[1][3]   0.01558626 
_atom_sites.fract_transf_matrix[2][1]   0.02092089 
_atom_sites.fract_transf_matrix[2][2]   0.01850409 
_atom_sites.fract_transf_matrix[2][3]   0.00394332 
_atom_sites.fract_transf_matrix[3][1]   -0.00718919 
_atom_sites.fract_transf_matrix[3][2]   0.00461847 
_atom_sites.fract_transf_matrix[3][3]   0.01646925 
_atom_sites.fract_transf_vector[1]      -0.149578 
_atom_sites.fract_transf_vector[2]      0.217211 
_atom_sites.fract_transf_vector[3]      -0.373827 
# 
loop_
_atom_type.symbol 
C 
N 
O 
S 
# 
loop_
_atom_site.group_PDB 
_atom_site.id 
_atom_site.type_symbol 
_atom_site.label_atom_id 
_atom_site.label_alt_id 
_atom_site.label_comp_id 
_atom_site.label_asym_id 
_atom_site.label_entity_id 
_atom_site.label_seq_id 
_atom_site.pdbx_PDB_ins_code 
_atom_site.Cartn_x 
_atom_site.Cartn_y 
_atom_site.Cartn_z 
_atom_site.occupancy 
_atom_site.B_iso_or_equiv 
_atom_site.pdbx_formal_charge 
_atom_site.auth_seq_id 
_atom_site.auth_comp_id 
_atom_site.auth_asym_id 
_atom_site.auth_atom_id 
_atom_site.pdbx_PDB_model_num 
ATOM   1    N N   . SER A 1 1   ? 9.616   -7.993  -19.186 1.00 44.22 ? 2   SER A N   1 
ATOM   2    C CA  . SER A 1 1   ? 9.138   -9.348  -18.913 1.00 38.86 ? 2   SER A CA  1 
ATOM   3    C C   . SER A 1 1   ? 7.730   -9.562  -19.444 1.00 30.46 ? 2   SER A C   1 
ATOM   4    O O   . SER A 1 1   ? 6.778   -8.960  -18.941 1.00 23.74 ? 2   SER A O   1 
ATOM   5    C CB  . SER A 1 1   ? 9.166   -9.636  -17.413 1.00 34.97 ? 2   SER A CB  1 
ATOM   6    O OG  . SER A 1 1   ? 8.428   -10.815 -17.099 1.00 28.83 ? 2   SER A OG  1 
ATOM   7    N N   . GLY A 1 2   ? 7.603   -10.429 -20.449 1.00 26.98 ? 3   GLY A N   1 
ATOM   8    C CA  . GLY A 1 2   ? 6.314   -10.728 -21.040 1.00 24.92 ? 3   GLY A CA  1 
ATOM   9    C C   . GLY A 1 2   ? 5.319   -11.261 -20.025 1.00 21.67 ? 3   GLY A C   1 
ATOM   10   O O   . GLY A 1 2   ? 4.135   -10.933 -20.066 1.00 20.45 ? 3   GLY A O   1 
ATOM   11   N N   . ILE A 1 3   ? 5.799   -12.103 -19.118 1.00 18.68 ? 4   ILE A N   1 
ATOM   12   C CA  . ILE A 1 3   ? 4.923   -12.677 -18.105 1.00 15.52 ? 4   ILE A CA  1 
ATOM   13   C C   . ILE A 1 3   ? 4.375   -11.579 -17.183 1.00 15.12 ? 4   ILE A C   1 
ATOM   14   O O   . ILE A 1 3   ? 3.176   -11.505 -16.945 1.00 16.58 ? 4   ILE A O   1 
ATOM   15   C CB  . ILE A 1 3   ? 5.658   -13.756 -17.291 1.00 15.01 ? 4   ILE A CB  1 
ATOM   16   C CG1 . ILE A 1 3   ? 5.987   -14.956 -18.202 1.00 16.59 ? 4   ILE A CG1 1 
ATOM   17   C CG2 . ILE A 1 3   ? 4.819   -14.202 -16.104 1.00 17.89 ? 4   ILE A CG2 1 
ATOM   18   C CD1 . ILE A 1 3   ? 6.856   -16.004 -17.539 1.00 18.94 ? 4   ILE A CD1 1 
ATOM   19   N N   . ALA A 1 4   ? 5.260   -10.713 -16.706 1.00 16.96 ? 5   ALA A N   1 
ATOM   20   C CA  . ALA A 1 4   ? 4.840   -9.646  -15.805 1.00 13.54 ? 5   ALA A CA  1 
ATOM   21   C C   . ALA A 1 4   ? 3.906   -8.685  -16.523 1.00 15.07 ? 5   ALA A C   1 
ATOM   22   O O   . ALA A 1 4   ? 2.845   -8.351  -16.006 1.00 15.15 ? 5   ALA A O   1 
ATOM   23   C CB  . ALA A 1 4   ? 6.045   -8.909  -15.255 1.00 17.38 ? 5   ALA A CB  1 
ATOM   24   N N   . LEU A 1 5   ? 4.290   -8.253  -17.721 1.00 19.10 ? 6   LEU A N   1 
ATOM   25   C CA  . LEU A 1 5   ? 3.490   -7.266  -18.445 1.00 18.83 ? 6   LEU A CA  1 
ATOM   26   C C   . LEU A 1 5   ? 2.110   -7.809  -18.821 1.00 20.92 ? 6   LEU A C   1 
ATOM   27   O O   . LEU A 1 5   ? 1.118   -7.074  -18.815 1.00 19.30 ? 6   LEU A O   1 
ATOM   28   C CB  . LEU A 1 5   ? 4.250   -6.780  -19.686 1.00 15.86 ? 6   LEU A CB  1 
ATOM   29   C CG  . LEU A 1 5   ? 5.470   -5.916  -19.362 1.00 23.21 ? 6   LEU A CG  1 
ATOM   30   C CD1 . LEU A 1 5   ? 6.300   -5.656  -20.614 1.00 23.21 ? 6   LEU A CD1 1 
ATOM   31   C CD2 . LEU A 1 5   ? 5.044   -4.602  -18.722 1.00 23.74 ? 6   LEU A CD2 1 
ATOM   32   N N   . SER A 1 6   ? 2.028   -9.102  -19.120 1.00 17.41 ? 7   SER A N   1 
ATOM   33   C CA  A SER A 1 6   ? 0.743   -9.722  -19.420 0.55 18.18 ? 7   SER A CA  1 
ATOM   34   C CA  B SER A 1 6   ? 0.742   -9.716  -19.421 0.45 18.19 ? 7   SER A CA  1 
ATOM   35   C C   . SER A 1 6   ? -0.177  -9.709  -18.204 1.00 16.04 ? 7   SER A C   1 
ATOM   36   O O   . SER A 1 6   ? -1.340  -9.335  -18.302 1.00 19.11 ? 7   SER A O   1 
ATOM   37   C CB  A SER A 1 6   ? 0.941   -11.159 -19.909 0.55 20.05 ? 7   SER A CB  1 
ATOM   38   C CB  B SER A 1 6   ? 0.931   -11.151 -19.917 0.45 20.08 ? 7   SER A CB  1 
ATOM   39   O OG  A SER A 1 6   ? 1.725   -11.184 -21.088 0.55 28.60 ? 7   SER A OG  1 
ATOM   40   O OG  B SER A 1 6   ? -0.318  -11.727 -20.249 0.45 24.26 ? 7   SER A OG  1 
ATOM   41   N N   . ARG A 1 7   ? 0.358   -10.122 -17.059 1.00 15.59 ? 8   ARG A N   1 
ATOM   42   C CA  . ARG A 1 7   ? -0.416  -10.115 -15.830 1.00 14.58 ? 8   ARG A CA  1 
ATOM   43   C C   . ARG A 1 7   ? -0.809  -8.692  -15.430 1.00 13.94 ? 8   ARG A C   1 
ATOM   44   O O   . ARG A 1 7   ? -1.931  -8.463  -15.010 1.00 15.05 ? 8   ARG A O   1 
ATOM   45   C CB  . ARG A 1 7   ? 0.367   -10.782 -14.699 1.00 13.15 ? 8   ARG A CB  1 
ATOM   46   C CG  . ARG A 1 7   ? -0.305  -10.651 -13.334 1.00 15.92 ? 8   ARG A CG  1 
ATOM   47   C CD  . ARG A 1 7   ? -1.666  -11.358 -13.225 1.00 16.61 ? 8   ARG A CD  1 
ATOM   48   N NE  . ARG A 1 7   ? -2.127  -11.191 -11.851 1.00 17.58 ? 8   ARG A NE  1 
ATOM   49   C CZ  . ARG A 1 7   ? -1.780  -11.989 -10.848 1.00 16.16 ? 8   ARG A CZ  1 
ATOM   50   N NH1 . ARG A 1 7   ? -1.018  -13.048 -11.072 1.00 16.37 ? 8   ARG A NH1 1 
ATOM   51   N NH2 . ARG A 1 7   ? -2.202  -11.714 -9.614  1.00 20.56 ? 8   ARG A NH2 1 
ATOM   52   N N   . LEU A 1 8   ? 0.112   -7.744  -15.584 1.00 14.53 ? 9   LEU A N   1 
ATOM   53   C CA  . LEU A 1 8   ? -0.176  -6.367  -15.157 1.00 12.21 ? 9   LEU A CA  1 
ATOM   54   C C   . LEU A 1 8   ? -1.234  -5.732  -16.046 1.00 14.98 ? 9   LEU A C   1 
ATOM   55   O O   . LEU A 1 8   ? -2.049  -4.941  -15.576 1.00 18.17 ? 9   LEU A O   1 
ATOM   56   C CB  . LEU A 1 8   ? 1.095   -5.520  -15.149 1.00 14.68 ? 9   LEU A CB  1 
ATOM   57   C CG  . LEU A 1 8   ? 2.009   -5.863  -13.970 1.00 13.82 ? 9   LEU A CG  1 
ATOM   58   C CD1 . LEU A 1 8   ? 3.451   -5.419  -14.212 1.00 17.40 ? 9   LEU A CD1 1 
ATOM   59   C CD2 . LEU A 1 8   ? 1.452   -5.294  -12.661 1.00 14.73 ? 9   LEU A CD2 1 
ATOM   60   N N   . ALA A 1 9   ? -1.231  -6.085  -17.329 1.00 17.14 ? 10  ALA A N   1 
ATOM   61   C CA  . ALA A 1 9   ? -2.311  -5.651  -18.211 1.00 18.71 ? 10  ALA A CA  1 
ATOM   62   C C   . ALA A 1 9   ? -3.658  -6.223  -17.748 1.00 17.33 ? 10  ALA A C   1 
ATOM   63   O O   . ALA A 1 9   ? -4.684  -5.531  -17.787 1.00 19.84 ? 10  ALA A O   1 
ATOM   64   C CB  . ALA A 1 9   ? -2.016  -6.054  -19.652 1.00 20.50 ? 10  ALA A CB  1 
ATOM   65   N N   A GLN A 1 10  ? -3.657  -7.474  -17.297 0.43 16.61 ? 11  GLN A N   1 
ATOM   66   N N   B GLN A 1 10  ? -3.651  -7.481  -17.306 0.57 16.58 ? 11  GLN A N   1 
ATOM   67   C CA  A GLN A 1 10  ? -4.876  -8.086  -16.774 0.43 17.53 ? 11  GLN A CA  1 
ATOM   68   C CA  B GLN A 1 10  ? -4.850  -8.117  -16.759 0.57 17.54 ? 11  GLN A CA  1 
ATOM   69   C C   A GLN A 1 10  ? -5.343  -7.414  -15.483 0.43 15.46 ? 11  GLN A C   1 
ATOM   70   C C   B GLN A 1 10  ? -5.335  -7.413  -15.493 0.57 15.41 ? 11  GLN A C   1 
ATOM   71   O O   A GLN A 1 10  ? -6.542  -7.207  -15.284 0.43 18.05 ? 11  GLN A O   1 
ATOM   72   O O   B GLN A 1 10  ? -6.531  -7.174  -15.322 0.57 18.05 ? 11  GLN A O   1 
ATOM   73   C CB  A GLN A 1 10  ? -4.665  -9.578  -16.532 0.43 19.56 ? 11  GLN A CB  1 
ATOM   74   C CB  B GLN A 1 10  ? -4.579  -9.596  -16.459 0.57 19.54 ? 11  GLN A CB  1 
ATOM   75   C CG  A GLN A 1 10  ? -4.507  -10.399 -17.798 0.43 18.13 ? 11  GLN A CG  1 
ATOM   76   C CG  B GLN A 1 10  ? -5.705  -10.321 -15.727 0.57 20.14 ? 11  GLN A CG  1 
ATOM   77   C CD  A GLN A 1 10  ? -4.325  -11.873 -17.501 0.43 28.97 ? 11  GLN A CD  1 
ATOM   78   C CD  B GLN A 1 10  ? -5.345  -11.760 -15.379 0.57 33.78 ? 11  GLN A CD  1 
ATOM   79   O OE1 A GLN A 1 10  ? -3.630  -12.242 -16.553 0.43 25.37 ? 11  GLN A OE1 1 
ATOM   80   O OE1 B GLN A 1 10  ? -5.359  -12.638 -16.243 0.57 35.17 ? 11  GLN A OE1 1 
ATOM   81   N NE2 A GLN A 1 10  ? -4.955  -12.723 -18.305 0.43 29.84 ? 11  GLN A NE2 1 
ATOM   82   N NE2 B GLN A 1 10  ? -5.013  -12.004 -14.112 0.57 24.72 ? 11  GLN A NE2 1 
ATOM   83   N N   . GLU A 1 11  ? -4.398  -7.083  -14.606 1.00 15.57 ? 12  GLU A N   1 
ATOM   84   C CA  . GLU A 1 11  ? -4.733  -6.383  -13.368 1.00 13.97 ? 12  GLU A CA  1 
ATOM   85   C C   . GLU A 1 11  ? -5.340  -5.031  -13.671 1.00 15.93 ? 12  GLU A C   1 
ATOM   86   O O   . GLU A 1 11  ? -6.276  -4.608  -13.010 1.00 17.17 ? 12  GLU A O   1 
ATOM   87   C CB  . GLU A 1 11  ? -3.493  -6.200  -12.486 1.00 15.71 ? 12  GLU A CB  1 
ATOM   88   C CG  . GLU A 1 11  ? -2.923  -7.494  -11.930 1.00 17.52 ? 12  GLU A CG  1 
ATOM   89   C CD  . GLU A 1 11  ? -3.714  -8.016  -10.749 1.00 20.84 ? 12  GLU A CD  1 
ATOM   90   O OE1 . GLU A 1 11  ? -4.362  -7.201  -10.059 1.00 18.81 ? 12  GLU A OE1 1 
ATOM   91   O OE2 . GLU A 1 11  ? -3.693  -9.237  -10.496 1.00 23.07 ? 12  GLU A OE2 1 
ATOM   92   N N   . ARG A 1 12  ? -4.785  -4.347  -14.668 1.00 16.85 ? 13  ARG A N   1 
ATOM   93   C CA  . ARG A 1 12  ? -5.263  -3.011  -15.013 1.00 16.71 ? 13  ARG A CA  1 
ATOM   94   C C   . ARG A 1 12  ? -6.695  -3.093  -15.531 1.00 18.32 ? 13  ARG A C   1 
ATOM   95   O O   . ARG A 1 12  ? -7.552  -2.291  -15.176 1.00 20.54 ? 13  ARG A O   1 
ATOM   96   C CB  . ARG A 1 12  ? -4.346  -2.366  -16.046 1.00 16.18 ? 13  ARG A CB  1 
ATOM   97   C CG  . ARG A 1 12  ? -4.732  -0.941  -16.407 1.00 22.16 ? 13  ARG A CG  1 
ATOM   98   C CD  . ARG A 1 12  ? -3.738  -0.372  -17.409 1.00 28.09 ? 13  ARG A CD  1 
ATOM   99   N NE  . ARG A 1 12  ? -4.090  0.978   -17.836 1.00 40.53 ? 13  ARG A NE  1 
ATOM   100  C CZ  . ARG A 1 12  ? -4.822  1.257   -18.908 1.00 43.72 ? 13  ARG A CZ  1 
ATOM   101  N NH1 . ARG A 1 12  ? -5.291  0.277   -19.670 1.00 50.67 ? 13  ARG A NH1 1 
ATOM   102  N NH2 . ARG A 1 12  ? -5.085  2.519   -19.217 1.00 61.44 ? 13  ARG A NH2 1 
ATOM   103  N N   . LYS A 1 13  ? -6.938  -4.083  -16.379 1.00 18.01 ? 14  LYS A N   1 
ATOM   104  C CA  . LYS A 1 13  ? -8.270  -4.319  -16.917 1.00 19.18 ? 14  LYS A CA  1 
ATOM   105  C C   . LYS A 1 13  ? -9.277  -4.586  -15.799 1.00 18.54 ? 14  LYS A C   1 
ATOM   106  O O   . LYS A 1 13  ? -10.357 -3.993  -15.769 1.00 21.93 ? 14  LYS A O   1 
ATOM   107  C CB  . LYS A 1 13  ? -8.223  -5.492  -17.909 1.00 19.76 ? 14  LYS A CB  1 
ATOM   108  C CG  . LYS A 1 13  ? -9.532  -5.746  -18.643 1.00 29.36 ? 14  LYS A CG  1 
ATOM   109  C CD  . LYS A 1 13  ? -9.339  -6.678  -19.837 1.00 36.67 ? 14  LYS A CD  1 
ATOM   110  C CE  . LYS A 1 13  ? -10.598 -6.739  -20.694 1.00 50.25 ? 14  LYS A CE  1 
ATOM   111  N NZ  . LYS A 1 13  ? -10.413 -7.587  -21.909 1.00 62.28 ? 14  LYS A NZ  1 
ATOM   112  N N   . ALA A 1 14  ? -8.906  -5.463  -14.868 1.00 16.67 ? 15  ALA A N   1 
ATOM   113  C CA  . ALA A 1 14  ? -9.775  -5.848  -13.769 1.00 20.58 ? 15  ALA A CA  1 
ATOM   114  C C   . ALA A 1 14  ? -10.058 -4.664  -12.849 1.00 20.06 ? 15  ALA A C   1 
ATOM   115  O O   . ALA A 1 14  ? -11.195 -4.436  -12.431 1.00 19.12 ? 15  ALA A O   1 
ATOM   116  C CB  . ALA A 1 14  ? -9.151  -6.993  -12.984 1.00 19.71 ? 15  ALA A CB  1 
ATOM   117  N N   . TRP A 1 15  ? -9.010  -3.906  -12.552 1.00 16.41 ? 16  TRP A N   1 
ATOM   118  C CA  . TRP A 1 15  ? -9.125  -2.753  -11.667 1.00 16.18 ? 16  TRP A CA  1 
ATOM   119  C C   . TRP A 1 15  ? -10.085 -1.713  -12.244 1.00 18.72 ? 16  TRP A C   1 
ATOM   120  O O   . TRP A 1 15  ? -10.956 -1.206  -11.544 1.00 21.36 ? 16  TRP A O   1 
ATOM   121  C CB  . TRP A 1 15  ? -7.753  -2.112  -11.423 1.00 15.98 ? 16  TRP A CB  1 
ATOM   122  C CG  . TRP A 1 15  ? -7.844  -0.864  -10.601 1.00 16.00 ? 16  TRP A CG  1 
ATOM   123  C CD1 . TRP A 1 15  ? -7.889  0.425   -11.053 1.00 16.44 ? 16  TRP A CD1 1 
ATOM   124  C CD2 . TRP A 1 15  ? -7.908  -0.793  -9.177  1.00 13.42 ? 16  TRP A CD2 1 
ATOM   125  N NE1 . TRP A 1 15  ? -7.975  1.297   -9.992  1.00 15.53 ? 16  TRP A NE1 1 
ATOM   126  C CE2 . TRP A 1 15  ? -7.996  0.573   -8.830  1.00 15.02 ? 16  TRP A CE2 1 
ATOM   127  C CE3 . TRP A 1 15  ? -7.906  -1.751  -8.158  1.00 14.85 ? 16  TRP A CE3 1 
ATOM   128  C CZ2 . TRP A 1 15  ? -8.073  1.003   -7.504  1.00 14.09 ? 16  TRP A CZ2 1 
ATOM   129  C CZ3 . TRP A 1 15  ? -7.980  -1.326  -6.846  1.00 16.22 ? 16  TRP A CZ3 1 
ATOM   130  C CH2 . TRP A 1 15  ? -8.066  0.042   -6.528  1.00 14.88 ? 16  TRP A CH2 1 
ATOM   131  N N   . ARG A 1 16  ? -9.913  -1.390  -13.523 1.00 19.21 ? 17  ARG A N   1 
ATOM   132  C CA  . ARG A 1 16  ? -10.726 -0.349  -14.144 1.00 22.75 ? 17  ARG A CA  1 
ATOM   133  C C   . ARG A 1 16  ? -12.191 -0.788  -14.197 1.00 23.18 ? 17  ARG A C   1 
ATOM   134  O O   . ARG A 1 16  ? -13.098 0.035   -14.041 1.00 27.20 ? 17  ARG A O   1 
ATOM   135  C CB  . ARG A 1 16  ? -10.190 -0.004  -15.538 1.00 24.44 ? 17  ARG A CB  1 
ATOM   136  C CG  . ARG A 1 16  ? -8.826  0.715   -15.517 1.00 20.82 ? 17  ARG A CG  1 
ATOM   137  C CD  . ARG A 1 16  ? -8.249  0.900   -16.919 1.00 23.63 ? 17  ARG A CD  1 
ATOM   138  N NE  . ARG A 1 16  ? -9.106  1.737   -17.756 1.00 31.79 ? 17  ARG A NE  1 
ATOM   139  C CZ  . ARG A 1 16  ? -9.036  3.064   -17.809 1.00 45.40 ? 17  ARG A CZ  1 
ATOM   140  N NH1 . ARG A 1 16  ? -8.147  3.718   -17.074 1.00 37.40 ? 17  ARG A NH1 1 
ATOM   141  N NH2 . ARG A 1 16  ? -9.859  3.739   -18.598 1.00 49.80 ? 17  ARG A NH2 1 
ATOM   142  N N   . LYS A 1 17  ? -12.420 -2.086  -14.369 1.00 24.00 ? 18  LYS A N   1 
ATOM   143  C CA  . LYS A 1 17  ? -13.781 -2.620  -14.403 1.00 25.60 ? 18  LYS A CA  1 
ATOM   144  C C   . LYS A 1 17  ? -14.484 -2.551  -13.039 1.00 29.36 ? 18  LYS A C   1 
ATOM   145  O O   . LYS A 1 17  ? -15.677 -2.263  -12.966 1.00 26.32 ? 18  LYS A O   1 
ATOM   146  C CB  . LYS A 1 17  ? -13.766 -4.068  -14.919 1.00 24.16 ? 18  LYS A CB  1 
ATOM   147  C CG  . LYS A 1 17  ? -15.031 -4.860  -14.610 1.00 42.37 ? 18  LYS A CG  1 
ATOM   148  C CD  . LYS A 1 17  ? -15.098 -6.142  -15.421 1.00 40.57 ? 18  LYS A CD  1 
ATOM   149  C CE  . LYS A 1 17  ? -15.258 -5.843  -16.905 1.00 57.88 ? 18  LYS A CE  1 
ATOM   150  N NZ  . LYS A 1 17  ? -15.569 -7.070  -17.697 1.00 76.40 ? 18  LYS A NZ  1 
ATOM   151  N N   . ASP A 1 18  ? -13.741 -2.810  -11.964 1.00 23.61 ? 19  ASP A N   1 
ATOM   152  C CA  . ASP A 1 18  ? -14.320 -2.924  -10.630 1.00 26.94 ? 19  ASP A CA  1 
ATOM   153  C C   . ASP A 1 18  ? -13.270 -2.697  -9.555  1.00 30.03 ? 19  ASP A C   1 
ATOM   154  O O   . ASP A 1 18  ? -12.364 -3.508  -9.399  1.00 24.99 ? 19  ASP A O   1 
ATOM   155  C CB  . ASP A 1 18  ? -14.956 -4.303  -10.439 1.00 31.06 ? 19  ASP A CB  1 
ATOM   156  C CG  . ASP A 1 18  ? -15.549 -4.487  -9.051  1.00 46.05 ? 19  ASP A CG  1 
ATOM   157  O OD1 . ASP A 1 18  ? -16.311 -3.605  -8.608  1.00 53.12 ? 19  ASP A OD1 1 
ATOM   158  O OD2 . ASP A 1 18  ? -15.250 -5.512  -8.400  1.00 54.63 ? 19  ASP A OD2 1 
ATOM   159  N N   . HIS A 1 19  ? -13.388 -1.599  -8.813  1.00 20.91 ? 20  HIS A N   1 
ATOM   160  C CA  . HIS A 1 19  ? -12.450 -1.335  -7.734  1.00 24.07 ? 20  HIS A CA  1 
ATOM   161  C C   . HIS A 1 19  ? -13.175 -0.644  -6.587  1.00 23.15 ? 20  HIS A C   1 
ATOM   162  O O   . HIS A 1 19  ? -14.241 -0.043  -6.797  1.00 20.80 ? 20  HIS A O   1 
ATOM   163  C CB  . HIS A 1 19  ? -11.272 -0.492  -8.239  1.00 22.80 ? 20  HIS A CB  1 
ATOM   164  C CG  . HIS A 1 19  ? -11.665 0.844   -8.776  1.00 21.11 ? 20  HIS A CG  1 
ATOM   165  N ND1 . HIS A 1 19  ? -11.845 1.081   -10.121 1.00 28.72 ? 20  HIS A ND1 1 
ATOM   166  C CD2 . HIS A 1 19  ? -11.895 2.024   -8.152  1.00 24.95 ? 20  HIS A CD2 1 
ATOM   167  C CE1 . HIS A 1 19  ? -12.181 2.346   -10.301 1.00 36.03 ? 20  HIS A CE1 1 
ATOM   168  N NE2 . HIS A 1 19  ? -12.212 2.941   -9.123  1.00 29.67 ? 20  HIS A NE2 1 
ATOM   169  N N   . PRO A 1 20  ? -12.628 -0.749  -5.362  1.00 17.90 ? 21  PRO A N   1 
ATOM   170  C CA  . PRO A 1 20  ? -13.259 -0.098  -4.214  1.00 19.68 ? 21  PRO A CA  1 
ATOM   171  C C   . PRO A 1 20  ? -13.279 1.423   -4.333  1.00 20.62 ? 21  PRO A C   1 
ATOM   172  O O   . PRO A 1 20  ? -12.332 2.053   -4.798  1.00 18.20 ? 21  PRO A O   1 
ATOM   173  C CB  . PRO A 1 20  ? -12.393 -0.545  -3.028  1.00 19.05 ? 21  PRO A CB  1 
ATOM   174  C CG  . PRO A 1 20  ? -11.070 -0.891  -3.638  1.00 20.19 ? 21  PRO A CG  1 
ATOM   175  C CD  . PRO A 1 20  ? -11.391 -1.460  -4.984  1.00 21.08 ? 21  PRO A CD  1 
ATOM   176  N N   . PHE A 1 21  ? -14.384 2.007   -3.900  1.00 17.97 ? 22  PHE A N   1 
ATOM   177  C CA  . PHE A 1 21  ? -14.595 3.431   -4.058  1.00 16.18 ? 22  PHE A CA  1 
ATOM   178  C C   . PHE A 1 21  ? -13.550 4.257   -3.309  1.00 18.46 ? 22  PHE A C   1 
ATOM   179  O O   . PHE A 1 21  ? -13.199 3.950   -2.165  1.00 18.72 ? 22  PHE A O   1 
ATOM   180  C CB  . PHE A 1 21  ? -16.006 3.802   -3.574  1.00 19.68 ? 22  PHE A CB  1 
ATOM   181  C CG  . PHE A 1 21  ? -16.332 5.247   -3.765  1.00 21.84 ? 22  PHE A CG  1 
ATOM   182  C CD1 . PHE A 1 21  ? -16.609 5.736   -5.034  1.00 20.64 ? 22  PHE A CD1 1 
ATOM   183  C CD2 . PHE A 1 21  ? -16.343 6.120   -2.688  1.00 19.82 ? 22  PHE A CD2 1 
ATOM   184  C CE1 . PHE A 1 21  ? -16.902 7.071   -5.224  1.00 26.06 ? 22  PHE A CE1 1 
ATOM   185  C CE2 . PHE A 1 21  ? -16.630 7.458   -2.873  1.00 25.70 ? 22  PHE A CE2 1 
ATOM   186  C CZ  . PHE A 1 21  ? -16.912 7.934   -4.142  1.00 26.59 ? 22  PHE A CZ  1 
ATOM   187  N N   . GLY A 1 22  ? -13.056 5.302   -3.963  1.00 17.19 ? 23  GLY A N   1 
ATOM   188  C CA  . GLY A 1 22  ? -12.114 6.210   -3.332  1.00 18.12 ? 23  GLY A CA  1 
ATOM   189  C C   . GLY A 1 22  ? -10.662 5.797   -3.502  1.00 17.86 ? 23  GLY A C   1 
ATOM   190  O O   . GLY A 1 22  ? -9.762  6.580   -3.208  1.00 18.83 ? 23  GLY A O   1 
ATOM   191  N N   . PHE A 1 23  ? -10.433 4.568   -3.955  1.00 15.22 ? 24  PHE A N   1 
ATOM   192  C CA  . PHE A 1 23  ? -9.070  4.110   -4.244  1.00 15.60 ? 24  PHE A CA  1 
ATOM   193  C C   . PHE A 1 23  ? -8.649  4.542   -5.645  1.00 15.93 ? 24  PHE A C   1 
ATOM   194  O O   . PHE A 1 23  ? -9.481  4.655   -6.546  1.00 18.31 ? 24  PHE A O   1 
ATOM   195  C CB  . PHE A 1 23  ? -8.946  2.583   -4.153  1.00 15.04 ? 24  PHE A CB  1 
ATOM   196  C CG  . PHE A 1 23  ? -8.987  2.023   -2.751  1.00 14.28 ? 24  PHE A CG  1 
ATOM   197  C CD1 . PHE A 1 23  ? -10.170 2.010   -2.009  1.00 12.70 ? 24  PHE A CD1 1 
ATOM   198  C CD2 . PHE A 1 23  ? -7.858  1.431   -2.201  1.00 15.00 ? 24  PHE A CD2 1 
ATOM   199  C CE1 . PHE A 1 23  ? -10.202 1.445   -0.747  1.00 15.22 ? 24  PHE A CE1 1 
ATOM   200  C CE2 . PHE A 1 23  ? -7.887  0.865   -0.940  1.00 14.60 ? 24  PHE A CE2 1 
ATOM   201  C CZ  . PHE A 1 23  ? -9.062  0.876   -0.203  1.00 16.25 ? 24  PHE A CZ  1 
ATOM   202  N N   . VAL A 1 24  ? -7.351  4.751   -5.823  1.00 15.22 ? 25  VAL A N   1 
ATOM   203  C CA  . VAL A 1 24  ? -6.767  5.036   -7.135  1.00 14.84 ? 25  VAL A CA  1 
ATOM   204  C C   . VAL A 1 24  ? -5.631  4.045   -7.394  1.00 13.76 ? 25  VAL A C   1 
ATOM   205  O O   . VAL A 1 24  ? -4.886  3.698   -6.475  1.00 15.66 ? 25  VAL A O   1 
ATOM   206  C CB  . VAL A 1 24  ? -6.236  6.488   -7.212  1.00 16.46 ? 25  VAL A CB  1 
ATOM   207  C CG1 . VAL A 1 24  ? -5.581  6.769   -8.559  1.00 19.31 ? 25  VAL A CG1 1 
ATOM   208  C CG2 . VAL A 1 24  ? -7.373  7.473   -6.947  1.00 19.45 ? 25  VAL A CG2 1 
ATOM   209  N N   . ALA A 1 25  ? -5.515  3.557   -8.625  1.00 12.90 ? 26  ALA A N   1 
ATOM   210  C CA  . ALA A 1 25  ? -4.356  2.747   -9.011  1.00 15.03 ? 26  ALA A CA  1 
ATOM   211  C C   . ALA A 1 25  ? -4.122  2.916   -10.503 1.00 15.83 ? 26  ALA A C   1 
ATOM   212  O O   . ALA A 1 25  ? -4.910  2.424   -11.306 1.00 17.23 ? 26  ALA A O   1 
ATOM   213  C CB  . ALA A 1 25  ? -4.571  1.281   -8.665  1.00 11.82 ? 26  ALA A CB  1 
ATOM   214  N N   . VAL A 1 26  ? -3.054  3.621   -10.869 1.00 14.85 ? 27  VAL A N   1 
ATOM   215  C CA  A VAL A 1 26  ? -2.789  3.970   -12.262 0.55 16.47 ? 27  VAL A CA  1 
ATOM   216  C CA  B VAL A 1 26  ? -2.792  3.905   -12.272 0.45 16.48 ? 27  VAL A CA  1 
ATOM   217  C C   . VAL A 1 26  ? -1.321  3.734   -12.600 1.00 16.88 ? 27  VAL A C   1 
ATOM   218  O O   . VAL A 1 26  ? -0.439  4.122   -11.832 1.00 18.13 ? 27  VAL A O   1 
ATOM   219  C CB  A VAL A 1 26  ? -3.142  5.456   -12.554 0.55 17.81 ? 27  VAL A CB  1 
ATOM   220  C CB  B VAL A 1 26  ? -3.233  5.336   -12.674 0.45 18.08 ? 27  VAL A CB  1 
ATOM   221  C CG1 A VAL A 1 26  ? -2.907  5.792   -14.022 0.55 17.41 ? 27  VAL A CG1 1 
ATOM   222  C CG1 B VAL A 1 26  ? -4.750  5.465   -12.636 0.45 20.24 ? 27  VAL A CG1 1 
ATOM   223  C CG2 A VAL A 1 26  ? -4.579  5.765   -12.162 0.55 20.44 ? 27  VAL A CG2 1 
ATOM   224  C CG2 B VAL A 1 26  ? -2.563  6.382   -11.797 0.45 13.50 ? 27  VAL A CG2 1 
ATOM   225  N N   A PRO A 1 27  ? -1.048  3.089   -13.742 0.28 13.62 ? 28  PRO A N   1 
ATOM   226  N N   B PRO A 1 27  ? -1.046  3.129   -13.758 0.72 13.43 ? 28  PRO A N   1 
ATOM   227  C CA  A PRO A 1 27  ? 0.340   2.964   -14.198 0.28 14.63 ? 28  PRO A CA  1 
ATOM   228  C CA  B PRO A 1 27  ? 0.334   3.004   -14.208 0.72 14.53 ? 28  PRO A CA  1 
ATOM   229  C C   A PRO A 1 27  ? 0.932   4.318   -14.584 0.28 15.78 ? 28  PRO A C   1 
ATOM   230  C C   B PRO A 1 27  ? 0.929   4.376   -14.455 0.72 15.81 ? 28  PRO A C   1 
ATOM   231  O O   A PRO A 1 27  ? 0.190   5.221   -14.970 0.28 18.82 ? 28  PRO A O   1 
ATOM   232  O O   B PRO A 1 27  ? 0.192   5.354   -14.609 0.72 20.06 ? 28  PRO A O   1 
ATOM   233  C CB  A PRO A 1 27  ? 0.226   2.046   -15.422 0.28 16.33 ? 28  PRO A CB  1 
ATOM   234  C CB  B PRO A 1 27  ? 0.218   2.214   -15.520 0.72 16.25 ? 28  PRO A CB  1 
ATOM   235  C CG  A PRO A 1 27  ? -1.056  1.306   -15.228 0.28 21.53 ? 28  PRO A CG  1 
ATOM   236  C CG  B PRO A 1 27  ? -1.126  1.586   -15.488 0.72 22.38 ? 28  PRO A CG  1 
ATOM   237  C CD  A PRO A 1 27  ? -1.974  2.274   -14.545 0.28 16.98 ? 28  PRO A CD  1 
ATOM   238  C CD  B PRO A 1 27  ? -2.002  2.492   -14.678 0.72 17.08 ? 28  PRO A CD  1 
ATOM   239  N N   . THR A 1 28  ? 2.251   4.452   -14.474 1.00 15.47 ? 29  THR A N   1 
ATOM   240  C CA  . THR A 1 28  ? 2.929   5.700   -14.794 1.00 16.50 ? 29  THR A CA  1 
ATOM   241  C C   . THR A 1 28  ? 3.401   5.670   -16.242 1.00 15.21 ? 29  THR A C   1 
ATOM   242  O O   . THR A 1 28  ? 2.977   4.822   -17.017 1.00 17.50 ? 29  THR A O   1 
ATOM   243  C CB  . THR A 1 28  ? 4.108   5.935   -13.856 1.00 17.52 ? 29  THR A CB  1 
ATOM   244  O OG1 . THR A 1 28  ? 5.010   4.824   -13.932 1.00 18.65 ? 29  THR A OG1 1 
ATOM   245  C CG2 . THR A 1 28  ? 3.608   6.063   -12.417 1.00 17.64 ? 29  THR A CG2 1 
ATOM   246  N N   . LYS A 1 29  ? 4.274   6.606   -16.599 1.00 16.03 ? 30  LYS A N   1 
ATOM   247  C CA  . LYS A 1 29  ? 4.792   6.693   -17.951 1.00 19.12 ? 30  LYS A CA  1 
ATOM   248  C C   . LYS A 1 29  ? 6.304   6.616   -17.970 1.00 18.51 ? 30  LYS A C   1 
ATOM   249  O O   . LYS A 1 29  ? 6.983   7.051   -17.040 1.00 19.57 ? 30  LYS A O   1 
ATOM   250  C CB  . LYS A 1 29  ? 4.321   7.983   -18.622 1.00 17.22 ? 30  LYS A CB  1 
ATOM   251  C CG  . LYS A 1 29  ? 2.818   7.985   -18.898 1.00 22.10 ? 30  LYS A CG  1 
ATOM   252  C CD  . LYS A 1 29  ? 2.373   9.247   -19.627 1.00 23.46 ? 30  LYS A CD  1 
ATOM   253  C CE  . LYS A 1 29  ? 0.879   9.217   -19.884 1.00 25.60 ? 30  LYS A CE  1 
ATOM   254  N NZ  . LYS A 1 29  ? 0.442   10.433  -20.628 1.00 31.21 ? 30  LYS A NZ  1 
ATOM   255  N N   . ASN A 1 30  ? 6.816   6.040   -19.051 1.00 19.26 ? 31  ASN A N   1 
ATOM   256  C CA  . ASN A 1 30  ? 8.233   6.025   -19.336 1.00 19.61 ? 31  ASN A CA  1 
ATOM   257  C C   . ASN A 1 30  ? 8.681   7.389   -19.852 1.00 27.43 ? 31  ASN A C   1 
ATOM   258  O O   . ASN A 1 30  ? 7.844   8.206   -20.219 1.00 25.22 ? 31  ASN A O   1 
ATOM   259  C CB  . ASN A 1 30  ? 8.527   4.930   -20.354 1.00 19.27 ? 31  ASN A CB  1 
ATOM   260  C CG  . ASN A 1 30  ? 8.326   3.544   -19.781 1.00 21.63 ? 31  ASN A CG  1 
ATOM   261  O OD1 . ASN A 1 30  ? 8.883   3.215   -18.731 1.00 22.25 ? 31  ASN A OD1 1 
ATOM   262  N ND2 . ASN A 1 30  ? 7.517   2.733   -20.451 1.00 25.50 ? 31  ASN A ND2 1 
ATOM   263  N N   . PRO A 1 31  ? 10.002  7.647   -19.882 1.00 26.31 ? 32  PRO A N   1 
ATOM   264  C CA  . PRO A 1 31  ? 10.460  8.949   -20.384 1.00 26.80 ? 32  PRO A CA  1 
ATOM   265  C C   . PRO A 1 31  ? 10.028  9.258   -21.820 1.00 28.19 ? 32  PRO A C   1 
ATOM   266  O O   . PRO A 1 31  ? 9.983   10.436  -22.177 1.00 30.23 ? 32  PRO A O   1 
ATOM   267  C CB  . PRO A 1 31  ? 11.985  8.834   -20.291 1.00 35.17 ? 32  PRO A CB  1 
ATOM   268  C CG  . PRO A 1 31  ? 12.207  7.892   -19.172 1.00 34.87 ? 32  PRO A CG  1 
ATOM   269  C CD  . PRO A 1 31  ? 11.112  6.871   -19.298 1.00 27.36 ? 32  PRO A CD  1 
ATOM   270  N N   . ASP A 1 32  ? 9.714   8.241   -22.619 1.00 30.38 ? 33  ASP A N   1 
ATOM   271  C CA  . ASP A 1 32  ? 9.250   8.479   -23.984 1.00 28.85 ? 33  ASP A CA  1 
ATOM   272  C C   . ASP A 1 32  ? 7.731   8.598   -24.078 1.00 31.22 ? 33  ASP A C   1 
ATOM   273  O O   . ASP A 1 32  ? 7.180   8.688   -25.173 1.00 33.12 ? 33  ASP A O   1 
ATOM   274  C CB  . ASP A 1 32  ? 9.746   7.377   -24.930 1.00 33.01 ? 33  ASP A CB  1 
ATOM   275  C CG  . ASP A 1 32  ? 9.223   5.997   -24.564 1.00 44.22 ? 33  ASP A CG  1 
ATOM   276  O OD1 . ASP A 1 32  ? 8.397   5.877   -23.635 1.00 30.68 ? 33  ASP A OD1 1 
ATOM   277  O OD2 . ASP A 1 32  ? 9.630   5.022   -25.227 1.00 37.11 ? 33  ASP A OD2 1 
ATOM   278  N N   . GLY A 1 33  ? 7.058   8.596   -22.930 1.00 21.23 ? 34  GLY A N   1 
ATOM   279  C CA  . GLY A 1 33  ? 5.616   8.776   -22.891 1.00 23.25 ? 34  GLY A CA  1 
ATOM   280  C C   . GLY A 1 33  ? 4.765   7.511   -22.941 1.00 21.31 ? 34  GLY A C   1 
ATOM   281  O O   . GLY A 1 33  ? 3.538   7.577   -22.778 1.00 25.71 ? 34  GLY A O   1 
ATOM   282  N N   . THR A 1 34  ? 5.393   6.360   -23.161 1.00 25.13 ? 35  THR A N   1 
ATOM   283  C CA  . THR A 1 34  ? 4.638   5.115   -23.190 1.00 24.09 ? 35  THR A CA  1 
ATOM   284  C C   . THR A 1 34  ? 4.262   4.692   -21.772 1.00 22.52 ? 35  THR A C   1 
ATOM   285  O O   . THR A 1 34  ? 4.822   5.190   -20.795 1.00 21.24 ? 35  THR A O   1 
ATOM   286  C CB  . THR A 1 34  ? 5.426   3.974   -23.883 1.00 19.45 ? 35  THR A CB  1 
ATOM   287  O OG1 . THR A 1 34  ? 6.697   3.811   -23.248 1.00 25.01 ? 35  THR A OG1 1 
ATOM   288  C CG2 . THR A 1 34  ? 5.639   4.305   -25.358 1.00 27.47 ? 35  THR A CG2 1 
ATOM   289  N N   . MET A 1 35  ? 3.305   3.778   -21.666 1.00 24.47 ? 36  MET A N   1 
ATOM   290  C CA  . MET A 1 35  ? 2.828   3.328   -20.361 1.00 21.75 ? 36  MET A CA  1 
ATOM   291  C C   . MET A 1 35  ? 3.864   2.447   -19.690 1.00 23.40 ? 36  MET A C   1 
ATOM   292  O O   . MET A 1 35  ? 4.453   1.566   -20.328 1.00 24.81 ? 36  MET A O   1 
ATOM   293  C CB  . MET A 1 35  ? 1.511   2.572   -20.499 1.00 25.91 ? 36  MET A CB  1 
ATOM   294  C CG  . MET A 1 35  ? 1.005   1.955   -19.196 1.00 21.36 ? 36  MET A CG  1 
ATOM   295  S SD  . MET A 1 35  ? -0.618  1.207   -19.402 1.00 28.84 ? 36  MET A SD  1 
ATOM   296  C CE  . MET A 1 35  ? -1.647  2.663   -19.570 1.00 39.12 ? 36  MET A CE  1 
ATOM   297  N N   . ASN A 1 36  ? 4.094   2.697   -18.405 1.00 18.16 ? 37  ASN A N   1 
ATOM   298  C CA  . ASN A 1 36  ? 4.995   1.879   -17.617 1.00 15.44 ? 37  ASN A CA  1 
ATOM   299  C C   . ASN A 1 36  ? 4.180   1.068   -16.615 1.00 17.50 ? 37  ASN A C   1 
ATOM   300  O O   . ASN A 1 36  ? 3.812   1.560   -15.548 1.00 16.71 ? 37  ASN A O   1 
ATOM   301  C CB  . ASN A 1 36  ? 6.054   2.746   -16.915 1.00 15.31 ? 37  ASN A CB  1 
ATOM   302  C CG  . ASN A 1 36  ? 7.046   1.926   -16.112 1.00 16.03 ? 37  ASN A CG  1 
ATOM   303  O OD1 . ASN A 1 36  ? 7.025   0.694   -16.147 1.00 21.74 ? 37  ASN A OD1 1 
ATOM   304  N ND2 . ASN A 1 36  ? 7.918   2.605   -15.373 1.00 21.37 ? 37  ASN A ND2 1 
ATOM   305  N N   . LEU A 1 37  ? 3.895   -0.183  -16.968 1.00 17.17 ? 38  LEU A N   1 
ATOM   306  C CA  . LEU A 1 37  ? 3.095   -1.039  -16.098 1.00 15.93 ? 38  LEU A CA  1 
ATOM   307  C C   . LEU A 1 37  ? 3.866   -1.528  -14.869 1.00 14.79 ? 38  LEU A C   1 
ATOM   308  O O   . LEU A 1 37  ? 3.273   -2.139  -13.986 1.00 16.20 ? 38  LEU A O   1 
ATOM   309  C CB  . LEU A 1 37  ? 2.561   -2.247  -16.888 1.00 15.95 ? 38  LEU A CB  1 
ATOM   310  C CG  . LEU A 1 37  ? 1.398   -1.975  -17.846 1.00 17.64 ? 38  LEU A CG  1 
ATOM   311  C CD1 . LEU A 1 37  ? 1.188   -3.168  -18.786 1.00 18.53 ? 38  LEU A CD1 1 
ATOM   312  C CD2 . LEU A 1 37  ? 0.118   -1.683  -17.083 1.00 20.10 ? 38  LEU A CD2 1 
ATOM   313  N N   . MET A 1 38  ? 5.163   -1.260  -14.800 1.00 16.89 ? 39  MET A N   1 
ATOM   314  C CA  . MET A 1 38  ? 5.977   -1.749  -13.688 1.00 15.94 ? 39  MET A CA  1 
ATOM   315  C C   . MET A 1 38  ? 5.975   -0.794  -12.486 1.00 15.07 ? 39  MET A C   1 
ATOM   316  O O   . MET A 1 38  ? 6.548   -1.098  -11.442 1.00 15.26 ? 39  MET A O   1 
ATOM   317  C CB  . MET A 1 38  ? 7.428   -1.985  -14.131 1.00 18.60 ? 39  MET A CB  1 
ATOM   318  C CG  . MET A 1 38  ? 7.575   -2.854  -15.370 1.00 19.17 ? 39  MET A CG  1 
ATOM   319  S SD  . MET A 1 38  ? 6.770   -4.457  -15.210 1.00 19.94 ? 39  MET A SD  1 
ATOM   320  C CE  . MET A 1 38  ? 7.870   -5.287  -14.081 1.00 16.99 ? 39  MET A CE  1 
ATOM   321  N N   . ASN A 1 39  ? 5.356   0.371   -12.654 1.00 14.89 ? 40  ASN A N   1 
ATOM   322  C CA  . ASN A 1 39  ? 5.414   1.422   -11.642 1.00 16.18 ? 40  ASN A CA  1 
ATOM   323  C C   . ASN A 1 39  ? 4.064   2.126   -11.581 1.00 16.33 ? 40  ASN A C   1 
ATOM   324  O O   . ASN A 1 39  ? 3.677   2.806   -12.517 1.00 16.73 ? 40  ASN A O   1 
ATOM   325  C CB  . ASN A 1 39  ? 6.550   2.409   -11.979 1.00 14.57 ? 40  ASN A CB  1 
ATOM   326  C CG  . ASN A 1 39  ? 6.700   3.542   -10.967 1.00 19.69 ? 40  ASN A CG  1 
ATOM   327  O OD1 . ASN A 1 39  ? 5.763   3.904   -10.238 1.00 18.47 ? 40  ASN A OD1 1 
ATOM   328  N ND2 . ASN A 1 39  ? 7.894   4.134   -10.944 1.00 22.58 ? 40  ASN A ND2 1 
ATOM   329  N N   . TRP A 1 40  ? 3.331   1.920   -10.491 1.00 13.56 ? 41  TRP A N   1 
ATOM   330  C CA  . TRP A 1 40  ? 1.980   2.448   -10.377 1.00 13.70 ? 41  TRP A CA  1 
ATOM   331  C C   . TRP A 1 40  ? 1.883   3.477   -9.264  1.00 12.38 ? 41  TRP A C   1 
ATOM   332  O O   . TRP A 1 40  ? 2.501   3.320   -8.209  1.00 14.98 ? 41  TRP A O   1 
ATOM   333  C CB  . TRP A 1 40  ? 0.959   1.339   -10.088 1.00 13.39 ? 41  TRP A CB  1 
ATOM   334  C CG  . TRP A 1 40  ? 0.704   0.338   -11.179 1.00 12.97 ? 41  TRP A CG  1 
ATOM   335  C CD1 . TRP A 1 40  ? 1.627   -0.329  -11.916 1.00 12.84 ? 41  TRP A CD1 1 
ATOM   336  C CD2 . TRP A 1 40  ? -0.575  -0.152  -11.593 1.00 12.02 ? 41  TRP A CD2 1 
ATOM   337  N NE1 . TRP A 1 40  ? 1.004   -1.192  -12.793 1.00 14.64 ? 41  TRP A NE1 1 
ATOM   338  C CE2 . TRP A 1 40  ? -0.350  -1.103  -12.607 1.00 13.77 ? 41  TRP A CE2 1 
ATOM   339  C CE3 . TRP A 1 40  ? -1.891  0.135   -11.214 1.00 17.43 ? 41  TRP A CE3 1 
ATOM   340  C CZ2 . TRP A 1 40  ? -1.397  -1.775  -13.244 1.00 16.24 ? 41  TRP A CZ2 1 
ATOM   341  C CZ3 . TRP A 1 40  ? -2.927  -0.530  -11.847 1.00 17.65 ? 41  TRP A CZ3 1 
ATOM   342  C CH2 . TRP A 1 40  ? -2.676  -1.475  -12.850 1.00 18.77 ? 41  TRP A CH2 1 
ATOM   343  N N   . GLU A 1 41  ? 1.074   4.504   -9.500  1.00 11.98 ? 42  GLU A N   1 
ATOM   344  C CA  . GLU A 1 41  ? 0.757   5.489   -8.473  1.00 10.47 ? 42  GLU A CA  1 
ATOM   345  C C   . GLU A 1 41  ? -0.642  5.209   -7.948  1.00 14.56 ? 42  GLU A C   1 
ATOM   346  O O   . GLU A 1 41  ? -1.594  5.121   -8.717  1.00 15.12 ? 42  GLU A O   1 
ATOM   347  C CB  . GLU A 1 41  ? 0.888   6.901   -9.045  1.00 14.78 ? 42  GLU A CB  1 
ATOM   348  C CG  . GLU A 1 41  ? 2.352   7.322   -9.137  1.00 17.88 ? 42  GLU A CG  1 
ATOM   349  C CD  . GLU A 1 41  ? 2.623   8.500   -10.058 1.00 29.20 ? 42  GLU A CD  1 
ATOM   350  O OE1 . GLU A 1 41  ? 1.701   8.969   -10.749 1.00 26.48 ? 42  GLU A OE1 1 
ATOM   351  O OE2 . GLU A 1 41  ? 3.793   8.941   -10.102 1.00 30.62 ? 42  GLU A OE2 1 
ATOM   352  N N   . CYS A 1 42  ? -0.746  5.037   -6.636  1.00 12.60 ? 43  CYS A N   1 
ATOM   353  C CA  . CYS A 1 42  ? -1.979  4.581   -6.009  1.00 13.63 ? 43  CYS A CA  1 
ATOM   354  C C   . CYS A 1 42  ? -2.376  5.506   -4.885  1.00 14.70 ? 43  CYS A C   1 
ATOM   355  O O   . CYS A 1 42  ? -1.570  6.279   -4.381  1.00 13.34 ? 43  CYS A O   1 
ATOM   356  C CB  . CYS A 1 42  ? -1.815  3.161   -5.455  1.00 13.02 ? 43  CYS A CB  1 
ATOM   357  S SG  . CYS A 1 42  ? -1.268  1.947   -6.669  1.00 16.42 ? 43  CYS A SG  1 
ATOM   358  N N   . ALA A 1 43  ? -3.631  5.424   -4.484  1.00 15.08 ? 44  ALA A N   1 
ATOM   359  C CA  . ALA A 1 43  ? -4.070  6.160   -3.315  1.00 15.02 ? 44  ALA A CA  1 
ATOM   360  C C   . ALA A 1 43  ? -5.064  5.310   -2.551  1.00 14.67 ? 44  ALA A C   1 
ATOM   361  O O   . ALA A 1 43  ? -5.912  4.631   -3.147  1.00 15.09 ? 44  ALA A O   1 
ATOM   362  C CB  . ALA A 1 43  ? -4.679  7.485   -3.701  1.00 20.47 ? 44  ALA A CB  1 
ATOM   363  N N   . ILE A 1 44  ? -4.930  5.340   -1.232  1.00 14.96 ? 45  ILE A N   1 
ATOM   364  C CA  . ILE A 1 44  ? -5.813  4.598   -0.347  1.00 13.30 ? 45  ILE A CA  1 
ATOM   365  C C   . ILE A 1 44  ? -6.564  5.581   0.535   1.00 12.77 ? 45  ILE A C   1 
ATOM   366  O O   . ILE A 1 44  ? -5.952  6.379   1.240   1.00 13.81 ? 45  ILE A O   1 
ATOM   367  C CB  . ILE A 1 44  ? -5.026  3.611   0.546   1.00 14.42 ? 45  ILE A CB  1 
ATOM   368  C CG1 . ILE A 1 44  ? -4.303  2.552   -0.302  1.00 15.83 ? 45  ILE A CG1 1 
ATOM   369  C CG2 . ILE A 1 44  ? -5.929  2.967   1.562   1.00 14.74 ? 45  ILE A CG2 1 
ATOM   370  C CD1 . ILE A 1 44  ? -3.365  1.693   0.507   1.00 16.40 ? 45  ILE A CD1 1 
ATOM   371  N N   . PRO A 1 45  ? -7.900  5.519   0.510   1.00 13.76 ? 46  PRO A N   1 
ATOM   372  C CA  . PRO A 1 45  ? -8.679  6.383   1.399   1.00 17.72 ? 46  PRO A CA  1 
ATOM   373  C C   . PRO A 1 45  ? -8.716  5.816   2.808   1.00 15.94 ? 46  PRO A C   1 
ATOM   374  O O   . PRO A 1 45  ? -8.771  4.599   2.972   1.00 15.95 ? 46  PRO A O   1 
ATOM   375  C CB  . PRO A 1 45  ? -10.072 6.365   0.761   1.00 14.39 ? 46  PRO A CB  1 
ATOM   376  C CG  . PRO A 1 45  ? -10.173 4.987   0.152   1.00 13.00 ? 46  PRO A CG  1 
ATOM   377  C CD  . PRO A 1 45  ? -8.754  4.712   -0.377  1.00 14.57 ? 46  PRO A CD  1 
ATOM   378  N N   . GLY A 1 46  ? -8.688  6.682   3.815   1.00 14.67 ? 47  GLY A N   1 
ATOM   379  C CA  . GLY A 1 46  ? -8.934  6.229   5.167   1.00 16.27 ? 47  GLY A CA  1 
ATOM   380  C C   . GLY A 1 46  ? -10.350 5.692   5.274   1.00 17.09 ? 47  GLY A C   1 
ATOM   381  O O   . GLY A 1 46  ? -11.270 6.199   4.632   1.00 20.48 ? 47  GLY A O   1 
ATOM   382  N N   . ALA A 1 47  ? -10.522 4.649   6.074   1.00 18.73 ? 48  ALA A N   1 
ATOM   383  C CA  . ALA A 1 47  ? -11.848 4.086   6.291   1.00 21.96 ? 48  ALA A CA  1 
ATOM   384  C C   . ALA A 1 47  ? -12.713 5.058   7.092   1.00 26.27 ? 48  ALA A C   1 
ATOM   385  O O   . ALA A 1 47  ? -12.244 5.678   8.048   1.00 22.43 ? 48  ALA A O   1 
ATOM   386  C CB  . ALA A 1 47  ? -11.746 2.751   6.999   1.00 24.83 ? 48  ALA A CB  1 
ATOM   387  N N   . ALA A 1 48  ? -13.971 5.208   6.688   1.00 29.13 ? 49  ALA A N   1 
ATOM   388  C CA  . ALA A 1 48  ? -14.890 6.070   7.419   1.00 25.97 ? 49  ALA A CA  1 
ATOM   389  C C   . ALA A 1 48  ? -15.081 5.528   8.826   1.00 23.16 ? 49  ALA A C   1 
ATOM   390  O O   . ALA A 1 48  ? -14.958 4.330   9.055   1.00 26.03 ? 49  ALA A O   1 
ATOM   391  C CB  . ALA A 1 48  ? -16.225 6.174   6.704   1.00 36.14 ? 49  ALA A CB  1 
ATOM   392  N N   . GLY A 1 49  ? -15.365 6.414   9.770   1.00 23.88 ? 50  GLY A N   1 
ATOM   393  C CA  . GLY A 1 49  ? -15.607 5.997   11.136  1.00 21.29 ? 50  GLY A CA  1 
ATOM   394  C C   . GLY A 1 49  ? -14.364 5.591   11.898  1.00 34.07 ? 50  GLY A C   1 
ATOM   395  O O   . GLY A 1 49  ? -14.461 5.072   13.008  1.00 23.55 ? 50  GLY A O   1 
ATOM   396  N N   . THR A 1 50  ? -13.195 5.817   11.299  1.00 24.71 ? 51  THR A N   1 
ATOM   397  C CA  . THR A 1 50  ? -11.919 5.538   11.952  1.00 20.86 ? 51  THR A CA  1 
ATOM   398  C C   . THR A 1 50  ? -11.090 6.815   12.051  1.00 16.70 ? 51  THR A C   1 
ATOM   399  O O   . THR A 1 50  ? -11.393 7.805   11.386  1.00 19.19 ? 51  THR A O   1 
ATOM   400  C CB  . THR A 1 50  ? -11.100 4.460   11.174  1.00 21.31 ? 51  THR A CB  1 
ATOM   401  O OG1 . THR A 1 50  ? -10.467 5.073   10.044  1.00 21.16 ? 51  THR A OG1 1 
ATOM   402  C CG2 . THR A 1 50  ? -11.981 3.305   10.726  1.00 23.07 ? 51  THR A CG2 1 
ATOM   403  N N   . PRO A 1 51  ? -10.021 6.802   12.865  1.00 19.61 ? 52  PRO A N   1 
ATOM   404  C CA  . PRO A 1 51  ? -9.096  7.943   12.912  1.00 24.39 ? 52  PRO A CA  1 
ATOM   405  C C   . PRO A 1 51  ? -8.471  8.303   11.557  1.00 17.40 ? 52  PRO A C   1 
ATOM   406  O O   . PRO A 1 51  ? -7.974  9.418   11.380  1.00 19.00 ? 52  PRO A O   1 
ATOM   407  C CB  . PRO A 1 51  ? -8.006  7.471   13.883  1.00 28.56 ? 52  PRO A CB  1 
ATOM   408  C CG  . PRO A 1 51  ? -8.651  6.441   14.713  1.00 26.67 ? 52  PRO A CG  1 
ATOM   409  C CD  . PRO A 1 51  ? -9.692  5.779   13.877  1.00 29.21 ? 52  PRO A CD  1 
ATOM   410  N N   . TRP A 1 52  ? -8.501  7.372   10.605  1.00 18.59 ? 53  TRP A N   1 
ATOM   411  C CA  . TRP A 1 52  ? -7.920  7.624   9.287   1.00 15.46 ? 53  TRP A CA  1 
ATOM   412  C C   . TRP A 1 52  ? -8.902  8.292   8.337   1.00 16.33 ? 53  TRP A C   1 
ATOM   413  O O   . TRP A 1 52  ? -8.534  8.669   7.224   1.00 17.60 ? 53  TRP A O   1 
ATOM   414  C CB  . TRP A 1 52  ? -7.417  6.308   8.651   1.00 14.86 ? 53  TRP A CB  1 
ATOM   415  C CG  . TRP A 1 52  ? -6.401  5.641   9.502   1.00 14.54 ? 53  TRP A CG  1 
ATOM   416  C CD1 . TRP A 1 52  ? -6.628  4.879   10.611  1.00 19.75 ? 53  TRP A CD1 1 
ATOM   417  C CD2 . TRP A 1 52  ? -4.981  5.709   9.342   1.00 14.38 ? 53  TRP A CD2 1 
ATOM   418  N NE1 . TRP A 1 52  ? -5.438  4.470   11.154  1.00 17.12 ? 53  TRP A NE1 1 
ATOM   419  C CE2 . TRP A 1 52  ? -4.410  4.967   10.392  1.00 14.79 ? 53  TRP A CE2 1 
ATOM   420  C CE3 . TRP A 1 52  ? -4.136  6.335   8.414   1.00 14.56 ? 53  TRP A CE3 1 
ATOM   421  C CZ2 . TRP A 1 52  ? -3.034  4.837   10.549  1.00 16.20 ? 53  TRP A CZ2 1 
ATOM   422  C CZ3 . TRP A 1 52  ? -2.762  6.198   8.569   1.00 15.26 ? 53  TRP A CZ3 1 
ATOM   423  C CH2 . TRP A 1 52  ? -2.230  5.459   9.626   1.00 15.12 ? 53  TRP A CH2 1 
ATOM   424  N N   . ALA A 1 53  ? -10.153 8.439   8.771   1.00 17.51 ? 54  ALA A N   1 
ATOM   425  C CA  . ALA A 1 53  ? -11.194 8.970   7.895   1.00 19.52 ? 54  ALA A CA  1 
ATOM   426  C C   . ALA A 1 53  ? -10.850 10.350  7.356   1.00 15.63 ? 54  ALA A C   1 
ATOM   427  O O   . ALA A 1 53  ? -10.323 11.197  8.080   1.00 20.73 ? 54  ALA A O   1 
ATOM   428  C CB  . ALA A 1 53  ? -12.530 9.016   8.632   1.00 20.69 ? 54  ALA A CB  1 
ATOM   429  N N   . GLY A 1 54  ? -11.149 10.565  6.078   1.00 18.83 ? 55  GLY A N   1 
ATOM   430  C CA  . GLY A 1 54  ? -10.935 11.853  5.442   1.00 21.00 ? 55  GLY A CA  1 
ATOM   431  C C   . GLY A 1 54  ? -9.572  12.002  4.789   1.00 20.71 ? 55  GLY A C   1 
ATOM   432  O O   . GLY A 1 54  ? -9.345  12.918  3.995   1.00 22.63 ? 55  GLY A O   1 
ATOM   433  N N   . GLY A 1 55  ? -8.652  11.106  5.128   1.00 16.46 ? 56  GLY A N   1 
ATOM   434  C CA  . GLY A 1 55  ? -7.321  11.155  4.550   1.00 18.60 ? 56  GLY A CA  1 
ATOM   435  C C   . GLY A 1 55  ? -7.263  10.366  3.255   1.00 16.31 ? 56  GLY A C   1 
ATOM   436  O O   . GLY A 1 55  ? -8.030  9.427   3.054   1.00 16.69 ? 56  GLY A O   1 
ATOM   437  N N   . LEU A 1 56  ? -6.374  10.780  2.363   1.00 14.98 ? 57  LEU A N   1 
ATOM   438  C CA  . LEU A 1 56  ? -6.126  10.041  1.131   1.00 14.96 ? 57  LEU A CA  1 
ATOM   439  C C   . LEU A 1 56  ? -4.623  9.862   1.038   1.00 17.42 ? 57  LEU A C   1 
ATOM   440  O O   . LEU A 1 56  ? -3.879  10.839  0.914   1.00 17.93 ? 57  LEU A O   1 
ATOM   441  C CB  . LEU A 1 56  ? -6.675  10.786  -0.087  1.00 16.89 ? 57  LEU A CB  1 
ATOM   442  C CG  . LEU A 1 56  ? -6.576  10.041  -1.419  1.00 18.19 ? 57  LEU A CG  1 
ATOM   443  C CD1 . LEU A 1 56  ? -7.387  8.751   -1.355  1.00 18.45 ? 57  LEU A CD1 1 
ATOM   444  C CD2 . LEU A 1 56  ? -7.040  10.926  -2.573  1.00 22.78 ? 57  LEU A CD2 1 
ATOM   445  N N   . PHE A 1 57  ? -4.183  8.613   1.114   1.00 16.02 ? 58  PHE A N   1 
ATOM   446  C CA  . PHE A 1 57  ? -2.785  8.330   1.354   1.00 13.77 ? 58  PHE A CA  1 
ATOM   447  C C   . PHE A 1 57  ? -2.143  7.742   0.108   1.00 14.71 ? 58  PHE A C   1 
ATOM   448  O O   . PHE A 1 57  ? -2.506  6.653   -0.342  1.00 16.34 ? 58  PHE A O   1 
ATOM   449  C CB  . PHE A 1 57  ? -2.660  7.396   2.556   1.00 12.93 ? 58  PHE A CB  1 
ATOM   450  C CG  . PHE A 1 57  ? -3.377  7.917   3.773   1.00 14.34 ? 58  PHE A CG  1 
ATOM   451  C CD1 . PHE A 1 57  ? -2.808  8.918   4.544   1.00 17.85 ? 58  PHE A CD1 1 
ATOM   452  C CD2 . PHE A 1 57  ? -4.621  7.435   4.115   1.00 15.17 ? 58  PHE A CD2 1 
ATOM   453  C CE1 . PHE A 1 57  ? -3.472  9.425   5.657   1.00 17.98 ? 58  PHE A CE1 1 
ATOM   454  C CE2 . PHE A 1 57  ? -5.294  7.933   5.227   1.00 15.14 ? 58  PHE A CE2 1 
ATOM   455  C CZ  . PHE A 1 57  ? -4.708  8.933   5.998   1.00 17.25 ? 58  PHE A CZ  1 
ATOM   456  N N   . LYS A 1 58  ? -1.196  8.488   -0.452  1.00 13.94 ? 59  LYS A N   1 
ATOM   457  C CA  . LYS A 1 58  ? -0.574  8.105   -1.702  1.00 14.22 ? 59  LYS A CA  1 
ATOM   458  C C   . LYS A 1 58  ? 0.525   7.079   -1.514  1.00 12.44 ? 59  LYS A C   1 
ATOM   459  O O   . LYS A 1 58  ? 1.334   7.164   -0.584  1.00 13.49 ? 59  LYS A O   1 
ATOM   460  C CB  . LYS A 1 58  ? -0.038  9.351   -2.400  1.00 20.30 ? 59  LYS A CB  1 
ATOM   461  C CG  . LYS A 1 58  ? -1.141  10.404  -2.501  1.00 26.60 ? 59  LYS A CG  1 
ATOM   462  C CD  . LYS A 1 58  ? -0.783  11.594  -3.360  1.00 36.67 ? 59  LYS A CD  1 
ATOM   463  C CE  . LYS A 1 58  ? -1.987  12.528  -3.440  1.00 52.63 ? 59  LYS A CE  1 
ATOM   464  N NZ  . LYS A 1 58  ? -1.856  13.548  -4.510  1.00 57.68 ? 59  LYS A NZ  1 
ATOM   465  N N   A LEU A 1 59  ? 0.550   6.106   -2.412  0.52 11.30 ? 60  LEU A N   1 
ATOM   466  N N   B LEU A 1 59  ? 0.530   6.054   -2.363  0.48 11.34 ? 60  LEU A N   1 
ATOM   467  C CA  A LEU A 1 59  ? 1.618   5.141   -2.377  0.52 13.82 ? 60  LEU A CA  1 
ATOM   468  C CA  B LEU A 1 59  ? 1.648   5.122   -2.344  0.48 13.83 ? 60  LEU A CA  1 
ATOM   469  C C   A LEU A 1 59  ? 2.000   4.726   -3.777  0.52 12.21 ? 60  LEU A C   1 
ATOM   470  C C   B LEU A 1 59  ? 1.956   4.577   -3.716  0.48 12.54 ? 60  LEU A C   1 
ATOM   471  O O   A LEU A 1 59  ? 1.213   4.822   -4.729  0.52 14.67 ? 60  LEU A O   1 
ATOM   472  O O   B LEU A 1 59  ? 1.072   4.406   -4.571  0.48 13.37 ? 60  LEU A O   1 
ATOM   473  C CB  A LEU A 1 59  ? 1.231   3.919   -1.548  0.52 19.50 ? 60  LEU A CB  1 
ATOM   474  C CB  B LEU A 1 59  ? 1.419   3.963   -1.357  0.48 20.11 ? 60  LEU A CB  1 
ATOM   475  C CG  A LEU A 1 59  ? 0.298   2.916   -2.207  0.52 18.59 ? 60  LEU A CG  1 
ATOM   476  C CG  B LEU A 1 59  ? 0.607   2.667   -1.525  0.48 17.06 ? 60  LEU A CG  1 
ATOM   477  C CD1 A LEU A 1 59  ? 0.624   1.502   -1.729  0.52 21.55 ? 60  LEU A CD1 1 
ATOM   478  C CD1 B LEU A 1 59  ? 1.018   1.750   -2.674  0.48 14.19 ? 60  LEU A CD1 1 
ATOM   479  C CD2 A LEU A 1 59  ? -1.139  3.265   -1.914  0.52 16.14 ? 60  LEU A CD2 1 
ATOM   480  C CD2 B LEU A 1 59  ? 0.723   1.885   -0.224  0.48 16.49 ? 60  LEU A CD2 1 
ATOM   481  N N   . ARG A 1 60  ? 3.230   4.261   -3.887  1.00 12.47 ? 61  ARG A N   1 
ATOM   482  C CA  . ARG A 1 60  ? 3.738   3.769   -5.139  1.00 10.05 ? 61  ARG A CA  1 
ATOM   483  C C   . ARG A 1 60  ? 3.878   2.265   -5.050  1.00 12.36 ? 61  ARG A C   1 
ATOM   484  O O   . ARG A 1 60  ? 4.295   1.731   -4.017  1.00 12.97 ? 61  ARG A O   1 
ATOM   485  C CB  . ARG A 1 60  ? 5.088   4.427   -5.451  1.00 13.37 ? 61  ARG A CB  1 
ATOM   486  C CG  . ARG A 1 60  ? 5.564   4.207   -6.874  1.00 14.47 ? 61  ARG A CG  1 
ATOM   487  C CD  . ARG A 1 60  ? 6.836   4.995   -7.164  1.00 18.42 ? 61  ARG A CD  1 
ATOM   488  N NE  . ARG A 1 60  ? 6.613   6.434   -7.017  1.00 19.13 ? 61  ARG A NE  1 
ATOM   489  C CZ  . ARG A 1 60  ? 6.046   7.200   -7.948  1.00 22.36 ? 61  ARG A CZ  1 
ATOM   490  N NH1 . ARG A 1 60  ? 5.657   6.678   -9.101  1.00 21.06 ? 61  ARG A NH1 1 
ATOM   491  N NH2 . ARG A 1 60  ? 5.878   8.500   -7.728  1.00 23.34 ? 61  ARG A NH2 1 
ATOM   492  N N   . MET A 1 61  ? 3.521   1.606   -6.147  1.00 11.36 ? 62  MET A N   1 
ATOM   493  C CA  A MET A 1 61  ? 3.628   0.164   -6.259  0.76 12.38 ? 62  MET A CA  1 
ATOM   494  C CA  B MET A 1 61  ? 3.631   0.157   -6.272  0.24 12.44 ? 62  MET A CA  1 
ATOM   495  C C   . MET A 1 61  ? 4.647   -0.168  -7.345  1.00 11.60 ? 62  MET A C   1 
ATOM   496  O O   . MET A 1 61  ? 4.455   0.187   -8.504  1.00 15.00 ? 62  MET A O   1 
ATOM   497  C CB  A MET A 1 61  ? 2.254   -0.441  -6.568  0.76 15.13 ? 62  MET A CB  1 
ATOM   498  C CB  B MET A 1 61  ? 2.282   -0.478  -6.620  0.24 15.07 ? 62  MET A CB  1 
ATOM   499  C CG  A MET A 1 61  ? 2.125   -1.899  -6.208  0.76 17.88 ? 62  MET A CG  1 
ATOM   500  C CG  B MET A 1 61  ? 1.276   -0.466  -5.496  0.24 13.16 ? 62  MET A CG  1 
ATOM   501  S SD  A MET A 1 61  ? 0.421   -2.490  -6.361  0.76 15.46 ? 62  MET A SD  1 
ATOM   502  S SD  B MET A 1 61  ? -0.200  -1.437  -5.860  0.24 17.57 ? 62  MET A SD  1 
ATOM   503  C CE  A MET A 1 61  ? -0.350  -1.814  -4.890  0.76 15.88 ? 62  MET A CE  1 
ATOM   504  C CE  B MET A 1 61  ? 0.531   -3.055  -6.071  0.24 13.12 ? 62  MET A CE  1 
ATOM   505  N N   . LEU A 1 62  ? 5.734   -0.836  -6.948  1.00 11.46 ? 63  LEU A N   1 
ATOM   506  C CA  . LEU A 1 62  ? 6.860   -1.132  -7.847  1.00 12.53 ? 63  LEU A CA  1 
ATOM   507  C C   . LEU A 1 62  ? 6.988   -2.635  -8.072  1.00 13.74 ? 63  LEU A C   1 
ATOM   508  O O   . LEU A 1 62  ? 7.198   -3.386  -7.113  1.00 15.21 ? 63  LEU A O   1 
ATOM   509  C CB  . LEU A 1 62  ? 8.164   -0.577  -7.263  1.00 17.16 ? 63  LEU A CB  1 
ATOM   510  C CG  . LEU A 1 62  ? 8.180   0.945   -7.064  1.00 24.57 ? 63  LEU A CG  1 
ATOM   511  C CD1 . LEU A 1 62  ? 9.414   1.382   -6.295  1.00 33.60 ? 63  LEU A CD1 1 
ATOM   512  C CD2 . LEU A 1 62  ? 8.121   1.630   -8.415  1.00 26.54 ? 63  LEU A CD2 1 
ATOM   513  N N   . PHE A 1 63  ? 6.873   -3.056  -9.331  1.00 13.24 ? 64  PHE A N   1 
ATOM   514  C CA  . PHE A 1 63  ? 6.917   -4.473  -9.697  1.00 12.99 ? 64  PHE A CA  1 
ATOM   515  C C   . PHE A 1 63  ? 8.276   -4.864  -10.257 1.00 17.00 ? 64  PHE A C   1 
ATOM   516  O O   . PHE A 1 63  ? 8.845   -4.139  -11.063 1.00 17.72 ? 64  PHE A O   1 
ATOM   517  C CB  . PHE A 1 63  ? 5.826   -4.785  -10.719 1.00 12.41 ? 64  PHE A CB  1 
ATOM   518  C CG  . PHE A 1 63  ? 4.437   -4.538  -10.197 1.00 13.85 ? 64  PHE A CG  1 
ATOM   519  C CD1 . PHE A 1 63  ? 3.846   -3.280  -10.312 1.00 15.15 ? 64  PHE A CD1 1 
ATOM   520  C CD2 . PHE A 1 63  ? 3.729   -5.551  -9.562  1.00 13.87 ? 64  PHE A CD2 1 
ATOM   521  C CE1 . PHE A 1 63  ? 2.577   -3.047  -9.817  1.00 12.88 ? 64  PHE A CE1 1 
ATOM   522  C CE2 . PHE A 1 63  ? 2.452   -5.321  -9.068  1.00 13.83 ? 64  PHE A CE2 1 
ATOM   523  C CZ  . PHE A 1 63  ? 1.881   -4.073  -9.192  1.00 13.76 ? 64  PHE A CZ  1 
ATOM   524  N N   . LYS A 1 64  ? 8.799   -5.998  -9.800  1.00 15.79 ? 65  LYS A N   1 
ATOM   525  C CA  . LYS A 1 64  ? 10.007  -6.567  -10.391 1.00 17.86 ? 65  LYS A CA  1 
ATOM   526  C C   . LYS A 1 64  ? 9.694   -7.335  -11.670 1.00 15.15 ? 65  LYS A C   1 
ATOM   527  O O   . LYS A 1 64  ? 8.560   -7.727  -11.926 1.00 16.96 ? 65  LYS A O   1 
ATOM   528  C CB  . LYS A 1 64  ? 10.713  -7.502  -9.408  1.00 23.23 ? 65  LYS A CB  1 
ATOM   529  C CG  . LYS A 1 64  ? 10.957  -6.900  -8.043  1.00 27.55 ? 65  LYS A CG  1 
ATOM   530  C CD  . LYS A 1 64  ? 12.122  -7.565  -7.333  1.00 31.10 ? 65  LYS A CD  1 
ATOM   531  C CE  . LYS A 1 64  ? 12.007  -9.072  -7.353  1.00 43.49 ? 65  LYS A CE  1 
ATOM   532  N NZ  . LYS A 1 64  ? 13.253  -9.708  -6.845  1.00 50.44 ? 65  LYS A NZ  1 
ATOM   533  N N   . ASP A 1 65  ? 10.725  -7.582  -12.465 1.00 17.38 ? 66  ASP A N   1 
ATOM   534  C CA  . ASP A 1 65  ? 10.536  -8.293  -13.715 1.00 16.07 ? 66  ASP A CA  1 
ATOM   535  C C   . ASP A 1 65  ? 9.968   -9.697  -13.531 1.00 17.47 ? 66  ASP A C   1 
ATOM   536  O O   . ASP A 1 65  ? 9.335   -10.226 -14.449 1.00 22.49 ? 66  ASP A O   1 
ATOM   537  C CB  . ASP A 1 65  ? 11.857  -8.390  -14.481 1.00 20.81 ? 66  ASP A CB  1 
ATOM   538  C CG  . ASP A 1 65  ? 12.258  -7.083  -15.133 1.00 44.94 ? 66  ASP A CG  1 
ATOM   539  O OD1 . ASP A 1 65  ? 11.375  -6.236  -15.394 1.00 47.67 ? 66  ASP A OD1 1 
ATOM   540  O OD2 . ASP A 1 65  ? 13.464  -6.909  -15.394 1.00 34.35 ? 66  ASP A OD2 1 
ATOM   541  N N   . ASP A 1 66  ? 10.176  -10.314 -12.368 1.00 18.07 ? 67  ASP A N   1 
ATOM   542  C CA  . ASP A 1 66  ? 9.650   -11.664 -12.182 1.00 16.52 ? 67  ASP A CA  1 
ATOM   543  C C   . ASP A 1 66  ? 8.265   -11.706 -11.529 1.00 15.75 ? 67  ASP A C   1 
ATOM   544  O O   . ASP A 1 66  ? 7.794   -12.776 -11.167 1.00 19.74 ? 67  ASP A O   1 
ATOM   545  C CB  . ASP A 1 66  ? 10.637  -12.526 -11.382 1.00 17.92 ? 67  ASP A CB  1 
ATOM   546  C CG  . ASP A 1 66  ? 10.842  -12.049 -9.964  1.00 23.68 ? 67  ASP A CG  1 
ATOM   547  O OD1 . ASP A 1 66  ? 10.319  -10.976 -9.599  1.00 26.90 ? 67  ASP A OD1 1 
ATOM   548  O OD2 . ASP A 1 66  ? 11.546  -12.755 -9.204  1.00 23.60 ? 67  ASP A OD2 1 
ATOM   549  N N   . TYR A 1 67  ? 7.609   -10.554 -11.391 1.00 15.09 ? 68  TYR A N   1 
ATOM   550  C CA  . TYR A 1 67  ? 6.208   -10.542 -10.957 1.00 14.70 ? 68  TYR A CA  1 
ATOM   551  C C   . TYR A 1 67  ? 5.372   -11.412 -11.912 1.00 14.27 ? 68  TYR A C   1 
ATOM   552  O O   . TYR A 1 67  ? 5.573   -11.355 -13.126 1.00 15.80 ? 68  TYR A O   1 
ATOM   553  C CB  . TYR A 1 67  ? 5.687   -9.096  -10.927 1.00 17.22 ? 68  TYR A CB  1 
ATOM   554  C CG  . TYR A 1 67  ? 4.195   -8.962  -10.734 1.00 10.97 ? 68  TYR A CG  1 
ATOM   555  C CD1 . TYR A 1 67  ? 3.626   -9.025  -9.469  1.00 12.05 ? 68  TYR A CD1 1 
ATOM   556  C CD2 . TYR A 1 67  ? 3.353   -8.771  -11.825 1.00 10.76 ? 68  TYR A CD2 1 
ATOM   557  C CE1 . TYR A 1 67  ? 2.255   -8.906  -9.300  1.00 11.58 ? 68  TYR A CE1 1 
ATOM   558  C CE2 . TYR A 1 67  ? 1.998   -8.663  -11.670 1.00 12.20 ? 68  TYR A CE2 1 
ATOM   559  C CZ  . TYR A 1 67  ? 1.443   -8.724  -10.412 1.00 12.58 ? 68  TYR A CZ  1 
ATOM   560  O OH  . TYR A 1 67  ? 0.074   -8.612  -10.288 1.00 14.55 ? 68  TYR A OH  1 
ATOM   561  N N   . PRO A 1 68  ? 4.411   -12.201 -11.389 1.00 13.03 ? 69  PRO A N   1 
ATOM   562  C CA  . PRO A 1 68  ? 3.921   -12.294 -10.010 1.00 10.98 ? 69  PRO A CA  1 
ATOM   563  C C   . PRO A 1 68  ? 4.591   -13.365 -9.142  1.00 11.02 ? 69  PRO A C   1 
ATOM   564  O O   . PRO A 1 68  ? 4.015   -13.722 -8.115  1.00 12.04 ? 69  PRO A O   1 
ATOM   565  C CB  . PRO A 1 68  ? 2.435   -12.604 -10.209 1.00 13.02 ? 69  PRO A CB  1 
ATOM   566  C CG  . PRO A 1 68  ? 2.435   -13.517 -11.427 1.00 12.90 ? 69  PRO A CG  1 
ATOM   567  C CD  . PRO A 1 68  ? 3.556   -12.968 -12.319 1.00 14.07 ? 69  PRO A CD  1 
ATOM   568  N N   . SER A 1 69  ? 5.769   -13.854 -9.521  1.00 12.85 ? 70  SER A N   1 
ATOM   569  C CA  . SER A 1 69  ? 6.543   -14.685 -8.606  1.00 12.74 ? 70  SER A CA  1 
ATOM   570  C C   . SER A 1 69  ? 6.759   -13.938 -7.289  1.00 11.95 ? 70  SER A C   1 
ATOM   571  O O   . SER A 1 69  ? 6.617   -14.492 -6.195  1.00 14.61 ? 70  SER A O   1 
ATOM   572  C CB  . SER A 1 69  ? 7.880   -15.063 -9.236  1.00 12.21 ? 70  SER A CB  1 
ATOM   573  O OG  . SER A 1 69  ? 8.593   -15.969 -8.425  1.00 13.01 ? 70  SER A OG  1 
ATOM   574  N N   . SER A 1 70  ? 7.103   -12.662 -7.431  1.00 14.00 ? 71  SER A N   1 
ATOM   575  C CA  . SER A 1 70  ? 7.379   -11.784 -6.296  1.00 13.85 ? 71  SER A CA  1 
ATOM   576  C C   . SER A 1 70  ? 6.275   -10.766 -6.109  1.00 14.16 ? 71  SER A C   1 
ATOM   577  O O   . SER A 1 70  ? 5.620   -10.367 -7.072  1.00 15.14 ? 71  SER A O   1 
ATOM   578  C CB  . SER A 1 70  ? 8.696   -11.054 -6.518  1.00 14.08 ? 71  SER A CB  1 
ATOM   579  O OG  . SER A 1 70  ? 8.645   -10.358 -7.750  1.00 18.26 ? 71  SER A OG  1 
ATOM   580  N N   . PRO A 1 71  ? 6.087   -10.310 -4.869  1.00 13.89 ? 72  PRO A N   1 
ATOM   581  C CA  . PRO A 1 71  ? 5.154   -9.215  -4.609  1.00 12.42 ? 72  PRO A CA  1 
ATOM   582  C C   . PRO A 1 71  ? 5.732   -7.873  -5.052  1.00 12.52 ? 72  PRO A C   1 
ATOM   583  O O   . PRO A 1 71  ? 6.948   -7.734  -5.176  1.00 13.30 ? 72  PRO A O   1 
ATOM   584  C CB  . PRO A 1 71  ? 4.995   -9.240  -3.089  1.00 12.79 ? 72  PRO A CB  1 
ATOM   585  C CG  . PRO A 1 71  ? 6.306   -9.764  -2.601  1.00 13.05 ? 72  PRO A CG  1 
ATOM   586  C CD  . PRO A 1 71  ? 6.746   -10.786 -3.636  1.00 14.65 ? 72  PRO A CD  1 
ATOM   587  N N   . PRO A 1 72  ? 4.862   -6.895  -5.306  1.00 12.20 ? 73  PRO A N   1 
ATOM   588  C CA  . PRO A 1 72  ? 5.402   -5.548  -5.495  1.00 14.44 ? 73  PRO A CA  1 
ATOM   589  C C   . PRO A 1 72  ? 5.931   -4.972  -4.193  1.00 12.70 ? 73  PRO A C   1 
ATOM   590  O O   . PRO A 1 72  ? 5.507   -5.379  -3.109  1.00 14.60 ? 73  PRO A O   1 
ATOM   591  C CB  . PRO A 1 72  ? 4.184   -4.746  -5.948  1.00 15.96 ? 73  PRO A CB  1 
ATOM   592  C CG  . PRO A 1 72  ? 3.058   -5.403  -5.224  1.00 16.11 ? 73  PRO A CG  1 
ATOM   593  C CD  . PRO A 1 72  ? 3.387   -6.898  -5.324  1.00 14.72 ? 73  PRO A CD  1 
ATOM   594  N N   . LYS A 1 73  ? 6.859   -4.028  -4.312  1.00 12.96 ? 74  LYS A N   1 
ATOM   595  C CA  A LYS A 1 73  ? 7.235   -3.174  -3.203  0.52 12.97 ? 74  LYS A CA  1 
ATOM   596  C CA  B LYS A 1 73  ? 7.223   -3.190  -3.186  0.48 12.96 ? 74  LYS A CA  1 
ATOM   597  C C   . LYS A 1 73  ? 6.207   -2.055  -3.120  1.00 11.73 ? 74  LYS A C   1 
ATOM   598  O O   . LYS A 1 73  ? 5.914   -1.429  -4.129  1.00 13.70 ? 74  LYS A O   1 
ATOM   599  C CB  A LYS A 1 73  ? 8.639   -2.606  -3.412  0.52 11.97 ? 74  LYS A CB  1 
ATOM   600  C CB  B LYS A 1 73  ? 8.649   -2.652  -3.335  0.48 12.01 ? 74  LYS A CB  1 
ATOM   601  C CG  A LYS A 1 73  ? 9.024   -1.524  -2.421  0.52 13.87 ? 74  LYS A CG  1 
ATOM   602  C CG  B LYS A 1 73  ? 9.070   -1.696  -2.227  0.48 13.98 ? 74  LYS A CG  1 
ATOM   603  C CD  A LYS A 1 73  ? 10.403  -0.966  -2.752  0.52 16.50 ? 74  LYS A CD  1 
ATOM   604  C CD  B LYS A 1 73  ? 10.584  -1.481  -2.232  0.48 19.36 ? 74  LYS A CD  1 
ATOM   605  C CE  A LYS A 1 73  ? 10.917  -0.062  -1.653  0.52 21.63 ? 74  LYS A CE  1 
ATOM   606  C CE  B LYS A 1 73  ? 11.098  -1.237  -3.640  0.48 18.52 ? 74  LYS A CE  1 
ATOM   607  N NZ  A LYS A 1 73  ? 12.261  0.487   -2.010  0.52 22.72 ? 74  LYS A NZ  1 
ATOM   608  N NZ  B LYS A 1 73  ? 12.584  -1.089  -3.676  0.48 26.81 ? 74  LYS A NZ  1 
ATOM   609  N N   . CYS A 1 74  ? 5.643   -1.827  -1.936  1.00 12.53 ? 75  CYS A N   1 
ATOM   610  C CA  . CYS A 1 74  ? 4.622   -0.807  -1.758  1.00 11.65 ? 75  CYS A CA  1 
ATOM   611  C C   . CYS A 1 74  ? 5.147   0.242   -0.808  1.00 13.98 ? 75  CYS A C   1 
ATOM   612  O O   . CYS A 1 74  ? 5.536   -0.086  0.306   1.00 14.99 ? 75  CYS A O   1 
ATOM   613  C CB  . CYS A 1 74  ? 3.326   -1.407  -1.206  1.00 10.02 ? 75  CYS A CB  1 
ATOM   614  S SG  . CYS A 1 74  ? 2.613   -2.633  -2.335  1.00 14.42 ? 75  CYS A SG  1 
ATOM   615  N N   . LYS A 1 75  ? 5.183   1.493   -1.259  1.00 10.80 ? 76  LYS A N   1 
ATOM   616  C CA  . LYS A 1 75  ? 5.875   2.547   -0.519  1.00 11.99 ? 76  LYS A CA  1 
ATOM   617  C C   . LYS A 1 75  ? 4.981   3.770   -0.415  1.00 11.67 ? 76  LYS A C   1 
ATOM   618  O O   . LYS A 1 75  ? 4.615   4.370   -1.431  1.00 12.94 ? 76  LYS A O   1 
ATOM   619  C CB  . LYS A 1 75  ? 7.192   2.877   -1.234  1.00 15.59 ? 76  LYS A CB  1 
ATOM   620  C CG  . LYS A 1 75  ? 8.157   3.791   -0.512  1.00 21.64 ? 76  LYS A CG  1 
ATOM   621  C CD  . LYS A 1 75  ? 9.526   3.684   -1.195  1.00 24.89 ? 76  LYS A CD  1 
ATOM   622  C CE  . LYS A 1 75  ? 10.543  4.651   -0.620  1.00 40.47 ? 76  LYS A CE  1 
ATOM   623  N NZ  . LYS A 1 75  ? 11.890  4.394   -1.203  1.00 39.87 ? 76  LYS A NZ  1 
ATOM   624  N N   . PHE A 1 76  ? 4.608   4.141   0.804   1.00 11.46 ? 77  PHE A N   1 
ATOM   625  C CA  . PHE A 1 76  ? 3.907   5.400   0.983   1.00 14.01 ? 77  PHE A CA  1 
ATOM   626  C C   . PHE A 1 76  ? 4.816   6.584   0.651   1.00 11.64 ? 77  PHE A C   1 
ATOM   627  O O   . PHE A 1 76  ? 5.967   6.638   1.082   1.00 13.90 ? 77  PHE A O   1 
ATOM   628  C CB  . PHE A 1 76  ? 3.380   5.519   2.411   1.00 13.00 ? 77  PHE A CB  1 
ATOM   629  C CG  . PHE A 1 76  ? 2.137   4.718   2.654   1.00 11.74 ? 77  PHE A CG  1 
ATOM   630  C CD1 . PHE A 1 76  ? 0.939   5.088   2.073   1.00 11.53 ? 77  PHE A CD1 1 
ATOM   631  C CD2 . PHE A 1 76  ? 2.167   3.598   3.469   1.00 11.91 ? 77  PHE A CD2 1 
ATOM   632  C CE1 . PHE A 1 76  ? -0.213  4.346   2.290   1.00 10.72 ? 77  PHE A CE1 1 
ATOM   633  C CE2 . PHE A 1 76  ? 1.009   2.854   3.697   1.00 13.04 ? 77  PHE A CE2 1 
ATOM   634  C CZ  . PHE A 1 76  ? -0.176  3.226   3.102   1.00 11.65 ? 77  PHE A CZ  1 
ATOM   635  N N   . GLU A 1 77  ? 4.282   7.518   -0.135  1.00 11.87 ? 78  GLU A N   1 
ATOM   636  C CA  . GLU A 1 77  ? 5.015   8.719   -0.529  1.00 16.63 ? 78  GLU A CA  1 
ATOM   637  C C   . GLU A 1 77  ? 4.107   9.928   -0.322  1.00 16.78 ? 78  GLU A C   1 
ATOM   638  O O   . GLU A 1 77  ? 3.180   10.149  -1.103  1.00 22.09 ? 78  GLU A O   1 
ATOM   639  C CB  . GLU A 1 77  ? 5.482   8.611   -1.980  1.00 23.46 ? 78  GLU A CB  1 
ATOM   640  C CG  . GLU A 1 77  ? 6.481   7.492   -2.183  1.00 22.64 ? 78  GLU A CG  1 
ATOM   641  C CD  . GLU A 1 77  ? 6.973   7.391   -3.612  1.00 41.96 ? 78  GLU A CD  1 
ATOM   642  O OE1 . GLU A 1 77  ? 6.416   8.096   -4.481  1.00 35.45 ? 78  GLU A OE1 1 
ATOM   643  O OE2 . GLU A 1 77  ? 7.914   6.604   -3.857  1.00 38.91 ? 78  GLU A OE2 1 
ATOM   644  N N   . PRO A 1 78  ? 4.359   10.710  0.734   1.00 14.35 ? 79  PRO A N   1 
ATOM   645  C CA  . PRO A 1 78  ? 5.463   10.596  1.691   1.00 13.44 ? 79  PRO A CA  1 
ATOM   646  C C   . PRO A 1 78  ? 5.254   9.486   2.724   1.00 15.10 ? 79  PRO A C   1 
ATOM   647  O O   . PRO A 1 78  ? 4.160   8.923   2.811   1.00 18.12 ? 79  PRO A O   1 
ATOM   648  C CB  . PRO A 1 78  ? 5.461   11.970  2.373   1.00 19.67 ? 79  PRO A CB  1 
ATOM   649  C CG  . PRO A 1 78  ? 4.026   12.356  2.363   1.00 20.05 ? 79  PRO A CG  1 
ATOM   650  C CD  . PRO A 1 78  ? 3.464   11.836  1.067   1.00 17.18 ? 79  PRO A CD  1 
ATOM   651  N N   . PRO A 1 79  ? 6.299   9.168   3.508   1.00 15.73 ? 80  PRO A N   1 
ATOM   652  C CA  . PRO A 1 79  ? 6.157   8.166   4.567   1.00 15.34 ? 80  PRO A CA  1 
ATOM   653  C C   . PRO A 1 79  ? 5.094   8.548   5.601   1.00 15.89 ? 80  PRO A C   1 
ATOM   654  O O   . PRO A 1 79  ? 4.890   9.737   5.873   1.00 19.10 ? 80  PRO A O   1 
ATOM   655  C CB  . PRO A 1 79  ? 7.551   8.131   5.200   1.00 17.85 ? 80  PRO A CB  1 
ATOM   656  C CG  . PRO A 1 79  ? 8.465   8.559   4.095   1.00 19.45 ? 80  PRO A CG  1 
ATOM   657  C CD  . PRO A 1 79  ? 7.697   9.603   3.342   1.00 19.23 ? 80  PRO A CD  1 
ATOM   658  N N   . LEU A 1 80  ? 4.422   7.542   6.149   1.00 13.17 ? 81  LEU A N   1 
ATOM   659  C CA  . LEU A 1 80  ? 3.356   7.754   7.126   1.00 12.28 ? 81  LEU A CA  1 
ATOM   660  C C   . LEU A 1 80  ? 3.741   7.315   8.530   1.00 14.07 ? 81  LEU A C   1 
ATOM   661  O O   . LEU A 1 80  ? 4.557   6.409   8.724   1.00 15.47 ? 81  LEU A O   1 
ATOM   662  C CB  . LEU A 1 80  ? 2.092   6.991   6.705   1.00 18.29 ? 81  LEU A CB  1 
ATOM   663  C CG  . LEU A 1 80  ? 1.424   7.371   5.385   1.00 19.93 ? 81  LEU A CG  1 
ATOM   664  C CD1 . LEU A 1 80  ? 0.215   6.479   5.138   1.00 19.61 ? 81  LEU A CD1 1 
ATOM   665  C CD2 . LEU A 1 80  ? 1.024   8.838   5.369   1.00 26.94 ? 81  LEU A CD2 1 
ATOM   666  N N   . PHE A 1 81  ? 3.124   7.967   9.518   1.00 13.09 ? 82  PHE A N   1 
ATOM   667  C CA  . PHE A 1 81  ? 3.165   7.518   10.894  1.00 14.24 ? 82  PHE A CA  1 
ATOM   668  C C   . PHE A 1 81  ? 2.256   6.301   11.063  1.00 15.50 ? 82  PHE A C   1 
ATOM   669  O O   . PHE A 1 81  ? 1.034   6.409   10.907  1.00 14.70 ? 82  PHE A O   1 
ATOM   670  C CB  . PHE A 1 81  ? 2.739   8.696   11.796  1.00 14.28 ? 82  PHE A CB  1 
ATOM   671  C CG  . PHE A 1 81  ? 2.579   8.363   13.254  1.00 18.97 ? 82  PHE A CG  1 
ATOM   672  C CD1 . PHE A 1 81  ? 1.358   7.950   13.748  1.00 15.78 ? 82  PHE A CD1 1 
ATOM   673  C CD2 . PHE A 1 81  ? 3.631   8.540   14.142  1.00 18.90 ? 82  PHE A CD2 1 
ATOM   674  C CE1 . PHE A 1 81  ? 1.190   7.664   15.107  1.00 17.88 ? 82  PHE A CE1 1 
ATOM   675  C CE2 . PHE A 1 81  ? 3.468   8.265   15.503  1.00 19.30 ? 82  PHE A CE2 1 
ATOM   676  C CZ  . PHE A 1 81  ? 2.248   7.824   15.974  1.00 19.90 ? 82  PHE A CZ  1 
ATOM   677  N N   . HIS A 1 82  ? 2.854   5.141   11.335  1.00 13.18 ? 83  HIS A N   1 
ATOM   678  C CA  . HIS A 1 82  ? 2.141   3.873   11.506  1.00 11.65 ? 83  HIS A CA  1 
ATOM   679  C C   . HIS A 1 82  ? 3.146   2.837   11.990  1.00 13.04 ? 83  HIS A C   1 
ATOM   680  O O   . HIS A 1 82  ? 4.276   2.812   11.494  1.00 13.82 ? 83  HIS A O   1 
ATOM   681  C CB  . HIS A 1 82  ? 1.483   3.413   10.196  1.00 13.90 ? 83  HIS A CB  1 
ATOM   682  C CG  . HIS A 1 82  ? 0.630   2.191   10.345  1.00 14.44 ? 83  HIS A CG  1 
ATOM   683  N ND1 . HIS A 1 82  ? 1.153   0.918   10.424  1.00 12.29 ? 83  HIS A ND1 1 
ATOM   684  C CD2 . HIS A 1 82  ? -0.715  2.051   10.436  1.00 14.32 ? 83  HIS A CD2 1 
ATOM   685  C CE1 . HIS A 1 82  ? 0.170   0.045   10.545  1.00 15.21 ? 83  HIS A CE1 1 
ATOM   686  N NE2 . HIS A 1 82  ? -0.974  0.708   10.569  1.00 14.37 ? 83  HIS A NE2 1 
ATOM   687  N N   . PRO A 1 83  ? 2.756   1.974   12.937  1.00 13.04 ? 84  PRO A N   1 
ATOM   688  C CA  . PRO A 1 83  ? 3.753   1.053   13.493  1.00 14.12 ? 84  PRO A CA  1 
ATOM   689  C C   . PRO A 1 83  ? 4.406   0.124   12.473  1.00 14.16 ? 84  PRO A C   1 
ATOM   690  O O   . PRO A 1 83  ? 5.516   -0.340  12.728  1.00 15.15 ? 84  PRO A O   1 
ATOM   691  C CB  . PRO A 1 83  ? 2.950   0.226   14.493  1.00 15.45 ? 84  PRO A CB  1 
ATOM   692  C CG  . PRO A 1 83  ? 1.848   1.142   14.925  1.00 14.15 ? 84  PRO A CG  1 
ATOM   693  C CD  . PRO A 1 83  ? 1.472   1.893   13.665  1.00 15.15 ? 84  PRO A CD  1 
ATOM   694  N N   . ASN A 1 84  ? 3.727   -0.157  11.361  1.00 12.48 ? 85  ASN A N   1 
ATOM   695  C CA  . ASN A 1 84  ? 4.195   -1.149  10.399  1.00 13.76 ? 85  ASN A CA  1 
ATOM   696  C C   . ASN A 1 84  ? 4.605   -0.542  9.081   1.00 13.08 ? 85  ASN A C   1 
ATOM   697  O O   . ASN A 1 84  ? 4.664   -1.241  8.063   1.00 14.04 ? 85  ASN A O   1 
ATOM   698  C CB  . ASN A 1 84  ? 3.117   -2.197  10.132  1.00 13.70 ? 85  ASN A CB  1 
ATOM   699  C CG  . ASN A 1 84  ? 2.624   -2.833  11.391  1.00 16.94 ? 85  ASN A CG  1 
ATOM   700  O OD1 . ASN A 1 84  ? 1.479   -2.638  11.773  1.00 16.88 ? 85  ASN A OD1 1 
ATOM   701  N ND2 . ASN A 1 84  ? 3.488   -3.591  12.054  1.00 19.08 ? 85  ASN A ND2 1 
ATOM   702  N N   . VAL A 1 85  ? 4.869   0.752   9.087   1.00 11.19 ? 86  VAL A N   1 
ATOM   703  C CA  . VAL A 1 85  ? 5.428   1.410   7.914   1.00 10.91 ? 86  VAL A CA  1 
ATOM   704  C C   . VAL A 1 85  ? 6.833   1.886   8.259   1.00 12.16 ? 86  VAL A C   1 
ATOM   705  O O   . VAL A 1 85  ? 7.010   2.648   9.204   1.00 13.12 ? 86  VAL A O   1 
ATOM   706  C CB  . VAL A 1 85  ? 4.544   2.592   7.443   1.00 14.26 ? 86  VAL A CB  1 
ATOM   707  C CG1 . VAL A 1 85  ? 5.212   3.343   6.293   1.00 14.46 ? 86  VAL A CG1 1 
ATOM   708  C CG2 . VAL A 1 85  ? 3.155   2.082   7.035   1.00 13.08 ? 86  VAL A CG2 1 
ATOM   709  N N   . TYR A 1 86  ? 7.832   1.416   7.512   1.00 12.00 ? 87  TYR A N   1 
ATOM   710  C CA  . TYR A 1 86  ? 9.218   1.845   7.744   1.00 11.86 ? 87  TYR A CA  1 
ATOM   711  C C   . TYR A 1 86  ? 9.359   3.342   7.526   1.00 13.59 ? 87  TYR A C   1 
ATOM   712  O O   . TYR A 1 86  ? 8.550   3.953   6.822   1.00 13.34 ? 87  TYR A O   1 
ATOM   713  C CB  . TYR A 1 86  ? 10.180  1.084   6.813   1.00 11.22 ? 87  TYR A CB  1 
ATOM   714  C CG  . TYR A 1 86  ? 10.314  -0.380  7.159   1.00 11.63 ? 87  TYR A CG  1 
ATOM   715  C CD1 . TYR A 1 86  ? 11.098  -0.781  8.230   1.00 13.27 ? 87  TYR A CD1 1 
ATOM   716  C CD2 . TYR A 1 86  ? 9.682   -1.358  6.401   1.00 13.10 ? 87  TYR A CD2 1 
ATOM   717  C CE1 . TYR A 1 86  ? 11.226  -2.121  8.557   1.00 15.24 ? 87  TYR A CE1 1 
ATOM   718  C CE2 . TYR A 1 86  ? 9.806   -2.714  6.710   1.00 13.63 ? 87  TYR A CE2 1 
ATOM   719  C CZ  . TYR A 1 86  ? 10.583  -3.081  7.789   1.00 15.99 ? 87  TYR A CZ  1 
ATOM   720  O OH  . TYR A 1 86  ? 10.716  -4.400  8.126   1.00 19.83 ? 87  TYR A OH  1 
ATOM   721  N N   . PRO A 1 87  ? 10.405  3.946   8.121   1.00 14.28 ? 88  PRO A N   1 
ATOM   722  C CA  . PRO A 1 87  ? 10.688  5.364   7.891   1.00 15.18 ? 88  PRO A CA  1 
ATOM   723  C C   . PRO A 1 87  ? 10.822  5.718   6.421   1.00 13.12 ? 88  PRO A C   1 
ATOM   724  O O   . PRO A 1 87  ? 10.554  6.860   6.050   1.00 17.42 ? 88  PRO A O   1 
ATOM   725  C CB  . PRO A 1 87  ? 12.017  5.575   8.630   1.00 15.82 ? 88  PRO A CB  1 
ATOM   726  C CG  . PRO A 1 87  ? 11.946  4.614   9.757   1.00 17.99 ? 88  PRO A CG  1 
ATOM   727  C CD  . PRO A 1 87  ? 11.245  3.384   9.193   1.00 14.11 ? 88  PRO A CD  1 
ATOM   728  N N   . SER A 1 88  ? 11.227  4.757   5.587   1.00 12.20 ? 89  SER A N   1 
ATOM   729  C CA  . SER A 1 88  ? 11.341  4.978   4.157   1.00 13.48 ? 89  SER A CA  1 
ATOM   730  C C   . SER A 1 88  ? 9.995   5.121   3.450   1.00 15.36 ? 89  SER A C   1 
ATOM   731  O O   . SER A 1 88  ? 9.929   5.606   2.321   1.00 15.47 ? 89  SER A O   1 
ATOM   732  C CB  . SER A 1 88  ? 12.078  3.818   3.524   1.00 13.66 ? 89  SER A CB  1 
ATOM   733  O OG  . SER A 1 88  ? 11.266  2.647   3.607   1.00 13.10 ? 89  SER A OG  1 
ATOM   734  N N   . GLY A 1 89  ? 8.944   4.647   4.107   1.00 12.91 ? 90  GLY A N   1 
ATOM   735  C CA  . GLY A 1 89  ? 7.626   4.579   3.508   1.00 11.77 ? 90  GLY A CA  1 
ATOM   736  C C   . GLY A 1 89  ? 7.203   3.171   3.140   1.00 13.70 ? 90  GLY A C   1 
ATOM   737  O O   . GLY A 1 89  ? 6.024   2.921   2.892   1.00 11.80 ? 90  GLY A O   1 
ATOM   738  N N   A THR A 1 90  ? 8.160   2.249   3.095   0.83 11.73 ? 91  THR A N   1 
ATOM   739  N N   B THR A 1 90  ? 8.155   2.244   3.079   0.17 11.77 ? 91  THR A N   1 
ATOM   740  C CA  A THR A 1 90  ? 7.854   0.885   2.685   0.83 8.23  ? 91  THR A CA  1 
ATOM   741  C CA  B THR A 1 90  ? 7.833   0.886   2.649   0.17 8.51  ? 91  THR A CA  1 
ATOM   742  C C   A THR A 1 90  ? 6.929   0.210   3.690   0.83 11.63 ? 91  THR A C   1 
ATOM   743  C C   B THR A 1 90  ? 6.960   0.170   3.674   0.17 11.64 ? 91  THR A C   1 
ATOM   744  O O   A THR A 1 90  ? 7.106   0.345   4.904   0.83 13.26 ? 91  THR A O   1 
ATOM   745  O O   B THR A 1 90  ? 7.217   0.219   4.878   0.17 13.07 ? 91  THR A O   1 
ATOM   746  C CB  A THR A 1 90  ? 9.132   0.071   2.519   0.83 11.08 ? 91  THR A CB  1 
ATOM   747  C CB  B THR A 1 90  ? 9.096   0.049   2.386   0.17 11.27 ? 91  THR A CB  1 
ATOM   748  O OG1 A THR A 1 90  ? 9.942   0.714   1.532   0.83 14.17 ? 91  THR A OG1 1 
ATOM   749  O OG1 B THR A 1 90  ? 9.910   0.011   3.563   0.17 9.97  ? 91  THR A OG1 1 
ATOM   750  C CG2 A THR A 1 90  ? 8.809   -1.341  2.058   0.83 12.67 ? 91  THR A CG2 1 
ATOM   751  C CG2 B THR A 1 90  ? 9.889   0.645   1.235   0.17 14.17 ? 91  THR A CG2 1 
ATOM   752  N N   . VAL A 1 91  ? 5.919   -0.487  3.174   1.00 11.32 ? 92  VAL A N   1 
ATOM   753  C CA  . VAL A 1 91  ? 4.940   -1.169  4.012   1.00 12.79 ? 92  VAL A CA  1 
ATOM   754  C C   . VAL A 1 91  ? 5.418   -2.556  4.416   1.00 14.51 ? 92  VAL A C   1 
ATOM   755  O O   . VAL A 1 91  ? 5.869   -3.323  3.556   1.00 15.50 ? 92  VAL A O   1 
ATOM   756  C CB  . VAL A 1 91  ? 3.596   -1.310  3.262   1.00 17.35 ? 92  VAL A CB  1 
ATOM   757  C CG1 . VAL A 1 91  ? 2.574   -2.116  4.084   1.00 15.17 ? 92  VAL A CG1 1 
ATOM   758  C CG2 . VAL A 1 91  ? 3.057   0.056   2.888   1.00 14.35 ? 92  VAL A CG2 1 
ATOM   759  N N   . CYS A 1 92  ? 5.330   -2.866  5.711   1.00 13.11 ? 93  CYS A N   1 
ATOM   760  C CA  . CYS A 1 92  ? 5.649   -4.189  6.242   1.00 14.04 ? 93  CYS A CA  1 
ATOM   761  C C   . CYS A 1 92  ? 4.347   -4.975  6.445   1.00 15.50 ? 93  CYS A C   1 
ATOM   762  O O   . CYS A 1 92  ? 3.556   -4.659  7.329   1.00 15.59 ? 93  CYS A O   1 
ATOM   763  C CB  . CYS A 1 92  ? 6.424   -4.063  7.557   1.00 18.30 ? 93  CYS A CB  1 
ATOM   764  S SG  . CYS A 1 92  ? 6.927   -5.632  8.320   1.00 23.63 ? 93  CYS A SG  1 
ATOM   765  N N   . LEU A 1 93  ? 4.138   -5.989  5.608   1.00 13.87 ? 94  LEU A N   1 
ATOM   766  C CA  . LEU A 1 93  ? 2.886   -6.749  5.590   1.00 14.63 ? 94  LEU A CA  1 
ATOM   767  C C   . LEU A 1 93  ? 3.214   -8.130  5.041   1.00 14.88 ? 94  LEU A C   1 
ATOM   768  O O   . LEU A 1 93  ? 3.928   -8.232  4.049   1.00 14.66 ? 94  LEU A O   1 
ATOM   769  C CB  . LEU A 1 93  ? 1.839   -6.046  4.727   1.00 14.66 ? 94  LEU A CB  1 
ATOM   770  C CG  . LEU A 1 93  ? 0.430   -6.616  4.604   1.00 14.22 ? 94  LEU A CG  1 
ATOM   771  C CD1 . LEU A 1 93  ? -0.226  -6.692  5.984   1.00 18.45 ? 94  LEU A CD1 1 
ATOM   772  C CD2 . LEU A 1 93  ? -0.424  -5.786  3.658   1.00 15.97 ? 94  LEU A CD2 1 
ATOM   773  N N   . SER A 1 94  ? 2.688   -9.184  5.672   1.00 17.85 ? 95  SER A N   1 
ATOM   774  C CA  A SER A 1 94  ? 3.077   -10.559 5.349   0.39 18.21 ? 95  SER A CA  1 
ATOM   775  C CA  B SER A 1 94  ? 3.119   -10.539 5.338   0.61 18.15 ? 95  SER A CA  1 
ATOM   776  C C   . SER A 1 94  ? 2.766   -10.940 3.905   1.00 13.44 ? 95  SER A C   1 
ATOM   777  O O   . SER A 1 94  ? 3.547   -11.644 3.253   1.00 17.59 ? 95  SER A O   1 
ATOM   778  C CB  A SER A 1 94  ? 2.383   -11.540 6.294   0.39 21.29 ? 95  SER A CB  1 
ATOM   779  C CB  B SER A 1 94  ? 2.528   -11.544 6.328   0.61 21.47 ? 95  SER A CB  1 
ATOM   780  O OG  A SER A 1 94  ? 0.979   -11.492 6.123   0.39 25.19 ? 95  SER A OG  1 
ATOM   781  O OG  B SER A 1 94  ? 3.163   -11.416 7.589   0.61 23.16 ? 95  SER A OG  1 
ATOM   782  N N   . ILE A 1 95  ? 1.628   -10.475 3.394   1.00 15.26 ? 96  ILE A N   1 
ATOM   783  C CA  . ILE A 1 95  ? 1.314   -10.805 1.997   1.00 13.73 ? 96  ILE A CA  1 
ATOM   784  C C   . ILE A 1 95  ? 2.252   -10.103 1.013   1.00 16.02 ? 96  ILE A C   1 
ATOM   785  O O   . ILE A 1 95  ? 2.240   -10.438 -0.169  1.00 17.15 ? 96  ILE A O   1 
ATOM   786  C CB  . ILE A 1 95  ? -0.138  -10.471 1.601   1.00 15.53 ? 96  ILE A CB  1 
ATOM   787  C CG1 . ILE A 1 95  ? -0.436  -8.975  1.746   1.00 17.05 ? 96  ILE A CG1 1 
ATOM   788  C CG2 . ILE A 1 95  ? -1.136  -11.330 2.379   1.00 22.72 ? 96  ILE A CG2 1 
ATOM   789  C CD1 . ILE A 1 95  ? -1.720  -8.564  1.040   1.00 20.62 ? 96  ILE A CD1 1 
ATOM   790  N N   . LEU A 1 96  ? 3.065   -9.151  1.489   1.00 14.07 ? 97  LEU A N   1 
ATOM   791  C CA  . LEU A 1 96  ? 4.008   -8.455  0.610   1.00 12.92 ? 97  LEU A CA  1 
ATOM   792  C C   . LEU A 1 96  ? 5.439   -9.003  0.692   1.00 14.62 ? 97  LEU A C   1 
ATOM   793  O O   . LEU A 1 96  ? 6.387   -8.353  0.270   1.00 16.57 ? 97  LEU A O   1 
ATOM   794  C CB  . LEU A 1 96  ? 4.004   -6.953  0.907   1.00 14.07 ? 97  LEU A CB  1 
ATOM   795  C CG  . LEU A 1 96  ? 2.656   -6.284  0.630   1.00 17.03 ? 97  LEU A CG  1 
ATOM   796  C CD1 . LEU A 1 96  ? 2.691   -4.798  0.986   1.00 17.49 ? 97  LEU A CD1 1 
ATOM   797  C CD2 . LEU A 1 96  ? 2.257   -6.471  -0.834  1.00 22.88 ? 97  LEU A CD2 1 
ATOM   798  N N   A GLU A 1 97  ? 5.577   -10.218 1.213   0.56 16.50 ? 98  GLU A N   1 
ATOM   799  N N   B GLU A 1 97  ? 5.587   -10.202 1.249   0.44 16.53 ? 98  GLU A N   1 
ATOM   800  C CA  A GLU A 1 97  ? 6.873   -10.883 1.273   0.56 14.47 ? 98  GLU A CA  1 
ATOM   801  C CA  B GLU A 1 97  ? 6.883   -10.876 1.266   0.44 14.53 ? 98  GLU A CA  1 
ATOM   802  C C   A GLU A 1 97  ? 6.758   -12.256 0.637   0.56 15.53 ? 98  GLU A C   1 
ATOM   803  C C   B GLU A 1 97  ? 6.749   -12.246 0.624   0.44 15.57 ? 98  GLU A C   1 
ATOM   804  O O   A GLU A 1 97  ? 5.911   -13.051 1.038   0.56 18.90 ? 98  GLU A O   1 
ATOM   805  O O   B GLU A 1 97  ? 5.885   -13.032 1.011   0.44 18.87 ? 98  GLU A O   1 
ATOM   806  C CB  A GLU A 1 97  ? 7.364   -10.995 2.720   0.56 20.71 ? 98  GLU A CB  1 
ATOM   807  C CB  B GLU A 1 97  ? 7.434   -11.008 2.693   0.44 20.70 ? 98  GLU A CB  1 
ATOM   808  C CG  A GLU A 1 97  ? 7.567   -9.642  3.393   0.56 21.72 ? 98  GLU A CG  1 
ATOM   809  C CG  B GLU A 1 97  ? 8.776   -11.735 2.748   0.44 24.02 ? 98  GLU A CG  1 
ATOM   810  C CD  A GLU A 1 97  ? 8.152   -9.749  4.790   0.56 36.71 ? 98  GLU A CD  1 
ATOM   811  C CD  B GLU A 1 97  ? 9.544   -11.521 4.045   0.44 32.82 ? 98  GLU A CD  1 
ATOM   812  O OE1 A GLU A 1 97  ? 9.192   -10.423 4.955   0.56 36.27 ? 98  GLU A OE1 1 
ATOM   813  O OE1 B GLU A 1 97  ? 9.138   -10.658 4.852   0.44 36.07 ? 98  GLU A OE1 1 
ATOM   814  O OE2 A GLU A 1 97  ? 7.570   -9.152  5.724   0.56 43.68 ? 98  GLU A OE2 1 
ATOM   815  O OE2 B GLU A 1 97  ? 10.564  -12.220 4.251   0.44 26.50 ? 98  GLU A OE2 1 
ATOM   816  N N   . GLU A 1 98  ? 7.610   -12.504 -0.355  1.00 18.21 ? 99  GLU A N   1 
ATOM   817  C CA  . GLU A 1 98  ? 7.614   -13.745 -1.128  1.00 19.30 ? 99  GLU A CA  1 
ATOM   818  C C   . GLU A 1 98  ? 7.732   -14.971 -0.235  1.00 27.88 ? 99  GLU A C   1 
ATOM   819  O O   . GLU A 1 98  ? 7.062   -15.988 -0.456  1.00 28.43 ? 99  GLU A O   1 
ATOM   820  C CB  . GLU A 1 98  ? 8.773   -13.701 -2.128  1.00 25.15 ? 99  GLU A CB  1 
ATOM   821  C CG  . GLU A 1 98  ? 8.793   -14.789 -3.193  1.00 24.92 ? 99  GLU A CG  1 
ATOM   822  C CD  . GLU A 1 98  ? 9.999   -14.639 -4.113  1.00 32.97 ? 99  GLU A CD  1 
ATOM   823  O OE1 . GLU A 1 98  ? 10.127  -13.575 -4.764  1.00 28.19 ? 99  GLU A OE1 1 
ATOM   824  O OE2 . GLU A 1 98  ? 10.836  -15.569 -4.163  1.00 30.83 ? 99  GLU A OE2 1 
ATOM   825  N N   . ASP A 1 99  ? 8.569   -14.862 0.789   1.00 23.40 ? 100 ASP A N   1 
ATOM   826  C CA  . ASP A 1 99  ? 8.824   -15.980 1.692   1.00 33.25 ? 100 ASP A CA  1 
ATOM   827  C C   . ASP A 1 99  ? 7.783   -16.122 2.795   1.00 34.20 ? 100 ASP A C   1 
ATOM   828  O O   . ASP A 1 99  ? 7.836   -17.070 3.578   1.00 35.38 ? 100 ASP A O   1 
ATOM   829  C CB  . ASP A 1 99  ? 10.214  -15.846 2.314   1.00 39.93 ? 100 ASP A CB  1 
ATOM   830  C CG  . ASP A 1 99  ? 11.323  -16.034 1.298   1.00 54.76 ? 100 ASP A CG  1 
ATOM   831  O OD1 . ASP A 1 99  ? 11.162  -16.877 0.389   1.00 50.98 ? 100 ASP A OD1 1 
ATOM   832  O OD2 . ASP A 1 99  ? 12.354  -15.335 1.407   1.00 74.15 ? 100 ASP A OD2 1 
ATOM   833  N N   . LYS A 1 100 ? 6.835   -15.193 2.869   1.00 23.11 ? 101 LYS A N   1 
ATOM   834  C CA  . LYS A 1 100 ? 5.794   -15.302 3.872   1.00 18.93 ? 101 LYS A CA  1 
ATOM   835  C C   . LYS A 1 100 ? 4.440   -15.620 3.244   1.00 26.24 ? 101 LYS A C   1 
ATOM   836  O O   . LYS A 1 100 ? 4.192   -16.769 2.871   1.00 30.73 ? 101 LYS A O   1 
ATOM   837  C CB  . LYS A 1 100 ? 5.731   -14.030 4.725   1.00 24.22 ? 101 LYS A CB  1 
ATOM   838  C CG  . LYS A 1 100 ? 6.967   -13.868 5.602   1.00 30.98 ? 101 LYS A CG  1 
ATOM   839  C CD  . LYS A 1 100 ? 6.843   -12.707 6.580   1.00 31.40 ? 101 LYS A CD  1 
ATOM   840  C CE  . LYS A 1 100 ? 8.124   -12.552 7.389   1.00 36.43 ? 101 LYS A CE  1 
ATOM   841  N NZ  . LYS A 1 100 ? 8.067   -11.384 8.315   1.00 56.42 ? 101 LYS A NZ  1 
ATOM   842  N N   . ASP A 1 101 ? 3.568   -14.629 3.109   1.00 20.67 ? 102 ASP A N   1 
ATOM   843  C CA  . ASP A 1 101 ? 2.193   -14.909 2.698   1.00 18.25 ? 102 ASP A CA  1 
ATOM   844  C C   . ASP A 1 101 ? 1.860   -14.455 1.273   1.00 15.49 ? 102 ASP A C   1 
ATOM   845  O O   . ASP A 1 101 ? 0.701   -14.527 0.862   1.00 18.30 ? 102 ASP A O   1 
ATOM   846  C CB  . ASP A 1 101 ? 1.210   -14.277 3.687   1.00 18.94 ? 102 ASP A CB  1 
ATOM   847  C CG  . ASP A 1 101 ? 1.165   -15.014 5.018   1.00 31.07 ? 102 ASP A CG  1 
ATOM   848  O OD1 . ASP A 1 101 ? 1.699   -16.138 5.098   1.00 36.49 ? 102 ASP A OD1 1 
ATOM   849  O OD2 . ASP A 1 101 ? 0.581   -14.472 5.982   1.00 32.74 ? 102 ASP A OD2 1 
ATOM   850  N N   . TRP A 1 102 ? 2.852   -14.002 0.512   1.00 15.18 ? 103 TRP A N   1 
ATOM   851  C CA  . TRP A 1 102 ? 2.589   -13.671 -0.886  1.00 12.17 ? 103 TRP A CA  1 
ATOM   852  C C   . TRP A 1 102 ? 2.180   -14.924 -1.656  1.00 14.75 ? 103 TRP A C   1 
ATOM   853  O O   . TRP A 1 102 ? 2.728   -15.999 -1.438  1.00 18.11 ? 103 TRP A O   1 
ATOM   854  C CB  . TRP A 1 102 ? 3.812   -13.033 -1.562  1.00 15.47 ? 103 TRP A CB  1 
ATOM   855  C CG  . TRP A 1 102 ? 3.650   -12.860 -3.057  1.00 12.86 ? 103 TRP A CG  1 
ATOM   856  C CD1 . TRP A 1 102 ? 4.292   -13.568 -4.052  1.00 11.06 ? 103 TRP A CD1 1 
ATOM   857  C CD2 . TRP A 1 102 ? 2.780   -11.934 -3.725  1.00 10.03 ? 103 TRP A CD2 1 
ATOM   858  N NE1 . TRP A 1 102 ? 3.867   -13.130 -5.296  1.00 12.93 ? 103 TRP A NE1 1 
ATOM   859  C CE2 . TRP A 1 102 ? 2.946   -12.130 -5.122  1.00 10.57 ? 103 TRP A CE2 1 
ATOM   860  C CE3 . TRP A 1 102 ? 1.867   -10.967 -3.280  1.00 11.22 ? 103 TRP A CE3 1 
ATOM   861  C CZ2 . TRP A 1 102 ? 2.241   -11.377 -6.073  1.00 11.72 ? 103 TRP A CZ2 1 
ATOM   862  C CZ3 . TRP A 1 102 ? 1.165   -10.221 -4.235  1.00 13.12 ? 103 TRP A CZ3 1 
ATOM   863  C CH2 . TRP A 1 102 ? 1.358   -10.435 -5.612  1.00 13.79 ? 103 TRP A CH2 1 
ATOM   864  N N   . ARG A 1 103 ? 1.170   -14.753 -2.505  1.00 12.41 ? 104 ARG A N   1 
ATOM   865  C CA  A ARG A 1 103 ? 0.761   -15.767 -3.470  0.47 12.55 ? 104 ARG A CA  1 
ATOM   866  C CA  B ARG A 1 103 ? 0.742   -15.763 -3.472  0.53 12.56 ? 104 ARG A CA  1 
ATOM   867  C C   . ARG A 1 103 ? 0.617   -15.077 -4.814  1.00 11.47 ? 104 ARG A C   1 
ATOM   868  O O   . ARG A 1 103 ? 0.046   -14.001 -4.886  1.00 13.74 ? 104 ARG A O   1 
ATOM   869  C CB  A ARG A 1 103 ? -0.565  -16.428 -3.063  0.47 15.59 ? 104 ARG A CB  1 
ATOM   870  C CB  B ARG A 1 103 ? -0.609  -16.377 -3.086  0.53 15.51 ? 104 ARG A CB  1 
ATOM   871  C CG  A ARG A 1 103 ? -0.504  -17.238 -1.776  0.47 18.27 ? 104 ARG A CG  1 
ATOM   872  C CG  B ARG A 1 103 ? -0.600  -17.217 -1.834  0.53 18.35 ? 104 ARG A CG  1 
ATOM   873  C CD  A ARG A 1 103 ? -1.844  -17.925 -1.491  0.47 25.08 ? 104 ARG A CD  1 
ATOM   874  C CD  B ARG A 1 103 ? -2.015  -17.694 -1.511  0.53 25.68 ? 104 ARG A CD  1 
ATOM   875  N NE  A ARG A 1 103 ? -1.739  -18.895 -0.404  0.47 21.93 ? 104 ARG A NE  1 
ATOM   876  N NE  B ARG A 1 103 ? -2.820  -16.643 -0.889  0.53 20.75 ? 104 ARG A NE  1 
ATOM   877  C CZ  A ARG A 1 103 ? -2.524  -19.959 -0.271  0.47 17.51 ? 104 ARG A CZ  1 
ATOM   878  C CZ  B ARG A 1 103 ? -3.792  -15.965 -1.494  0.53 22.67 ? 104 ARG A CZ  1 
ATOM   879  N NH1 A ARG A 1 103 ? -3.473  -20.197 -1.162  0.47 13.62 ? 104 ARG A NH1 1 
ATOM   880  N NH1 B ARG A 1 103 ? -4.458  -15.036 -0.821  0.53 25.88 ? 104 ARG A NH1 1 
ATOM   881  N NH2 A ARG A 1 103 ? -2.346  -20.793 0.743   0.47 21.78 ? 104 ARG A NH2 1 
ATOM   882  N NH2 B ARG A 1 103 ? -4.108  -16.211 -2.762  0.53 17.35 ? 104 ARG A NH2 1 
ATOM   883  N N   . PRO A 1 104 ? 1.132   -15.702 -5.887  1.00 11.28 ? 105 PRO A N   1 
ATOM   884  C CA  . PRO A 1 104 ? 1.038   -15.045 -7.199  1.00 13.14 ? 105 PRO A CA  1 
ATOM   885  C C   . PRO A 1 104 ? -0.384  -14.614 -7.593  1.00 13.35 ? 105 PRO A C   1 
ATOM   886  O O   . PRO A 1 104 ? -0.512  -13.610 -8.297  1.00 15.05 ? 105 PRO A O   1 
ATOM   887  C CB  . PRO A 1 104 ? 1.580   -16.111 -8.151  1.00 15.16 ? 105 PRO A CB  1 
ATOM   888  C CG  . PRO A 1 104 ? 2.599   -16.836 -7.309  1.00 16.20 ? 105 PRO A CG  1 
ATOM   889  C CD  . PRO A 1 104 ? 1.990   -16.897 -5.921  1.00 13.17 ? 105 PRO A CD  1 
ATOM   890  N N   . ALA A 1 105 ? -1.419  -15.323 -7.140  1.00 15.05 ? 106 ALA A N   1 
ATOM   891  C CA  . ALA A 1 105 ? -2.799  -14.993 -7.504  1.00 16.58 ? 106 ALA A CA  1 
ATOM   892  C C   . ALA A 1 105 ? -3.340  -13.708 -6.867  1.00 14.29 ? 106 ALA A C   1 
ATOM   893  O O   . ALA A 1 105 ? -4.404  -13.228 -7.254  1.00 16.92 ? 106 ALA A O   1 
ATOM   894  C CB  . ALA A 1 105 ? -3.732  -16.163 -7.143  1.00 16.94 ? 106 ALA A CB  1 
ATOM   895  N N   . ILE A 1 106 ? -2.619  -13.155 -5.897  1.00 14.09 ? 107 ILE A N   1 
ATOM   896  C CA  . ILE A 1 106 ? -3.102  -11.959 -5.198  1.00 15.03 ? 107 ILE A CA  1 
ATOM   897  C C   . ILE A 1 106 ? -3.164  -10.770 -6.160  1.00 12.96 ? 107 ILE A C   1 
ATOM   898  O O   . ILE A 1 106 ? -2.230  -10.534 -6.936  1.00 15.65 ? 107 ILE A O   1 
ATOM   899  C CB  . ILE A 1 106 ? -2.206  -11.639 -3.985  1.00 10.56 ? 107 ILE A CB  1 
ATOM   900  C CG1 . ILE A 1 106 ? -2.341  -12.740 -2.934  1.00 14.78 ? 107 ILE A CG1 1 
ATOM   901  C CG2 . ILE A 1 106 ? -2.575  -10.301 -3.367  1.00 12.94 ? 107 ILE A CG2 1 
ATOM   902  C CD1 . ILE A 1 106 ? -1.492  -12.527 -1.686  1.00 15.78 ? 107 ILE A CD1 1 
ATOM   903  N N   . THR A 1 107 ? -4.281  -10.052 -6.127  1.00 12.69 ? 108 THR A N   1 
ATOM   904  C CA  . THR A 1 107 ? -4.547  -8.975  -7.065  1.00 13.38 ? 108 THR A CA  1 
ATOM   905  C C   . THR A 1 107 ? -4.149  -7.627  -6.488  1.00 14.05 ? 108 THR A C   1 
ATOM   906  O O   . THR A 1 107 ? -3.985  -7.488  -5.279  1.00 13.69 ? 108 THR A O   1 
ATOM   907  C CB  . THR A 1 107 ? -6.037  -8.903  -7.433  1.00 14.04 ? 108 THR A CB  1 
ATOM   908  O OG1 . THR A 1 107 ? -6.802  -8.595  -6.264  1.00 15.35 ? 108 THR A OG1 1 
ATOM   909  C CG2 . THR A 1 107 ? -6.514  -10.238 -8.011  1.00 17.53 ? 108 THR A CG2 1 
ATOM   910  N N   . ILE A 1 108 ? -4.002  -6.637  -7.361  1.00 14.35 ? 109 ILE A N   1 
ATOM   911  C CA  . ILE A 1 108 ? -3.722  -5.282  -6.888  1.00 12.24 ? 109 ILE A CA  1 
ATOM   912  C C   . ILE A 1 108 ? -4.831  -4.793  -5.947  1.00 15.20 ? 109 ILE A C   1 
ATOM   913  O O   . ILE A 1 108 ? -4.548  -4.149  -4.929  1.00 14.68 ? 109 ILE A O   1 
ATOM   914  C CB  . ILE A 1 108 ? -3.534  -4.319  -8.079  1.00 13.45 ? 109 ILE A CB  1 
ATOM   915  C CG1 . ILE A 1 108 ? -2.193  -4.622  -8.762  1.00 16.83 ? 109 ILE A CG1 1 
ATOM   916  C CG2 . ILE A 1 108 ? -3.602  -2.854  -7.610  1.00 20.33 ? 109 ILE A CG2 1 
ATOM   917  C CD1 . ILE A 1 108 ? -1.938  -3.821  -10.031 1.00 20.75 ? 109 ILE A CD1 1 
ATOM   918  N N   . LYS A 1 109 ? -6.088  -5.128  -6.243  1.00 14.23 ? 110 LYS A N   1 
ATOM   919  C CA  . LYS A 1 109 ? -7.178  -4.757  -5.347  1.00 13.62 ? 110 LYS A CA  1 
ATOM   920  C C   . LYS A 1 109 ? -7.019  -5.378  -3.961  1.00 13.08 ? 110 LYS A C   1 
ATOM   921  O O   . LYS A 1 109 ? -7.225  -4.708  -2.959  1.00 14.57 ? 110 LYS A O   1 
ATOM   922  C CB  . LYS A 1 109 ? -8.535  -5.163  -5.932  1.00 19.45 ? 110 LYS A CB  1 
ATOM   923  C CG  . LYS A 1 109 ? -9.681  -4.907  -4.969  1.00 20.69 ? 110 LYS A CG  1 
ATOM   924  C CD  . LYS A 1 109 ? -10.923 -5.698  -5.332  1.00 35.77 ? 110 LYS A CD  1 
ATOM   925  C CE  . LYS A 1 109 ? -11.471 -5.273  -6.670  1.00 39.57 ? 110 LYS A CE  1 
ATOM   926  N NZ  . LYS A 1 109 ? -12.693 -6.055  -7.027  1.00 50.00 ? 110 LYS A NZ  1 
ATOM   927  N N   . GLN A 1 110 ? -6.651  -6.654  -3.903  1.00 11.97 ? 111 GLN A N   1 
ATOM   928  C CA  . GLN A 1 110 ? -6.426  -7.311  -2.620  1.00 13.05 ? 111 GLN A CA  1 
ATOM   929  C C   . GLN A 1 110 ? -5.254  -6.703  -1.850  1.00 12.35 ? 111 GLN A C   1 
ATOM   930  O O   . GLN A 1 110 ? -5.320  -6.557  -0.626  1.00 13.05 ? 111 GLN A O   1 
ATOM   931  C CB  . GLN A 1 110 ? -6.214  -8.806  -2.839  1.00 15.14 ? 111 GLN A CB  1 
ATOM   932  C CG  . GLN A 1 110 ? -7.527  -9.486  -3.201  1.00 15.98 ? 111 GLN A CG  1 
ATOM   933  C CD  . GLN A 1 110 ? -7.356  -10.934 -3.574  1.00 20.02 ? 111 GLN A CD  1 
ATOM   934  O OE1 . GLN A 1 110 ? -6.345  -11.332 -4.138  1.00 16.80 ? 111 GLN A OE1 1 
ATOM   935  N NE2 . GLN A 1 110 ? -8.359  -11.747 -3.243  1.00 35.60 ? 111 GLN A NE2 1 
ATOM   936  N N   . ILE A 1 111 ? -4.205  -6.320  -2.574  1.00 11.17 ? 112 ILE A N   1 
ATOM   937  C CA  . ILE A 1 111 ? -3.093  -5.638  -1.936  1.00 13.09 ? 112 ILE A CA  1 
ATOM   938  C C   . ILE A 1 111 ? -3.542  -4.322  -1.325  1.00 13.21 ? 112 ILE A C   1 
ATOM   939  O O   . ILE A 1 111 ? -3.247  -4.049  -0.169  1.00 13.05 ? 112 ILE A O   1 
ATOM   940  C CB  . ILE A 1 111 ? -1.952  -5.378  -2.922  1.00 10.53 ? 112 ILE A CB  1 
ATOM   941  C CG1 . ILE A 1 111 ? -1.348  -6.706  -3.357  1.00 13.97 ? 112 ILE A CG1 1 
ATOM   942  C CG2 . ILE A 1 111 ? -0.886  -4.466  -2.285  1.00 12.64 ? 112 ILE A CG2 1 
ATOM   943  C CD1 . ILE A 1 111 ? -0.362  -6.569  -4.490  1.00 12.82 ? 112 ILE A CD1 1 
ATOM   944  N N   . LEU A 1 112 ? -4.249  -3.504  -2.097  1.00 10.07 ? 113 LEU A N   1 
ATOM   945  C CA  . LEU A 1 112 ? -4.617  -2.187  -1.596  1.00 12.05 ? 113 LEU A CA  1 
ATOM   946  C C   . LEU A 1 112 ? -5.636  -2.295  -0.458  1.00 11.91 ? 113 LEU A C   1 
ATOM   947  O O   . LEU A 1 112 ? -5.559  -1.532  0.505   1.00 13.47 ? 113 LEU A O   1 
ATOM   948  C CB  . LEU A 1 112 ? -5.141  -1.317  -2.736  1.00 12.49 ? 113 LEU A CB  1 
ATOM   949  C CG  . LEU A 1 112 ? -4.060  -0.931  -3.754  1.00 12.04 ? 113 LEU A CG  1 
ATOM   950  C CD1 . LEU A 1 112 ? -4.664  -0.157  -4.906  1.00 14.92 ? 113 LEU A CD1 1 
ATOM   951  C CD2 . LEU A 1 112 ? -2.962  -0.117  -3.074  1.00 13.38 ? 113 LEU A CD2 1 
ATOM   952  N N   . LEU A 1 113 ? -6.563  -3.250  -0.538  1.00 12.52 ? 114 LEU A N   1 
ATOM   953  C CA  . LEU A 1 113 ? -7.487  -3.444  0.577   1.00 12.89 ? 114 LEU A CA  1 
ATOM   954  C C   . LEU A 1 113 ? -6.750  -3.988  1.803   1.00 13.46 ? 114 LEU A C   1 
ATOM   955  O O   . LEU A 1 113 ? -7.088  -3.649  2.942   1.00 15.78 ? 114 LEU A O   1 
ATOM   956  C CB  . LEU A 1 113 ? -8.634  -4.379  0.182   1.00 14.28 ? 114 LEU A CB  1 
ATOM   957  C CG  . LEU A 1 113 ? -9.641  -3.751  -0.776  1.00 16.15 ? 114 LEU A CG  1 
ATOM   958  C CD1 . LEU A 1 113 ? -10.489 -4.845  -1.378  1.00 19.32 ? 114 LEU A CD1 1 
ATOM   959  C CD2 . LEU A 1 113 ? -10.504 -2.742  -0.042  1.00 20.54 ? 114 LEU A CD2 1 
ATOM   960  N N   . GLY A 1 114 ? -5.742  -4.822  1.566   1.00 12.52 ? 115 GLY A N   1 
ATOM   961  C CA  . GLY A 1 114 ? -4.926  -5.356  2.639   1.00 14.04 ? 115 GLY A CA  1 
ATOM   962  C C   . GLY A 1 114 ? -4.142  -4.273  3.353   1.00 14.77 ? 115 GLY A C   1 
ATOM   963  O O   . GLY A 1 114 ? -4.033  -4.288  4.584   1.00 14.12 ? 115 GLY A O   1 
ATOM   964  N N   . ILE A 1 115 ? -3.604  -3.323  2.593   1.00 12.28 ? 116 ILE A N   1 
ATOM   965  C CA  . ILE A 1 115 ? -2.897  -2.205  3.200   1.00 12.22 ? 116 ILE A CA  1 
ATOM   966  C C   . ILE A 1 115 ? -3.871  -1.276  3.918   1.00 13.96 ? 116 ILE A C   1 
ATOM   967  O O   . ILE A 1 115 ? -3.565  -0.776  5.007   1.00 14.15 ? 116 ILE A O   1 
ATOM   968  C CB  . ILE A 1 115 ? -2.075  -1.419  2.148   1.00 9.89  ? 116 ILE A CB  1 
ATOM   969  C CG1 . ILE A 1 115 ? -1.001  -2.322  1.561   1.00 12.07 ? 116 ILE A CG1 1 
ATOM   970  C CG2 . ILE A 1 115 ? -1.407  -0.208  2.804   1.00 13.83 ? 116 ILE A CG2 1 
ATOM   971  C CD1 . ILE A 1 115 ? -0.247  -1.713  0.395   1.00 13.88 ? 116 ILE A CD1 1 
ATOM   972  N N   . GLN A 1 116 ? -5.056  -1.053  3.346   1.00 10.97 ? 117 GLN A N   1 
ATOM   973  C CA  . GLN A 1 116 ? -6.046  -0.227  4.058   1.00 13.66 ? 117 GLN A CA  1 
ATOM   974  C C   . GLN A 1 116 ? -6.402  -0.840  5.413   1.00 13.63 ? 117 GLN A C   1 
ATOM   975  O O   . GLN A 1 116 ? -6.543  -0.123  6.412   1.00 15.16 ? 117 GLN A O   1 
ATOM   976  C CB  . GLN A 1 116 ? -7.325  -0.037  3.237   1.00 14.45 ? 117 GLN A CB  1 
ATOM   977  C CG  . GLN A 1 116 ? -8.268  1.009   3.865   1.00 15.09 ? 117 GLN A CG  1 
ATOM   978  C CD  . GLN A 1 116 ? -9.663  0.949   3.269   1.00 15.93 ? 117 GLN A CD  1 
ATOM   979  O OE1 . GLN A 1 116 ? -10.186 -0.143  3.012   1.00 17.70 ? 117 GLN A OE1 1 
ATOM   980  N NE2 . GLN A 1 116 ? -10.260 2.117   3.018   1.00 15.86 ? 117 GLN A NE2 1 
ATOM   981  N N   . GLU A 1 117 ? -6.564  -2.157  5.440   1.00 15.04 ? 118 GLU A N   1 
ATOM   982  C CA  . GLU A 1 117 ? -6.886  -2.868  6.673   1.00 16.79 ? 118 GLU A CA  1 
ATOM   983  C C   . GLU A 1 117 ? -5.739  -2.741  7.672   1.00 17.36 ? 118 GLU A C   1 
ATOM   984  O O   . GLU A 1 117 ? -5.955  -2.542  8.872   1.00 17.86 ? 118 GLU A O   1 
ATOM   985  C CB  . GLU A 1 117 ? -7.193  -4.334  6.372   1.00 19.80 ? 118 GLU A CB  1 
ATOM   986  C CG  . GLU A 1 117 ? -7.391  -5.215  7.599   1.00 23.36 ? 118 GLU A CG  1 
ATOM   987  C CD  . GLU A 1 117 ? -7.297  -6.704  7.275   1.00 61.47 ? 118 GLU A CD  1 
ATOM   988  O OE1 . GLU A 1 117 ? -6.857  -7.060  6.153   1.00 47.18 ? 118 GLU A OE1 1 
ATOM   989  O OE2 . GLU A 1 117 ? -7.661  -7.521  8.148   1.00 69.98 ? 118 GLU A OE2 1 
ATOM   990  N N   . LEU A 1 118 ? -4.510  -2.810  7.170   1.00 15.08 ? 119 LEU A N   1 
ATOM   991  C CA  . LEU A 1 118 ? -3.344  -2.665  8.022   1.00 14.33 ? 119 LEU A CA  1 
ATOM   992  C C   . LEU A 1 118 ? -3.321  -1.292  8.687   1.00 16.62 ? 119 LEU A C   1 
ATOM   993  O O   . LEU A 1 118 ? -2.985  -1.175  9.872   1.00 14.85 ? 119 LEU A O   1 
ATOM   994  C CB  . LEU A 1 118 ? -2.067  -2.870  7.219   1.00 11.48 ? 119 LEU A CB  1 
ATOM   995  C CG  . LEU A 1 118 ? -0.743  -2.669  7.966   1.00 14.61 ? 119 LEU A CG  1 
ATOM   996  C CD1 . LEU A 1 118 ? -0.548  -3.710  9.065   1.00 15.62 ? 119 LEU A CD1 1 
ATOM   997  C CD2 . LEU A 1 118 ? 0.426   -2.704  6.977   1.00 14.18 ? 119 LEU A CD2 1 
ATOM   998  N N   . LEU A 1 119 ? -3.672  -0.256  7.926   1.00 15.02 ? 120 LEU A N   1 
ATOM   999  C CA  . LEU A 1 119 ? -3.629  1.098   8.454   1.00 13.58 ? 120 LEU A CA  1 
ATOM   1000 C C   . LEU A 1 119 ? -4.455  1.166   9.734   1.00 14.42 ? 120 LEU A C   1 
ATOM   1001 O O   . LEU A 1 119 ? -3.996  1.691   10.747  1.00 15.93 ? 120 LEU A O   1 
ATOM   1002 C CB  . LEU A 1 119 ? -4.143  2.122   7.442   1.00 15.68 ? 120 LEU A CB  1 
ATOM   1003 C CG  . LEU A 1 119 ? -3.235  2.393   6.233   1.00 16.97 ? 120 LEU A CG  1 
ATOM   1004 C CD1 . LEU A 1 119 ? -3.911  3.402   5.296   1.00 19.38 ? 120 LEU A CD1 1 
ATOM   1005 C CD2 . LEU A 1 119 ? -1.876  2.882   6.686   1.00 17.03 ? 120 LEU A CD2 1 
ATOM   1006 N N   . ASN A 1 120 ? -5.651  0.592   9.713   1.00 16.10 ? 121 ASN A N   1 
ATOM   1007 C CA  . ASN A 1 120 ? -6.503  0.741   10.887  1.00 23.57 ? 121 ASN A CA  1 
ATOM   1008 C C   . ASN A 1 120 ? -6.289  -0.321  11.964  1.00 19.71 ? 121 ASN A C   1 
ATOM   1009 O O   . ASN A 1 120 ? -6.853  -0.225  13.052  1.00 22.20 ? 121 ASN A O   1 
ATOM   1010 C CB  . ASN A 1 120 ? -7.974  0.758   10.489  1.00 36.97 ? 121 ASN A CB  1 
ATOM   1011 C CG  . ASN A 1 120 ? -8.866  1.234   11.626  1.00 33.21 ? 121 ASN A CG  1 
ATOM   1012 O OD1 . ASN A 1 120 ? -8.520  2.178   12.353  1.00 31.06 ? 121 ASN A OD1 1 
ATOM   1013 N ND2 . ASN A 1 120 ? -9.991  0.554   11.820  1.00 40.02 ? 121 ASN A ND2 1 
ATOM   1014 N N   . GLU A 1 121 ? -5.458  -1.317  11.685  1.00 15.46 ? 122 GLU A N   1 
ATOM   1015 C CA  . GLU A 1 121 ? -5.207  -2.368  12.658  1.00 17.23 ? 122 GLU A CA  1 
ATOM   1016 C C   . GLU A 1 121 ? -3.760  -2.820  12.591  1.00 16.54 ? 122 GLU A C   1 
ATOM   1017 O O   . GLU A 1 121 ? -3.421  -3.785  11.903  1.00 17.66 ? 122 GLU A O   1 
ATOM   1018 C CB  . GLU A 1 121 ? -6.151  -3.551  12.447  1.00 23.72 ? 122 GLU A CB  1 
ATOM   1019 C CG  . GLU A 1 121 ? -5.994  -4.681  13.474  1.00 27.45 ? 122 GLU A CG  1 
ATOM   1020 C CD  . GLU A 1 121 ? -6.247  -4.249  14.923  1.00 36.04 ? 122 GLU A CD  1 
ATOM   1021 O OE1 . GLU A 1 121 ? -6.756  -3.132  15.156  1.00 27.83 ? 122 GLU A OE1 1 
ATOM   1022 O OE2 . GLU A 1 121 ? -5.930  -5.039  15.839  1.00 38.16 ? 122 GLU A OE2 1 
ATOM   1023 N N   . PRO A 1 122 ? -2.898  -2.107  13.308  1.00 17.14 ? 123 PRO A N   1 
ATOM   1024 C CA  . PRO A 1 122 ? -1.476  -2.447  13.314  1.00 19.32 ? 123 PRO A CA  1 
ATOM   1025 C C   . PRO A 1 122 ? -1.181  -3.857  13.821  1.00 22.45 ? 123 PRO A C   1 
ATOM   1026 O O   . PRO A 1 122 ? -1.944  -4.439  14.603  1.00 22.11 ? 123 PRO A O   1 
ATOM   1027 C CB  . PRO A 1 122 ? -0.878  -1.393  14.254  1.00 18.41 ? 123 PRO A CB  1 
ATOM   1028 C CG  . PRO A 1 122 ? -1.788  -0.224  14.117  1.00 18.41 ? 123 PRO A CG  1 
ATOM   1029 C CD  . PRO A 1 122 ? -3.163  -0.850  14.028  1.00 16.82 ? 123 PRO A CD  1 
ATOM   1030 N N   . ASN A 1 123 ? -0.072  -4.401  13.337  1.00 19.16 ? 124 ASN A N   1 
ATOM   1031 C CA  A ASN A 1 123 ? 0.432   -5.691  13.793  0.43 17.42 ? 124 ASN A CA  1 
ATOM   1032 C CA  B ASN A 1 123 ? 0.427   -5.688  13.802  0.57 17.37 ? 124 ASN A CA  1 
ATOM   1033 C C   . ASN A 1 123 ? 1.573   -5.469  14.783  1.00 23.92 ? 124 ASN A C   1 
ATOM   1034 O O   . ASN A 1 123 ? 2.695   -5.183  14.379  1.00 22.07 ? 124 ASN A O   1 
ATOM   1035 C CB  A ASN A 1 123 ? 0.913   -6.545  12.607  0.43 19.55 ? 124 ASN A CB  1 
ATOM   1036 C CB  B ASN A 1 123 ? 0.883   -6.546  12.620  0.57 19.50 ? 124 ASN A CB  1 
ATOM   1037 C CG  A ASN A 1 123 ? -0.224  -6.994  11.697  0.43 21.42 ? 124 ASN A CG  1 
ATOM   1038 C CG  B ASN A 1 123 ? 1.293   -7.945  13.034  0.57 23.50 ? 124 ASN A CG  1 
ATOM   1039 O OD1 A ASN A 1 123 ? -1.288  -7.404  12.165  0.43 25.68 ? 124 ASN A OD1 1 
ATOM   1040 O OD1 B ASN A 1 123 ? 1.463   -8.234  14.219  0.57 24.76 ? 124 ASN A OD1 1 
ATOM   1041 N ND2 A ASN A 1 123 ? 0.005   -6.928  10.384  0.43 18.40 ? 124 ASN A ND2 1 
ATOM   1042 N ND2 B ASN A 1 123 ? 1.464   -8.823  12.052  0.57 29.91 ? 124 ASN A ND2 1 
ATOM   1043 N N   . ILE A 1 124 ? 1.294   -5.605  16.076  1.00 20.30 ? 125 ILE A N   1 
ATOM   1044 C CA  . ILE A 1 124 ? 2.311   -5.297  17.086  1.00 22.50 ? 125 ILE A CA  1 
ATOM   1045 C C   . ILE A 1 124 ? 3.470   -6.283  17.105  1.00 29.19 ? 125 ILE A C   1 
ATOM   1046 O O   . ILE A 1 124 ? 4.481   -6.040  17.762  1.00 29.93 ? 125 ILE A O   1 
ATOM   1047 C CB  . ILE A 1 124 ? 1.709   -5.232  18.507  1.00 32.50 ? 125 ILE A CB  1 
ATOM   1048 C CG1 . ILE A 1 124 ? 1.084   -6.573  18.892  1.00 35.73 ? 125 ILE A CG1 1 
ATOM   1049 C CG2 . ILE A 1 124 ? 0.700   -4.107  18.597  1.00 35.95 ? 125 ILE A CG2 1 
ATOM   1050 C CD1 . ILE A 1 124 ? 0.579   -6.616  20.321  1.00 46.63 ? 125 ILE A CD1 1 
ATOM   1051 N N   A GLN A 1 125 ? 3.315   -7.392  16.390  0.47 26.74 ? 126 GLN A N   1 
ATOM   1052 N N   B GLN A 1 125 ? 3.329   -7.387  16.383  0.53 26.71 ? 126 GLN A N   1 
ATOM   1053 C CA  A GLN A 1 125 ? 4.383   -8.374  16.258  0.47 32.29 ? 126 GLN A CA  1 
ATOM   1054 C CA  B GLN A 1 125 ? 4.404   -8.365  16.290  0.53 32.26 ? 126 GLN A CA  1 
ATOM   1055 C C   A GLN A 1 125 ? 5.478   -7.871  15.322  0.47 34.30 ? 126 GLN A C   1 
ATOM   1056 C C   B GLN A 1 125 ? 5.449   -7.960  15.247  0.53 34.43 ? 126 GLN A C   1 
ATOM   1057 O O   A GLN A 1 125 ? 6.642   -8.243  15.459  0.47 37.95 ? 126 GLN A O   1 
ATOM   1058 O O   B GLN A 1 125 ? 6.558   -8.491  15.234  0.53 38.90 ? 126 GLN A O   1 
ATOM   1059 C CB  A GLN A 1 125 ? 3.833   -9.707  15.738  0.47 34.44 ? 126 GLN A CB  1 
ATOM   1060 C CB  B GLN A 1 125 ? 3.839   -9.751  15.958  0.53 34.57 ? 126 GLN A CB  1 
ATOM   1061 C CG  A GLN A 1 125 ? 3.223   -9.619  14.343  0.47 36.84 ? 126 GLN A CG  1 
ATOM   1062 C CG  B GLN A 1 125 ? 2.937   -10.335 17.039  0.53 38.49 ? 126 GLN A CG  1 
ATOM   1063 C CD  A GLN A 1 125 ? 3.004   -10.977 13.701  0.47 43.11 ? 126 GLN A CD  1 
ATOM   1064 C CD  B GLN A 1 125 ? 2.282   -11.638 16.614  0.53 39.63 ? 126 GLN A CD  1 
ATOM   1065 O OE1 A GLN A 1 125 ? 3.215   -12.016 14.328  0.47 45.95 ? 126 GLN A OE1 1 
ATOM   1066 O OE1 B GLN A 1 125 ? 2.326   -12.014 15.443  0.53 51.26 ? 126 GLN A OE1 1 
ATOM   1067 N NE2 A GLN A 1 125 ? 2.580   -10.973 12.440  0.47 36.06 ? 126 GLN A NE2 1 
ATOM   1068 N NE2 B GLN A 1 125 ? 1.669   -12.334 17.567  0.53 41.25 ? 126 GLN A NE2 1 
ATOM   1069 N N   . ASP A 1 126 ? 5.095   -7.017  14.376  1.00 30.25 ? 127 ASP A N   1 
ATOM   1070 C CA  . ASP A 1 126 ? 5.989   -6.600  13.290  1.00 32.60 ? 127 ASP A CA  1 
ATOM   1071 C C   . ASP A 1 126 ? 6.309   -5.116  13.290  1.00 24.80 ? 127 ASP A C   1 
ATOM   1072 O O   . ASP A 1 126 ? 5.988   -4.425  12.320  1.00 30.65 ? 127 ASP A O   1 
ATOM   1073 C CB  . ASP A 1 126 ? 5.371   -6.947  11.927  1.00 36.11 ? 127 ASP A CB  1 
ATOM   1074 C CG  . ASP A 1 126 ? 5.339   -8.434  11.656  1.00 49.89 ? 127 ASP A CG  1 
ATOM   1075 O OD1 . ASP A 1 126 ? 6.227   -9.157  12.157  1.00 60.12 ? 127 ASP A OD1 1 
ATOM   1076 O OD2 . ASP A 1 126 ? 4.423   -8.880  10.931  1.00 64.30 ? 127 ASP A OD2 1 
ATOM   1077 N N   . PRO A 1 127 ? 6.944   -4.604  14.360  1.00 18.65 ? 128 PRO A N   1 
ATOM   1078 C CA  . PRO A 1 127 ? 7.198   -3.166  14.319  1.00 18.63 ? 128 PRO A CA  1 
ATOM   1079 C C   . PRO A 1 127 ? 8.177   -2.806  13.214  1.00 20.27 ? 128 PRO A C   1 
ATOM   1080 O O   . PRO A 1 127 ? 9.198   -3.478  13.061  1.00 20.05 ? 128 PRO A O   1 
ATOM   1081 C CB  . PRO A 1 127 ? 7.787   -2.872  15.705  1.00 24.33 ? 128 PRO A CB  1 
ATOM   1082 C CG  . PRO A 1 127 ? 8.376   -4.145  16.138  1.00 31.34 ? 128 PRO A CG  1 
ATOM   1083 C CD  . PRO A 1 127 ? 7.520   -5.232  15.557  1.00 29.27 ? 128 PRO A CD  1 
ATOM   1084 N N   . ALA A 1 128 ? 7.846   -1.776  12.443  1.00 15.20 ? 129 ALA A N   1 
ATOM   1085 C CA  . ALA A 1 128 ? 8.712   -1.280  11.371  1.00 14.34 ? 129 ALA A CA  1 
ATOM   1086 C C   . ALA A 1 128 ? 9.280   0.100   11.681  1.00 16.45 ? 129 ALA A C   1 
ATOM   1087 O O   . ALA A 1 128 ? 10.280  0.512   11.096  1.00 19.69 ? 129 ALA A O   1 
ATOM   1088 C CB  . ALA A 1 128 ? 7.952   -1.246  10.064  1.00 16.23 ? 129 ALA A CB  1 
ATOM   1089 N N   . GLN A 1 129 ? 8.637   0.838   12.576  1.00 16.59 ? 130 GLN A N   1 
ATOM   1090 C CA  . GLN A 1 129 ? 9.198   2.109   12.997  1.00 17.22 ? 130 GLN A CA  1 
ATOM   1091 C C   . GLN A 1 129 ? 8.994   2.323   14.488  1.00 22.29 ? 130 GLN A C   1 
ATOM   1092 O O   . GLN A 1 129 ? 7.913   2.090   15.036  1.00 24.27 ? 130 GLN A O   1 
ATOM   1093 C CB  . GLN A 1 129 ? 8.612   3.269   12.200  1.00 23.59 ? 130 GLN A CB  1 
ATOM   1094 C CG  . GLN A 1 129 ? 7.140   3.467   12.363  1.00 19.25 ? 130 GLN A CG  1 
ATOM   1095 C CD  . GLN A 1 129 ? 6.701   4.880   11.982  1.00 25.49 ? 130 GLN A CD  1 
ATOM   1096 O OE1 . GLN A 1 129 ? 6.606   5.766   12.840  1.00 27.43 ? 130 GLN A OE1 1 
ATOM   1097 N NE2 . GLN A 1 129 ? 6.429   5.094   10.698  1.00 16.67 ? 130 GLN A NE2 1 
ATOM   1098 N N   . ALA A 1 130 ? 10.058  2.773   15.135  1.00 21.77 ? 131 ALA A N   1 
ATOM   1099 C CA  . ALA A 1 130 ? 10.096  2.856   16.586  1.00 18.41 ? 131 ALA A CA  1 
ATOM   1100 C C   . ALA A 1 130 ? 9.049   3.798   17.177  1.00 18.97 ? 131 ALA A C   1 
ATOM   1101 O O   . ALA A 1 130 ? 8.368   3.441   18.138  1.00 21.96 ? 131 ALA A O   1 
ATOM   1102 C CB  . ALA A 1 130 ? 11.476  3.281   17.026  1.00 22.47 ? 131 ALA A CB  1 
ATOM   1103 N N   . GLU A 1 131 ? 8.909   4.987   16.599  1.00 23.13 ? 132 GLU A N   1 
ATOM   1104 C CA  . GLU A 1 131 ? 8.061   6.010   17.215  1.00 21.91 ? 132 GLU A CA  1 
ATOM   1105 C C   . GLU A 1 131 ? 6.591   5.618   17.255  1.00 20.78 ? 132 GLU A C   1 
ATOM   1106 O O   . GLU A 1 131 ? 5.992   5.581   18.325  1.00 19.21 ? 132 GLU A O   1 
ATOM   1107 C CB  . GLU A 1 131 ? 8.206   7.350   16.489  1.00 32.68 ? 132 GLU A CB  1 
ATOM   1108 C CG  . GLU A 1 131 ? 7.786   8.534   17.355  1.00 33.01 ? 132 GLU A CG  1 
ATOM   1109 C CD  . GLU A 1 131 ? 7.312   9.729   16.549  1.00 47.55 ? 132 GLU A CD  1 
ATOM   1110 O OE1 . GLU A 1 131 ? 7.262   9.635   15.303  1.00 44.39 ? 132 GLU A OE1 1 
ATOM   1111 O OE2 . GLU A 1 131 ? 6.984   10.764  17.170  1.00 58.91 ? 132 GLU A OE2 1 
ATOM   1112 N N   . ALA A 1 132 ? 6.005   5.318   16.099  1.00 19.68 ? 133 ALA A N   1 
ATOM   1113 C CA  . ALA A 1 132 ? 4.589   4.978   16.066  1.00 18.47 ? 133 ALA A CA  1 
ATOM   1114 C C   . ALA A 1 132 ? 4.295   3.712   16.870  1.00 16.23 ? 133 ALA A C   1 
ATOM   1115 O O   . ALA A 1 132 ? 3.252   3.605   17.512  1.00 16.80 ? 133 ALA A O   1 
ATOM   1116 C CB  . ALA A 1 132 ? 4.111   4.814   14.623  1.00 17.91 ? 133 ALA A CB  1 
ATOM   1117 N N   . TYR A 1 133 ? 5.202   2.743   16.818  1.00 16.22 ? 134 TYR A N   1 
ATOM   1118 C CA  . TYR A 1 133 ? 5.038   1.522   17.593  1.00 17.56 ? 134 TYR A CA  1 
ATOM   1119 C C   . TYR A 1 133 ? 5.041   1.810   19.095  1.00 18.86 ? 134 TYR A C   1 
ATOM   1120 O O   . TYR A 1 133 ? 4.164   1.348   19.821  1.00 19.59 ? 134 TYR A O   1 
ATOM   1121 C CB  . TYR A 1 133 ? 6.136   0.526   17.257  1.00 21.11 ? 134 TYR A CB  1 
ATOM   1122 C CG  . TYR A 1 133 ? 6.062   -0.734  18.072  1.00 23.02 ? 134 TYR A CG  1 
ATOM   1123 C CD1 . TYR A 1 133 ? 5.153   -1.730  17.751  1.00 30.85 ? 134 TYR A CD1 1 
ATOM   1124 C CD2 . TYR A 1 133 ? 6.910   -0.940  19.147  1.00 29.09 ? 134 TYR A CD2 1 
ATOM   1125 C CE1 . TYR A 1 133 ? 5.080   -2.892  18.482  1.00 32.78 ? 134 TYR A CE1 1 
ATOM   1126 C CE2 . TYR A 1 133 ? 6.847   -2.103  19.886  1.00 40.13 ? 134 TYR A CE2 1 
ATOM   1127 C CZ  . TYR A 1 133 ? 5.929   -3.075  19.544  1.00 29.56 ? 134 TYR A CZ  1 
ATOM   1128 O OH  . TYR A 1 133 ? 5.853   -4.240  20.275  1.00 64.59 ? 134 TYR A OH  1 
ATOM   1129 N N   . THR A 1 134 ? 6.028   2.580   19.541  1.00 17.35 ? 135 THR A N   1 
ATOM   1130 C CA  . THR A 1 134 ? 6.133   2.938   20.949  1.00 19.32 ? 135 THR A CA  1 
ATOM   1131 C C   . THR A 1 134 ? 4.881   3.659   21.431  1.00 20.97 ? 135 THR A C   1 
ATOM   1132 O O   . THR A 1 134 ? 4.356   3.354   22.499  1.00 20.61 ? 135 THR A O   1 
ATOM   1133 C CB  . THR A 1 134 ? 7.372   3.807   21.200  1.00 21.09 ? 135 THR A CB  1 
ATOM   1134 O OG1 . THR A 1 134 ? 8.546   3.035   20.901  1.00 29.36 ? 135 THR A OG1 1 
ATOM   1135 C CG2 . THR A 1 134 ? 7.427   4.268   22.648  1.00 31.39 ? 135 THR A CG2 1 
ATOM   1136 N N   . ILE A 1 135 ? 4.378   4.598   20.639  1.00 16.62 ? 136 ILE A N   1 
ATOM   1137 C CA  . ILE A 1 135 ? 3.183   5.343   21.056  1.00 16.38 ? 136 ILE A CA  1 
ATOM   1138 C C   . ILE A 1 135 ? 1.933   4.459   21.046  1.00 19.54 ? 136 ILE A C   1 
ATOM   1139 O O   . ILE A 1 135 ? 1.082   4.546   21.936  1.00 18.57 ? 136 ILE A O   1 
ATOM   1140 C CB  . ILE A 1 135 ? 2.968   6.577   20.172  1.00 16.58 ? 136 ILE A CB  1 
ATOM   1141 C CG1 . ILE A 1 135 ? 4.185   7.496   20.293  1.00 17.89 ? 136 ILE A CG1 1 
ATOM   1142 C CG2 . ILE A 1 135 ? 1.704   7.330   20.593  1.00 19.11 ? 136 ILE A CG2 1 
ATOM   1143 C CD1 . ILE A 1 135 ? 4.136   8.716   19.418  1.00 18.40 ? 136 ILE A CD1 1 
ATOM   1144 N N   . TYR A 1 136 ? 1.829   3.587   20.050  1.00 16.06 ? 137 TYR A N   1 
ATOM   1145 C CA  . TYR A 1 136 ? 0.713   2.659   19.973  1.00 17.77 ? 137 TYR A CA  1 
ATOM   1146 C C   . TYR A 1 136 ? 0.631   1.807   21.231  1.00 18.11 ? 137 TYR A C   1 
ATOM   1147 O O   . TYR A 1 136 ? -0.456  1.574   21.762  1.00 22.78 ? 137 TYR A O   1 
ATOM   1148 C CB  . TYR A 1 136 ? 0.857   1.763   18.731  1.00 15.28 ? 137 TYR A CB  1 
ATOM   1149 C CG  . TYR A 1 136 ? -0.329  0.884   18.467  1.00 16.40 ? 137 TYR A CG  1 
ATOM   1150 C CD1 . TYR A 1 136 ? -1.487  1.405   17.897  1.00 17.33 ? 137 TYR A CD1 1 
ATOM   1151 C CD2 . TYR A 1 136 ? -0.301  -0.463  18.779  1.00 24.13 ? 137 TYR A CD2 1 
ATOM   1152 C CE1 . TYR A 1 136 ? -2.579  0.608   17.645  1.00 20.85 ? 137 TYR A CE1 1 
ATOM   1153 C CE2 . TYR A 1 136 ? -1.399  -1.275  18.530  1.00 25.29 ? 137 TYR A CE2 1 
ATOM   1154 C CZ  . TYR A 1 136 ? -2.533  -0.730  17.962  1.00 23.39 ? 137 TYR A CZ  1 
ATOM   1155 O OH  . TYR A 1 136 ? -3.635  -1.523  17.712  1.00 29.74 ? 137 TYR A OH  1 
ATOM   1156 N N   . CYS A 1 137 ? 1.784   1.371   21.722  1.00 20.01 ? 138 CYS A N   1 
ATOM   1157 C CA  . CYS A 1 137 ? 1.845   0.506   22.895  1.00 26.67 ? 138 CYS A CA  1 
ATOM   1158 C C   . CYS A 1 137 ? 1.626   1.266   24.199  1.00 22.66 ? 138 CYS A C   1 
ATOM   1159 O O   . CYS A 1 137 ? 0.975   0.761   25.115  1.00 28.00 ? 138 CYS A O   1 
ATOM   1160 C CB  . CYS A 1 137 ? 3.189   -0.215  22.956  1.00 22.65 ? 138 CYS A CB  1 
ATOM   1161 S SG  . CYS A 1 137 ? 3.430   -1.441  21.621  1.00 28.90 ? 138 CYS A SG  1 
ATOM   1162 N N   . GLN A 1 138 ? 2.167   2.477   24.275  1.00 21.53 ? 139 GLN A N   1 
ATOM   1163 C CA  . GLN A 1 138 ? 2.172   3.234   25.534  1.00 21.84 ? 139 GLN A CA  1 
ATOM   1164 C C   . GLN A 1 138 ? 0.929   4.084   25.776  1.00 28.23 ? 139 GLN A C   1 
ATOM   1165 O O   . GLN A 1 138 ? 0.536   4.306   26.925  1.00 25.39 ? 139 GLN A O   1 
ATOM   1166 C CB  . GLN A 1 138 ? 3.401   4.142   25.589  1.00 24.67 ? 139 GLN A CB  1 
ATOM   1167 C CG  . GLN A 1 138 ? 4.721   3.405   25.765  1.00 26.02 ? 139 GLN A CG  1 
ATOM   1168 C CD  . GLN A 1 138 ? 5.912   4.343   25.791  1.00 35.15 ? 139 GLN A CD  1 
ATOM   1169 O OE1 . GLN A 1 138 ? 5.784   5.533   25.509  1.00 33.43 ? 139 GLN A OE1 1 
ATOM   1170 N NE2 . GLN A 1 138 ? 7.080   3.809   26.122  1.00 42.68 ? 139 GLN A NE2 1 
ATOM   1171 N N   . ASN A 1 139 ? 0.325   4.586   24.708  1.00 19.32 ? 140 ASN A N   1 
ATOM   1172 C CA  . ASN A 1 139 ? -0.798  5.514   24.842  1.00 21.19 ? 140 ASN A CA  1 
ATOM   1173 C C   . ASN A 1 139 ? -1.653  5.507   23.588  1.00 21.61 ? 140 ASN A C   1 
ATOM   1174 O O   . ASN A 1 139 ? -1.386  6.253   22.645  1.00 20.71 ? 140 ASN A O   1 
ATOM   1175 C CB  . ASN A 1 139 ? -0.283  6.929   25.126  1.00 21.42 ? 140 ASN A CB  1 
ATOM   1176 C CG  . ASN A 1 139 ? -1.387  7.898   25.558  1.00 24.54 ? 140 ASN A CG  1 
ATOM   1177 O OD1 . ASN A 1 139 ? -2.562  7.747   25.209  1.00 20.44 ? 140 ASN A OD1 1 
ATOM   1178 N ND2 . ASN A 1 139 ? -0.993  8.923   26.306  1.00 20.12 ? 140 ASN A ND2 1 
ATOM   1179 N N   . ARG A 1 140 ? -2.683  4.671   23.584  1.00 21.04 ? 141 ARG A N   1 
ATOM   1180 C CA  . ARG A 1 140 ? -3.537  4.536   22.416  1.00 24.26 ? 141 ARG A CA  1 
ATOM   1181 C C   . ARG A 1 140 ? -4.301  5.821   22.100  1.00 23.15 ? 141 ARG A C   1 
ATOM   1182 O O   . ARG A 1 140 ? -4.585  6.103   20.940  1.00 26.18 ? 141 ARG A O   1 
ATOM   1183 C CB  . ARG A 1 140 ? -4.508  3.369   22.603  1.00 28.38 ? 141 ARG A CB  1 
ATOM   1184 C CG  . ARG A 1 140 ? -5.180  2.910   21.318  1.00 31.06 ? 141 ARG A CG  1 
ATOM   1185 C CD  . ARG A 1 140 ? -4.171  2.290   20.338  1.00 30.44 ? 141 ARG A CD  1 
ATOM   1186 N NE  . ARG A 1 140 ? -3.262  1.348   20.988  1.00 25.25 ? 141 ARG A NE  1 
ATOM   1187 C CZ  . ARG A 1 140 ? -3.546  0.069   21.224  1.00 35.05 ? 141 ARG A CZ  1 
ATOM   1188 N NH1 . ARG A 1 140 ? -4.721  -0.435  20.863  1.00 31.38 ? 141 ARG A NH1 1 
ATOM   1189 N NH2 . ARG A 1 140 ? -2.654  -0.708  21.826  1.00 36.45 ? 141 ARG A NH2 1 
ATOM   1190 N N   . VAL A 1 141 ? -4.638  6.610   23.118  1.00 22.94 ? 142 VAL A N   1 
ATOM   1191 C CA  . VAL A 1 141 ? -5.351  7.859   22.870  1.00 23.56 ? 142 VAL A CA  1 
ATOM   1192 C C   . VAL A 1 141 ? -4.456  8.855   22.131  1.00 22.96 ? 142 VAL A C   1 
ATOM   1193 O O   . VAL A 1 141 ? -4.896  9.523   21.191  1.00 25.13 ? 142 VAL A O   1 
ATOM   1194 C CB  . VAL A 1 141 ? -5.869  8.495   24.185  1.00 29.68 ? 142 VAL A CB  1 
ATOM   1195 C CG1 . VAL A 1 141 ? -6.383  9.902   23.927  1.00 30.08 ? 142 VAL A CG1 1 
ATOM   1196 C CG2 . VAL A 1 141 ? -6.955  7.618   24.809  1.00 32.45 ? 142 VAL A CG2 1 
ATOM   1197 N N   . GLU A 1 142 ? -3.195  8.935   22.547  1.00 19.90 ? 143 GLU A N   1 
ATOM   1198 C CA  . GLU A 1 142 ? -2.210  9.773   21.877  1.00 17.61 ? 143 GLU A CA  1 
ATOM   1199 C C   . GLU A 1 142 ? -1.956  9.263   20.455  1.00 20.41 ? 143 GLU A C   1 
ATOM   1200 O O   . GLU A 1 142 ? -1.854  10.046  19.513  1.00 19.30 ? 143 GLU A O   1 
ATOM   1201 C CB  . GLU A 1 142 ? -0.903  9.804   22.669  1.00 19.88 ? 143 GLU A CB  1 
ATOM   1202 C CG  . GLU A 1 142 ? 0.222   10.586  22.024  1.00 21.83 ? 143 GLU A CG  1 
ATOM   1203 C CD  . GLU A 1 142 ? -0.043  12.083  21.962  1.00 30.39 ? 143 GLU A CD  1 
ATOM   1204 O OE1 . GLU A 1 142 ? -1.006  12.561  22.613  1.00 27.22 ? 143 GLU A OE1 1 
ATOM   1205 O OE2 . GLU A 1 142 ? 0.722   12.785  21.264  1.00 28.57 ? 143 GLU A OE2 1 
ATOM   1206 N N   . TYR A 1 143 ? -1.859  7.949   20.316  1.00 19.99 ? 144 TYR A N   1 
ATOM   1207 C CA  . TYR A 1 143 ? -1.682  7.349   18.993  1.00 17.51 ? 144 TYR A CA  1 
ATOM   1208 C C   . TYR A 1 143 ? -2.769  7.807   18.013  1.00 20.92 ? 144 TYR A C   1 
ATOM   1209 O O   . TYR A 1 143 ? -2.459  8.262   16.910  1.00 18.78 ? 144 TYR A O   1 
ATOM   1210 C CB  . TYR A 1 143 ? -1.673  5.827   19.095  1.00 17.48 ? 144 TYR A CB  1 
ATOM   1211 C CG  . TYR A 1 143 ? -1.581  5.163   17.742  1.00 15.79 ? 144 TYR A CG  1 
ATOM   1212 C CD1 . TYR A 1 143 ? -0.372  5.089   17.078  1.00 19.00 ? 144 TYR A CD1 1 
ATOM   1213 C CD2 . TYR A 1 143 ? -2.713  4.637   17.129  1.00 16.01 ? 144 TYR A CD2 1 
ATOM   1214 C CE1 . TYR A 1 143 ? -0.284  4.485   15.830  1.00 16.16 ? 144 TYR A CE1 1 
ATOM   1215 C CE2 . TYR A 1 143 ? -2.639  4.038   15.882  1.00 18.71 ? 144 TYR A CE2 1 
ATOM   1216 C CZ  . TYR A 1 143 ? -1.418  3.973   15.245  1.00 18.88 ? 144 TYR A CZ  1 
ATOM   1217 O OH  . TYR A 1 143 ? -1.345  3.383   14.010  1.00 16.86 ? 144 TYR A OH  1 
ATOM   1218 N N   . GLU A 1 144 ? -4.037  7.709   18.418  1.00 20.02 ? 145 GLU A N   1 
ATOM   1219 C CA  . GLU A 1 144 ? -5.138  8.105   17.537  1.00 18.75 ? 145 GLU A CA  1 
ATOM   1220 C C   . GLU A 1 144 ? -5.148  9.595   17.257  1.00 18.49 ? 145 GLU A C   1 
ATOM   1221 O O   . GLU A 1 144 ? -5.517  10.033  16.169  1.00 20.87 ? 145 GLU A O   1 
ATOM   1222 C CB  . GLU A 1 144 ? -6.481  7.674   18.118  1.00 23.77 ? 145 GLU A CB  1 
ATOM   1223 C CG  . GLU A 1 144 ? -6.590  6.191   18.271  1.00 24.89 ? 145 GLU A CG  1 
ATOM   1224 C CD  . GLU A 1 144 ? -8.021  5.707   18.313  1.00 50.95 ? 145 GLU A CD  1 
ATOM   1225 O OE1 . GLU A 1 144 ? -8.929  6.527   18.587  1.00 45.57 ? 145 GLU A OE1 1 
ATOM   1226 O OE2 . GLU A 1 144 ? -8.231  4.501   18.066  1.00 45.01 ? 145 GLU A OE2 1 
ATOM   1227 N N   . LYS A 1 145 ? -4.751  10.389  18.244  1.00 19.00 ? 146 LYS A N   1 
ATOM   1228 C CA  . LYS A 1 145 ? -4.618  11.819  18.031  1.00 21.26 ? 146 LYS A CA  1 
ATOM   1229 C C   . LYS A 1 145 ? -3.619  12.130  16.906  1.00 17.91 ? 146 LYS A C   1 
ATOM   1230 O O   . LYS A 1 145 ? -3.877  12.960  16.028  1.00 19.97 ? 146 LYS A O   1 
ATOM   1231 C CB  . LYS A 1 145 ? -4.201  12.489  19.339  1.00 21.98 ? 146 LYS A CB  1 
ATOM   1232 C CG  . LYS A 1 145 ? -3.892  13.953  19.224  1.00 30.40 ? 146 LYS A CG  1 
ATOM   1233 C CD  . LYS A 1 145 ? -3.650  14.520  20.610  1.00 27.10 ? 146 LYS A CD  1 
ATOM   1234 C CE  . LYS A 1 145 ? -2.866  15.811  20.558  1.00 32.93 ? 146 LYS A CE  1 
ATOM   1235 N NZ  . LYS A 1 145 ? -2.583  16.288  21.950  1.00 31.03 ? 146 LYS A NZ  1 
ATOM   1236 N N   . ARG A 1 146 ? -2.484  11.439  16.925  1.00 18.76 ? 147 ARG A N   1 
ATOM   1237 C CA  . ARG A 1 146 ? -1.486  11.590  15.869  1.00 21.38 ? 147 ARG A CA  1 
ATOM   1238 C C   . ARG A 1 146 ? -2.036  11.129  14.516  1.00 13.88 ? 147 ARG A C   1 
ATOM   1239 O O   . ARG A 1 146 ? -1.807  11.785  13.496  1.00 16.29 ? 147 ARG A O   1 
ATOM   1240 C CB  . ARG A 1 146 ? -0.219  10.811  16.220  1.00 18.19 ? 147 ARG A CB  1 
ATOM   1241 C CG  . ARG A 1 146 ? 0.542   11.348  17.420  1.00 23.64 ? 147 ARG A CG  1 
ATOM   1242 C CD  . ARG A 1 146 ? 1.357   12.570  17.047  1.00 25.37 ? 147 ARG A CD  1 
ATOM   1243 N NE  . ARG A 1 146 ? 2.364   12.306  16.014  1.00 24.87 ? 147 ARG A NE  1 
ATOM   1244 C CZ  . ARG A 1 146 ? 3.601   11.870  16.261  1.00 32.49 ? 147 ARG A CZ  1 
ATOM   1245 N NH1 . ARG A 1 146 ? 3.989   11.617  17.505  1.00 32.27 ? 147 ARG A NH1 1 
ATOM   1246 N NH2 . ARG A 1 146 ? 4.450   11.673  15.260  1.00 28.80 ? 147 ARG A NH2 1 
ATOM   1247 N N   . VAL A 1 147 ? -2.762  10.015  14.520  1.00 15.83 ? 148 VAL A N   1 
ATOM   1248 C CA  . VAL A 1 147 ? -3.356  9.499   13.284  1.00 15.98 ? 148 VAL A CA  1 
ATOM   1249 C C   . VAL A 1 147 ? -4.388  10.497  12.723  1.00 18.61 ? 148 VAL A C   1 
ATOM   1250 O O   . VAL A 1 147 ? -4.406  10.754  11.523  1.00 18.38 ? 148 VAL A O   1 
ATOM   1251 C CB  . VAL A 1 147 ? -3.997  8.118   13.494  1.00 17.76 ? 148 VAL A CB  1 
ATOM   1252 C CG1 . VAL A 1 147 ? -4.788  7.707   12.266  1.00 17.53 ? 148 VAL A CG1 1 
ATOM   1253 C CG2 . VAL A 1 147 ? -2.931  7.066   13.789  1.00 20.42 ? 148 VAL A CG2 1 
ATOM   1254 N N   . ARG A 1 148 ? -5.215  11.109  13.575  1.00 17.59 ? 149 ARG A N   1 
ATOM   1255 C CA  A ARG A 1 148 ? -6.210  12.056  13.080  0.54 17.89 ? 149 ARG A CA  1 
ATOM   1256 C CA  B ARG A 1 148 ? -6.208  12.054  13.072  0.46 17.87 ? 149 ARG A CA  1 
ATOM   1257 C C   . ARG A 1 148 ? -5.559  13.301  12.488  1.00 16.21 ? 149 ARG A C   1 
ATOM   1258 O O   . ARG A 1 148 ? -6.009  13.817  11.467  1.00 19.73 ? 149 ARG A O   1 
ATOM   1259 C CB  A ARG A 1 148 ? -7.186  12.461  14.195  0.54 16.53 ? 149 ARG A CB  1 
ATOM   1260 C CB  B ARG A 1 148 ? -7.204  12.447  14.173  0.46 16.55 ? 149 ARG A CB  1 
ATOM   1261 C CG  A ARG A 1 148 ? -8.093  11.334  14.683  0.54 18.09 ? 149 ARG A CG  1 
ATOM   1262 C CG  B ARG A 1 148 ? -8.305  11.417  14.374  0.46 18.44 ? 149 ARG A CG  1 
ATOM   1263 C CD  A ARG A 1 148 ? -9.234  11.876  15.559  0.54 22.08 ? 149 ARG A CD  1 
ATOM   1264 C CD  B ARG A 1 148 ? -9.338  11.828  15.428  0.46 21.94 ? 149 ARG A CD  1 
ATOM   1265 N NE  A ARG A 1 148 ? -8.750  12.872  16.511  0.54 26.56 ? 149 ARG A NE  1 
ATOM   1266 N NE  B ARG A 1 148 ? -9.959  10.635  15.995  0.46 21.04 ? 149 ARG A NE  1 
ATOM   1267 C CZ  A ARG A 1 148 ? -8.339  12.598  17.744  0.54 18.37 ? 149 ARG A CZ  1 
ATOM   1268 C CZ  B ARG A 1 148 ? -9.563  10.054  17.122  0.46 20.44 ? 149 ARG A CZ  1 
ATOM   1269 N NH1 A ARG A 1 148 ? -8.359  11.353  18.193  0.54 24.79 ? 149 ARG A NH1 1 
ATOM   1270 N NH1 B ARG A 1 148 ? -8.572  10.579  17.827  0.46 28.17 ? 149 ARG A NH1 1 
ATOM   1271 N NH2 A ARG A 1 148 ? -7.911  13.574  18.531  0.54 29.75 ? 149 ARG A NH2 1 
ATOM   1272 N NH2 B ARG A 1 148 ? -10.171 8.957   17.553  0.46 27.23 ? 149 ARG A NH2 1 
ATOM   1273 N N   . ALA A 1 149 ? -4.490  13.787  13.121  1.00 13.95 ? 150 ALA A N   1 
ATOM   1274 C CA  . ALA A 1 149 ? -3.774  14.941  12.604  1.00 18.67 ? 150 ALA A CA  1 
ATOM   1275 C C   . ALA A 1 149 ? -3.182  14.634  11.228  1.00 18.10 ? 150 ALA A C   1 
ATOM   1276 O O   . ALA A 1 149 ? -3.247  15.448  10.308  1.00 21.38 ? 150 ALA A O   1 
ATOM   1277 C CB  . ALA A 1 149 ? -2.679  15.369  13.572  1.00 22.21 ? 150 ALA A CB  1 
ATOM   1278 N N   . GLN A 1 150 ? -2.616  13.440  11.098  1.00 19.81 ? 151 GLN A N   1 
ATOM   1279 C CA  . GLN A 1 150 ? -2.061  12.998  9.830   1.00 20.03 ? 151 GLN A CA  1 
ATOM   1280 C C   . GLN A 1 150 ? -3.132  12.882  8.745   1.00 19.08 ? 151 GLN A C   1 
ATOM   1281 O O   . GLN A 1 150 ? -2.897  13.246  7.589   1.00 18.68 ? 151 GLN A O   1 
ATOM   1282 C CB  . GLN A 1 150 ? -1.345  11.667  10.026  1.00 15.58 ? 151 GLN A CB  1 
ATOM   1283 C CG  . GLN A 1 150 ? -0.803  11.040  8.746   1.00 15.33 ? 151 GLN A CG  1 
ATOM   1284 C CD  . GLN A 1 150 ? 0.107   9.871   9.063   1.00 16.10 ? 151 GLN A CD  1 
ATOM   1285 O OE1 . GLN A 1 150 ? 1.325   9.975   8.924   1.00 17.21 ? 151 GLN A OE1 1 
ATOM   1286 N NE2 . GLN A 1 150 ? -0.474  8.768   9.523   1.00 15.20 ? 151 GLN A NE2 1 
ATOM   1287 N N   . ALA A 1 151 ? -4.309  12.390  9.118   1.00 17.80 ? 152 ALA A N   1 
ATOM   1288 C CA  . ALA A 1 151 ? -5.396  12.264  8.148   1.00 16.56 ? 152 ALA A CA  1 
ATOM   1289 C C   . ALA A 1 151 ? -5.843  13.635  7.640   1.00 20.96 ? 152 ALA A C   1 
ATOM   1290 O O   . ALA A 1 151 ? -6.152  13.809  6.461   1.00 19.57 ? 152 ALA A O   1 
ATOM   1291 C CB  . ALA A 1 151 ? -6.562  11.518  8.752   1.00 16.99 ? 152 ALA A CB  1 
ATOM   1292 N N   . LYS A 1 152 ? -5.894  14.606  8.542   1.00 19.65 ? 153 LYS A N   1 
ATOM   1293 C CA  . LYS A 1 152 ? -6.265  15.961  8.166   1.00 23.43 ? 153 LYS A CA  1 
ATOM   1294 C C   . LYS A 1 152 ? -5.221  16.563  7.220   1.00 20.76 ? 153 LYS A C   1 
ATOM   1295 O O   . LYS A 1 152 ? -5.556  17.222  6.238   1.00 21.33 ? 153 LYS A O   1 
ATOM   1296 C CB  . LYS A 1 152 ? -6.439  16.816  9.429   1.00 25.67 ? 153 LYS A CB  1 
ATOM   1297 C CG  . LYS A 1 152 ? -6.914  18.232  9.185   1.00 39.29 ? 153 LYS A CG  1 
ATOM   1298 C CD  . LYS A 1 152 ? -7.093  18.965  10.505  1.00 39.49 ? 153 LYS A CD  1 
ATOM   1299 C CE  . LYS A 1 152 ? -7.426  20.432  10.281  1.00 62.09 ? 153 LYS A CE  1 
ATOM   1300 N NZ  . LYS A 1 152 ? -8.604  20.600  9.387   1.00 70.66 ? 153 LYS A NZ  1 
ATOM   1301 N N   . LYS A 1 153 ? -3.951  16.310  7.513   1.00 19.52 ? 154 LYS A N   1 
ATOM   1302 C CA  . LYS A 1 153 ? -2.856  16.774  6.676   1.00 18.80 ? 154 LYS A CA  1 
ATOM   1303 C C   . LYS A 1 153 ? -2.972  16.251  5.238   1.00 19.83 ? 154 LYS A C   1 
ATOM   1304 O O   . LYS A 1 153 ? -2.625  16.941  4.283   1.00 24.89 ? 154 LYS A O   1 
ATOM   1305 C CB  . LYS A 1 153 ? -1.521  16.351  7.293   1.00 24.26 ? 154 LYS A CB  1 
ATOM   1306 C CG  . LYS A 1 153 ? -0.306  16.733  6.474   1.00 26.02 ? 154 LYS A CG  1 
ATOM   1307 C CD  . LYS A 1 153 ? 0.988   16.322  7.167   1.00 29.42 ? 154 LYS A CD  1 
ATOM   1308 C CE  . LYS A 1 153 ? 2.200   16.766  6.364   1.00 37.41 ? 154 LYS A CE  1 
ATOM   1309 N NZ  . LYS A 1 153 ? 3.469   16.586  7.117   1.00 39.42 ? 154 LYS A NZ  1 
ATOM   1310 N N   . PHE A 1 154 ? -3.483  15.033  5.090   1.00 21.57 ? 155 PHE A N   1 
ATOM   1311 C CA  . PHE A 1 154 ? -3.592  14.433  3.765   1.00 20.55 ? 155 PHE A CA  1 
ATOM   1312 C C   . PHE A 1 154 ? -5.033  14.351  3.257   1.00 22.93 ? 155 PHE A C   1 
ATOM   1313 O O   . PHE A 1 154 ? -5.365  13.506  2.421   1.00 23.03 ? 155 PHE A O   1 
ATOM   1314 C CB  . PHE A 1 154 ? -2.943  13.046  3.769   1.00 21.50 ? 155 PHE A CB  1 
ATOM   1315 C CG  . PHE A 1 154 ? -1.464  13.086  4.036   1.00 18.44 ? 155 PHE A CG  1 
ATOM   1316 C CD1 . PHE A 1 154 ? -0.614  13.739  3.159   1.00 20.80 ? 155 PHE A CD1 1 
ATOM   1317 C CD2 . PHE A 1 154 ? -0.932  12.495  5.167   1.00 26.77 ? 155 PHE A CD2 1 
ATOM   1318 C CE1 . PHE A 1 154 ? 0.747   13.793  3.404   1.00 24.31 ? 155 PHE A CE1 1 
ATOM   1319 C CE2 . PHE A 1 154 ? 0.433   12.544  5.416   1.00 26.49 ? 155 PHE A CE2 1 
ATOM   1320 C CZ  . PHE A 1 154 ? 1.269   13.190  4.534   1.00 30.36 ? 155 PHE A CZ  1 
ATOM   1321 N N   . ALA A 1 155 ? -5.888  15.243  3.740   1.00 20.32 ? 156 ALA A N   1 
ATOM   1322 C CA  . ALA A 1 155 ? -7.231  15.365  3.189   1.00 22.83 ? 156 ALA A CA  1 
ATOM   1323 C C   . ALA A 1 155 ? -7.163  15.958  1.790   1.00 33.44 ? 156 ALA A C   1 
ATOM   1324 O O   . ALA A 1 155 ? -6.527  16.991  1.588   1.00 47.60 ? 156 ALA A O   1 
ATOM   1325 C CB  . ALA A 1 155 ? -8.097  16.228  4.085   1.00 28.79 ? 156 ALA A CB  1 
ATOM   1326 N N   . PRO A 1 156 ? -7.819  15.307  0.816   1.00 31.76 ? 157 PRO A N   1 
ATOM   1327 C CA  . PRO A 1 156 ? -7.793  15.779  -0.575  1.00 44.86 ? 157 PRO A CA  1 
ATOM   1328 C C   . PRO A 1 156 ? -8.447  17.146  -0.745  1.00 39.59 ? 157 PRO A C   1 
ATOM   1329 O O   . PRO A 1 156 ? -9.299  17.516  0.068   1.00 41.50 ? 157 PRO A O   1 
ATOM   1330 C CB  . PRO A 1 156 ? -8.581  14.699  -1.328  1.00 40.63 ? 157 PRO A CB  1 
ATOM   1331 C CG  . PRO A 1 156 ? -9.417  14.038  -0.295  1.00 36.24 ? 157 PRO A CG  1 
ATOM   1332 C CD  . PRO A 1 156 ? -8.613  14.077  0.969   1.00 29.75 ? 157 PRO A CD  1 
HETATM 1333 O OAA . 5VJ B 2 .   ? -0.420  12.765  -8.667  0.82 63.27 ? 201 5VJ A OAA 1 
HETATM 1334 S SAP . 5VJ B 2 .   ? -0.305  12.322  -7.229  0.82 49.84 ? 201 5VJ A SAP 1 
HETATM 1335 O OAB . 5VJ B 2 .   ? -0.694  13.502  -6.388  0.82 49.29 ? 201 5VJ A OAB 1 
HETATM 1336 C CAO . 5VJ B 2 .   ? -1.435  11.102  -6.966  0.82 30.79 ? 201 5VJ A CAO 1 
HETATM 1337 C CAJ . 5VJ B 2 .   ? -2.802  11.339  -7.205  0.82 44.54 ? 201 5VJ A CAJ 1 
HETATM 1338 C CAF . 5VJ B 2 .   ? -3.738  10.331  -6.984  0.82 39.33 ? 201 5VJ A CAF 1 
HETATM 1339 C CAE . 5VJ B 2 .   ? -3.320  9.081   -6.527  0.82 36.05 ? 201 5VJ A CAE 1 
HETATM 1340 C CAI . 5VJ B 2 .   ? -1.974  8.840   -6.292  0.82 29.65 ? 201 5VJ A CAI 1 
HETATM 1341 C CAN . 5VJ B 2 .   ? -1.025  9.865   -6.512  0.82 33.33 ? 201 5VJ A CAN 1 
HETATM 1342 C CAM . 5VJ B 2 .   ? 0.478   9.653   -6.268  0.82 32.03 ? 201 5VJ A CAM 1 
HETATM 1343 C CAH . 5VJ B 2 .   ? 0.836   8.391   -5.809  0.82 23.63 ? 201 5VJ A CAH 1 
HETATM 1344 C CAD . 5VJ B 2 .   ? 2.211   8.100   -5.552  0.82 22.94 ? 201 5VJ A CAD 1 
HETATM 1345 C CAC . 5VJ B 2 .   ? 3.242   9.129   -5.764  0.82 26.28 ? 201 5VJ A CAC 1 
HETATM 1346 C CAG . 5VJ B 2 .   ? 2.876   10.424  -6.237  0.82 28.82 ? 201 5VJ A CAG 1 
HETATM 1347 C CAL . 5VJ B 2 .   ? 1.548   10.716  -6.492  0.82 36.95 ? 201 5VJ A CAL 1 
HETATM 1348 N NAK . 5VJ B 2 .   ? 1.176   12.031  -6.967  0.82 29.56 ? 201 5VJ A NAK 1 
HETATM 1349 O O   . HOH C 3 .   ? -10.861 17.004  1.612   1.00 45.98 ? 301 HOH A O   1 
HETATM 1350 O O   . HOH C 3 .   ? -6.727  -0.658  19.817  1.00 47.52 ? 302 HOH A O   1 
HETATM 1351 O O   . HOH C 3 .   ? -0.694  -10.029 5.483   1.00 21.04 ? 303 HOH A O   1 
HETATM 1352 O O   . HOH C 3 .   ? 6.046   10.345  -5.038  1.00 42.31 ? 304 HOH A O   1 
HETATM 1353 O O   . HOH C 3 .   ? 12.245  1.776   -3.983  1.00 40.81 ? 305 HOH A O   1 
HETATM 1354 O O   . HOH C 3 .   ? -1.571  -13.343 -17.037 1.00 38.14 ? 306 HOH A O   1 
HETATM 1355 O O   . HOH C 3 .   ? 13.454  0.752   0.051   1.00 23.42 ? 307 HOH A O   1 
HETATM 1356 O O   . HOH C 3 .   ? -1.964  -20.625 -3.053  1.00 34.21 ? 308 HOH A O   1 
HETATM 1357 O O   . HOH C 3 .   ? -3.636  -14.548 1.453   1.00 46.36 ? 309 HOH A O   1 
HETATM 1358 O O   . HOH C 3 .   ? 12.752  -12.124 -6.764  1.00 47.04 ? 310 HOH A O   1 
HETATM 1359 O O   . HOH C 3 .   ? -11.730 9.102   15.134  1.00 36.34 ? 311 HOH A O   1 
HETATM 1360 O O   . HOH C 3 .   ? -16.336 -1.427  -6.719  1.00 45.68 ? 312 HOH A O   1 
HETATM 1361 O O   . HOH C 3 .   ? -11.110 6.399   -7.415  1.00 43.57 ? 313 HOH A O   1 
HETATM 1362 O O   . HOH C 3 .   ? -7.832  -5.735  17.420  1.00 41.04 ? 314 HOH A O   1 
HETATM 1363 O O   . HOH C 3 .   ? 9.698   -6.289  6.699   1.00 40.83 ? 315 HOH A O   1 
HETATM 1364 O O   . HOH C 3 .   ? 5.352   9.205   -12.144 1.00 32.71 ? 316 HOH A O   1 
HETATM 1365 O O   . HOH C 3 .   ? -3.860  -6.058  10.753  1.00 27.94 ? 317 HOH A O   1 
HETATM 1366 O O   . HOH C 3 .   ? -0.358  -18.672 1.773   1.00 45.42 ? 318 HOH A O   1 
HETATM 1367 O O   . HOH C 3 .   ? -6.037  -14.723 -3.638  1.00 43.81 ? 319 HOH A O   1 
HETATM 1368 O O   . HOH C 3 .   ? 2.975   -12.217 -23.125 1.00 48.32 ? 320 HOH A O   1 
HETATM 1369 O O   . HOH C 3 .   ? -3.453  -3.905  16.657  1.00 34.44 ? 321 HOH A O   1 
HETATM 1370 O O   . HOH C 3 .   ? 10.746  12.503  -20.780 1.00 42.31 ? 322 HOH A O   1 
HETATM 1371 O O   . HOH C 3 .   ? -5.824  0.872   -22.154 1.00 53.25 ? 323 HOH A O   1 
HETATM 1372 O O   . HOH C 3 .   ? -6.137  3.401   16.965  1.00 36.62 ? 324 HOH A O   1 
HETATM 1373 O O   . HOH C 3 .   ? 6.844   -6.013  -0.798  1.00 20.76 ? 325 HOH A O   1 
HETATM 1374 O O   . HOH C 3 .   ? -3.805  2.452   13.241  1.00 19.73 ? 326 HOH A O   1 
HETATM 1375 O O   . HOH C 3 .   ? 6.120   12.044  6.041   1.00 38.46 ? 327 HOH A O   1 
HETATM 1376 O O   . HOH C 3 .   ? -12.173 8.657   4.335   1.00 27.67 ? 328 HOH A O   1 
HETATM 1377 O O   . HOH C 3 .   ? -1.530  -15.831 1.389   1.00 31.17 ? 329 HOH A O   1 
HETATM 1378 O O   . HOH C 3 .   ? 5.727   -16.858 -5.433  1.00 14.53 ? 330 HOH A O   1 
HETATM 1379 O O   . HOH C 3 .   ? -12.991 6.089   14.952  1.00 38.03 ? 331 HOH A O   1 
HETATM 1380 O O   . HOH C 3 .   ? -1.425  -12.767 5.772   1.00 29.89 ? 332 HOH A O   1 
HETATM 1381 O O   . HOH C 3 .   ? -6.632  -13.736 -5.921  1.00 29.20 ? 333 HOH A O   1 
HETATM 1382 O O   . HOH C 3 .   ? -9.376  -9.198  -6.439  1.00 30.03 ? 334 HOH A O   1 
HETATM 1383 O O   . HOH C 3 .   ? -5.598  -10.701 -11.632 1.00 36.09 ? 335 HOH A O   1 
HETATM 1384 O O   . HOH C 3 .   ? 14.794  -14.644 2.219   1.00 48.21 ? 336 HOH A O   1 
HETATM 1385 O O   . HOH C 3 .   ? 7.426   5.462   -14.858 1.00 25.12 ? 337 HOH A O   1 
HETATM 1386 O O   . HOH C 3 .   ? 1.501   -13.580 -17.010 1.00 26.90 ? 338 HOH A O   1 
HETATM 1387 O O   . HOH C 3 .   ? 10.637  -14.553 -7.441  1.00 20.98 ? 339 HOH A O   1 
HETATM 1388 O O   . HOH C 3 .   ? -7.334  10.377  20.463  1.00 30.86 ? 340 HOH A O   1 
HETATM 1389 O O   . HOH C 3 .   ? 6.649   7.213   27.405  1.00 35.50 ? 341 HOH A O   1 
HETATM 1390 O O   . HOH C 3 .   ? -5.223  -3.697  -19.668 1.00 28.47 ? 342 HOH A O   1 
HETATM 1391 O O   . HOH C 3 .   ? 0.097   14.750  19.545  1.00 40.22 ? 343 HOH A O   1 
HETATM 1392 O O   . HOH C 3 .   ? -1.003  -8.298  -7.784  1.00 16.25 ? 344 HOH A O   1 
HETATM 1393 O O   . HOH C 3 .   ? -9.736  11.400  10.699  1.00 22.06 ? 345 HOH A O   1 
HETATM 1394 O O   . HOH C 3 .   ? 0.436   13.261  13.293  1.00 25.46 ? 346 HOH A O   1 
HETATM 1395 O O   . HOH C 3 .   ? -9.692  -2.717  3.642   1.00 21.80 ? 347 HOH A O   1 
HETATM 1396 O O   . HOH C 3 .   ? 12.008  6.350   -3.056  1.00 54.25 ? 348 HOH A O   1 
HETATM 1397 O O   . HOH C 3 .   ? 3.085   12.042  20.190  1.00 33.94 ? 349 HOH A O   1 
HETATM 1398 O O   . HOH C 3 .   ? 2.392   -6.157  9.382   1.00 19.70 ? 350 HOH A O   1 
HETATM 1399 O O   . HOH C 3 .   ? 7.191   6.081   7.788   1.00 24.73 ? 351 HOH A O   1 
HETATM 1400 O O   . HOH C 3 .   ? -14.015 2.117   -0.340  1.00 27.05 ? 352 HOH A O   1 
HETATM 1401 O O   . HOH C 3 .   ? -4.831  -7.524  15.789  1.00 48.64 ? 353 HOH A O   1 
HETATM 1402 O O   . HOH C 3 .   ? 13.673  -14.085 -10.252 1.00 29.75 ? 354 HOH A O   1 
HETATM 1403 O O   . HOH C 3 .   ? -6.081  2.095   -13.738 1.00 23.23 ? 355 HOH A O   1 
HETATM 1404 O O   . HOH C 3 .   ? -11.674 -2.938  -17.908 1.00 29.47 ? 356 HOH A O   1 
HETATM 1405 O O   . HOH C 3 .   ? -7.329  -1.538  -19.600 1.00 43.76 ? 357 HOH A O   1 
HETATM 1406 O O   . HOH C 3 .   ? -10.619 9.732   2.232   1.00 34.77 ? 358 HOH A O   1 
HETATM 1407 O O   . HOH C 3 .   ? -2.867  -9.492  -20.570 1.00 30.14 ? 359 HOH A O   1 
HETATM 1408 O O   . HOH C 3 .   ? 1.010   12.671  -19.156 1.00 24.37 ? 360 HOH A O   1 
HETATM 1409 O O   . HOH C 3 .   ? 7.493   -12.753 -14.489 1.00 25.37 ? 361 HOH A O   1 
HETATM 1410 O O   . HOH C 3 .   ? -6.954  -8.065  0.979   1.00 25.91 ? 362 HOH A O   1 
HETATM 1411 O O   . HOH C 3 .   ? 8.507   7.601   0.705   1.00 29.45 ? 363 HOH A O   1 
HETATM 1412 O O   . HOH C 3 .   ? -2.941  18.143  10.730  1.00 26.17 ? 364 HOH A O   1 
HETATM 1413 O O   . HOH C 3 .   ? -12.762 -0.839  2.361   1.00 33.72 ? 365 HOH A O   1 
HETATM 1414 O O   . HOH C 3 .   ? 12.870  1.412   11.331  1.00 19.30 ? 366 HOH A O   1 
HETATM 1415 O O   . HOH C 3 .   ? 9.646   -13.261 -16.731 1.00 35.61 ? 367 HOH A O   1 
HETATM 1416 O O   . HOH C 3 .   ? 1.820   3.129   29.063  1.00 35.23 ? 368 HOH A O   1 
HETATM 1417 O O   . HOH C 3 .   ? -3.819  13.435  -0.021  1.00 46.75 ? 369 HOH A O   1 
HETATM 1418 O O   . HOH C 3 .   ? -5.353  -13.451 -9.836  1.00 28.09 ? 370 HOH A O   1 
HETATM 1419 O O   . HOH C 3 .   ? -12.732 -6.712  -12.142 1.00 34.89 ? 371 HOH A O   1 
HETATM 1420 O O   . HOH C 3 .   ? -11.373 -6.069  -9.700  1.00 37.40 ? 372 HOH A O   1 
HETATM 1421 O O   . HOH C 3 .   ? 8.922   2.360   -25.016 1.00 46.55 ? 373 HOH A O   1 
HETATM 1422 O O   . HOH C 3 .   ? -3.371  12.248  24.008  1.00 25.52 ? 374 HOH A O   1 
HETATM 1423 O O   . HOH C 3 .   ? -4.060  -6.621  6.074   1.00 19.47 ? 375 HOH A O   1 
HETATM 1424 O O   . HOH C 3 .   ? -8.570  -8.770  -16.350 1.00 29.89 ? 376 HOH A O   1 
HETATM 1425 O O   . HOH C 3 .   ? 2.712   12.370  8.710   1.00 34.63 ? 377 HOH A O   1 
HETATM 1426 O O   . HOH C 3 .   ? 10.282  9.215   7.508   1.00 29.85 ? 378 HOH A O   1 
HETATM 1427 O O   . HOH C 3 .   ? -8.752  13.970  11.017  1.00 31.32 ? 379 HOH A O   1 
HETATM 1428 O O   . HOH C 3 .   ? -3.489  9.253   9.364   1.00 17.59 ? 380 HOH A O   1 
HETATM 1429 O O   . HOH C 3 .   ? 11.500  -4.785  10.771  1.00 31.17 ? 381 HOH A O   1 
HETATM 1430 O O   . HOH C 3 .   ? -5.332  2.904   -16.237 1.00 25.65 ? 382 HOH A O   1 
HETATM 1431 O O   . HOH C 3 .   ? 10.884  -3.777  -12.943 1.00 29.05 ? 383 HOH A O   1 
HETATM 1432 O O   . HOH C 3 .   ? 7.450   -7.730  -8.053  1.00 16.94 ? 384 HOH A O   1 
HETATM 1433 O O   . HOH C 3 .   ? 1.559   8.807   1.762   1.00 15.83 ? 385 HOH A O   1 
HETATM 1434 O O   . HOH C 3 .   ? -2.979  -12.660 -20.326 1.00 43.03 ? 386 HOH A O   1 
HETATM 1435 O O   . HOH C 3 .   ? -5.991  -0.512  16.525  1.00 41.19 ? 387 HOH A O   1 
HETATM 1436 O O   . HOH C 3 .   ? 4.794   -1.149  -19.587 1.00 25.14 ? 388 HOH A O   1 
HETATM 1437 O O   . HOH C 3 .   ? -0.823  -14.621 -13.426 1.00 22.74 ? 389 HOH A O   1 
HETATM 1438 O O   . HOH C 3 .   ? 3.051   12.227  -3.032  1.00 41.22 ? 390 HOH A O   1 
HETATM 1439 O O   . HOH C 3 .   ? -12.918 2.500   2.084   1.00 23.32 ? 391 HOH A O   1 
HETATM 1440 O O   . HOH C 3 .   ? 10.535  -5.616  14.396  1.00 31.81 ? 392 HOH A O   1 
HETATM 1441 O O   . HOH C 3 .   ? -9.996  -11.274 -0.954  1.00 41.76 ? 393 HOH A O   1 
HETATM 1442 O O   . HOH C 3 .   ? 1.868   9.878   -23.072 1.00 26.71 ? 394 HOH A O   1 
HETATM 1443 O O   . HOH C 3 .   ? 9.032   -5.895  -17.335 1.00 42.17 ? 395 HOH A O   1 
HETATM 1444 O O   . HOH C 3 .   ? 1.262   -9.118  8.160   1.00 30.55 ? 396 HOH A O   1 
HETATM 1445 O O   . HOH C 3 .   ? 4.712   11.358  -8.859  1.00 42.65 ? 397 HOH A O   1 
HETATM 1446 O O   . HOH C 3 .   ? 3.943   0.248   -22.830 1.00 36.26 ? 398 HOH A O   1 
HETATM 1447 O O   . HOH C 3 .   ? 10.899  -14.656 5.744   1.00 47.03 ? 399 HOH A O   1 
HETATM 1448 O O   . HOH C 3 .   ? -6.322  -6.961  10.636  1.00 36.41 ? 400 HOH A O   1 
HETATM 1449 O O   . HOH C 3 .   ? 0.162   7.753   -13.009 1.00 32.34 ? 401 HOH A O   1 
HETATM 1450 O O   . HOH C 3 .   ? -1.395  -6.333  16.831  1.00 36.03 ? 402 HOH A O   1 
HETATM 1451 O O   . HOH C 3 .   ? 8.472   -13.170 -19.395 1.00 27.05 ? 403 HOH A O   1 
HETATM 1452 O O   . HOH C 3 .   ? -16.820 -6.569  -6.208  1.00 53.46 ? 404 HOH A O   1 
HETATM 1453 O O   . HOH C 3 .   ? -13.007 5.042   2.623   1.00 29.56 ? 405 HOH A O   1 
HETATM 1454 O O   . HOH C 3 .   ? 1.107   -11.631 9.626   1.00 40.94 ? 406 HOH A O   1 
HETATM 1455 O O   . HOH C 3 .   ? -2.836  19.827  4.537   1.00 47.16 ? 407 HOH A O   1 
HETATM 1456 O O   . HOH C 3 .   ? 4.468   9.052   -15.033 1.00 24.67 ? 408 HOH A O   1 
HETATM 1457 O O   . HOH C 3 .   ? -13.557 6.099   -6.718  1.00 28.61 ? 409 HOH A O   1 
HETATM 1458 O O   . HOH C 3 .   ? 1.919   2.763   -24.023 1.00 34.62 ? 410 HOH A O   1 
HETATM 1459 O O   . HOH C 3 .   ? 13.383  -6.560  -11.810 1.00 32.81 ? 411 HOH A O   1 
HETATM 1460 O O   . HOH C 3 .   ? -8.853  8.648   20.603  1.00 41.44 ? 412 HOH A O   1 
HETATM 1461 O O   . HOH C 3 .   ? 8.538   -4.529  3.497   1.00 36.16 ? 413 HOH A O   1 
HETATM 1462 O O   . HOH C 3 .   ? -15.214 1.330   -12.476 1.00 45.26 ? 414 HOH A O   1 
HETATM 1463 O O   . HOH C 3 .   ? -0.552  -11.982 -23.167 1.00 51.83 ? 415 HOH A O   1 
HETATM 1464 O O   . HOH C 3 .   ? -12.698 -7.308  -18.274 1.00 50.01 ? 416 HOH A O   1 
HETATM 1465 O O   . HOH C 3 .   ? 10.557  5.948   14.353  1.00 38.49 ? 417 HOH A O   1 
HETATM 1466 O O   . HOH C 3 .   ? -16.753 0.359   -3.290  1.00 27.62 ? 418 HOH A O   1 
HETATM 1467 O O   . HOH C 3 .   ? 11.247  -17.900 -2.401  1.00 47.02 ? 419 HOH A O   1 
HETATM 1468 O O   . HOH C 3 .   ? 3.757   17.342  9.960   1.00 55.56 ? 420 HOH A O   1 
HETATM 1469 O O   . HOH C 3 .   ? -8.393  -5.860  10.490  1.00 48.94 ? 421 HOH A O   1 
HETATM 1470 O O   . HOH C 3 .   ? 9.499   -0.583  -17.192 1.00 37.99 ? 422 HOH A O   1 
HETATM 1471 O O   . HOH C 3 .   ? 10.160  2.929   -12.449 1.00 38.18 ? 423 HOH A O   1 
HETATM 1472 O O   . HOH C 3 .   ? -9.793  9.278   -4.465  1.00 35.81 ? 424 HOH A O   1 
HETATM 1473 O O   . HOH C 3 .   ? -7.822  4.265   -10.372 1.00 20.11 ? 425 HOH A O   1 
HETATM 1474 O O   . HOH C 3 .   ? -1.269  -18.166 -6.243  1.00 20.59 ? 426 HOH A O   1 
HETATM 1475 O O   . HOH C 3 .   ? 10.645  -10.943 -3.451  1.00 35.33 ? 427 HOH A O   1 
HETATM 1476 O O   . HOH C 3 .   ? 9.294   6.333   -9.452  1.00 34.99 ? 428 HOH A O   1 
HETATM 1477 O O   . HOH C 3 .   ? 6.267   -3.386  0.554   1.00 21.58 ? 429 HOH A O   1 
HETATM 1478 O O   . HOH C 3 .   ? 11.434  5.786   -22.424 1.00 38.33 ? 430 HOH A O   1 
HETATM 1479 O O   . HOH C 3 .   ? 12.525  2.929   13.428  1.00 23.87 ? 431 HOH A O   1 
HETATM 1480 O O   . HOH C 3 .   ? -8.126  3.257   7.235   1.00 28.32 ? 432 HOH A O   1 
HETATM 1481 O O   . HOH C 3 .   ? 6.632   -6.628  4.052   1.00 30.53 ? 433 HOH A O   1 
HETATM 1482 O O   . HOH C 3 .   ? 0.109   -2.121  24.989  1.00 47.57 ? 434 HOH A O   1 
HETATM 1483 O O   . HOH C 3 .   ? 9.877   -10.563 -0.814  1.00 20.83 ? 435 HOH A O   1 
HETATM 1484 O O   . HOH C 3 .   ? 10.991  -3.808  -17.159 1.00 51.90 ? 436 HOH A O   1 
HETATM 1485 O O   . HOH C 3 .   ? 1.075   -5.755  -21.557 1.00 37.95 ? 437 HOH A O   1 
HETATM 1486 O O   . HOH C 3 .   ? -6.916  -5.802  -9.166  1.00 30.13 ? 438 HOH A O   1 
HETATM 1487 O O   . HOH C 3 .   ? -10.534 -7.465  9.169   1.00 52.89 ? 439 HOH A O   1 
HETATM 1488 O O   . HOH C 3 .   ? 9.559   -0.921  -10.979 1.00 35.09 ? 440 HOH A O   1 
HETATM 1489 O O   . HOH C 3 .   ? 10.053  1.061   -13.832 1.00 40.62 ? 441 HOH A O   1 
HETATM 1490 O O   . HOH C 3 .   ? 0.805   6.203   -22.565 1.00 41.02 ? 442 HOH A O   1 
HETATM 1491 O O   . HOH C 3 .   ? -0.285  10.798  1.379   1.00 28.67 ? 443 HOH A O   1 
HETATM 1492 O O   . HOH C 3 .   ? 11.833  -10.529 6.553   1.00 42.04 ? 444 HOH A O   1 
HETATM 1493 O O   . HOH C 3 .   ? 13.070  -10.019 -11.322 1.00 34.69 ? 445 HOH A O   1 
HETATM 1494 O O   . HOH C 3 .   ? -5.403  -3.433  20.529  1.00 46.05 ? 446 HOH A O   1 
HETATM 1495 O O   . HOH C 3 .   ? 12.232  -1.860  -6.651  1.00 42.71 ? 447 HOH A O   1 
HETATM 1496 O O   . HOH C 3 .   ? -13.675 5.976   0.144   1.00 26.21 ? 448 HOH A O   1 
HETATM 1497 O O   . HOH C 3 .   ? 8.018   -0.584  -18.814 1.00 41.84 ? 449 HOH A O   1 
HETATM 1498 O O   . HOH C 3 .   ? -6.157  3.415   14.002  1.00 27.49 ? 450 HOH A O   1 
HETATM 1499 O O   . HOH C 3 .   ? -5.646  1.435   15.414  1.00 29.84 ? 451 HOH A O   1 
HETATM 1500 O O   . HOH C 3 .   ? 7.521   -19.764 2.005   1.00 48.79 ? 452 HOH A O   1 
HETATM 1501 O O   . HOH C 3 .   ? -14.393 -3.510  -6.116  1.00 34.81 ? 453 HOH A O   1 
HETATM 1502 O O   . HOH C 3 .   ? 13.612  -14.792 4.255   1.00 58.34 ? 454 HOH A O   1 
HETATM 1503 O O   . HOH C 3 .   ? 3.065   12.482  12.535  1.00 47.73 ? 455 HOH A O   1 
HETATM 1504 O O   . HOH C 3 .   ? -11.015 9.445   -2.652  1.00 48.45 ? 456 HOH A O   1 
HETATM 1505 O O   . HOH C 3 .   ? -15.295 0.665   -10.018 1.00 33.37 ? 457 HOH A O   1 
HETATM 1506 O O   . HOH C 3 .   ? -0.141  5.576   -18.131 1.00 40.85 ? 458 HOH A O   1 
HETATM 1507 O O   . HOH C 3 .   ? -4.371  4.956   -17.271 1.00 46.16 ? 459 HOH A O   1 
HETATM 1508 O O   . HOH C 3 .   ? 13.056  -15.806 -6.458  1.00 40.31 ? 460 HOH A O   1 
HETATM 1509 O O   . HOH C 3 .   ? -9.260  14.216  7.916   1.00 38.81 ? 461 HOH A O   1 
HETATM 1510 O O   . HOH C 3 .   ? 12.308  -19.840 -0.239  1.00 48.93 ? 462 HOH A O   1 
HETATM 1511 O O   . HOH C 3 .   ? 10.806  6.095   -5.241  1.00 56.08 ? 463 HOH A O   1 
HETATM 1512 O O   . HOH C 3 .   ? -8.182  -7.036  3.175   1.00 35.25 ? 464 HOH A O   1 
HETATM 1513 O O   . HOH C 3 .   ? -2.733  -6.856  8.548   1.00 21.42 ? 465 HOH A O   1 
HETATM 1514 O O   . HOH C 3 .   ? -17.575 -1.557  -15.576 1.00 48.72 ? 466 HOH A O   1 
HETATM 1515 O O   . HOH C 3 .   ? 10.447  9.674   14.301  1.00 53.58 ? 467 HOH A O   1 
HETATM 1516 O O   . HOH C 3 .   ? -6.294  20.660  6.923   1.00 60.03 ? 468 HOH A O   1 
HETATM 1517 O O   . HOH C 3 .   ? 3.545   -13.970 -21.714 1.00 45.87 ? 469 HOH A O   1 
HETATM 1518 O O   . HOH C 3 .   ? -1.385  -9.258  8.349   1.00 38.65 ? 470 HOH A O   1 
HETATM 1519 O O   . HOH C 3 .   ? 6.597   8.731   11.170  1.00 44.61 ? 471 HOH A O   1 
HETATM 1520 O O   . HOH C 3 .   ? -1.617  -16.370 -10.489 1.00 38.01 ? 472 HOH A O   1 
HETATM 1521 O O   . HOH C 3 .   ? -8.313  -15.150 -2.679  1.00 43.63 ? 473 HOH A O   1 
HETATM 1522 O O   . HOH C 3 .   ? -3.443  -18.954 -4.749  1.00 29.10 ? 474 HOH A O   1 
HETATM 1523 O O   . HOH C 3 .   ? -9.800  5.615   -9.853  1.00 41.83 ? 475 HOH A O   1 
HETATM 1524 O O   . HOH C 3 .   ? -5.662  15.636  23.412  1.00 35.29 ? 476 HOH A O   1 
HETATM 1525 O O   . HOH C 3 .   ? -14.783 5.136   -8.307  1.00 44.00 ? 477 HOH A O   1 
HETATM 1526 O O   . HOH C 3 .   ? -7.959  12.437  21.823  1.00 37.83 ? 478 HOH A O   1 
HETATM 1527 O O   . HOH C 3 .   ? 0.539   14.909  10.896  1.00 37.66 ? 479 HOH A O   1 
HETATM 1528 O O   . HOH C 3 .   ? -0.244  -3.110  22.686  1.00 49.30 ? 480 HOH A O   1 
HETATM 1529 O O   . HOH C 3 .   ? -3.134  -2.472  -20.029 1.00 36.64 ? 481 HOH A O   1 
HETATM 1530 O O   . HOH C 3 .   ? -6.818  1.275   18.620  1.00 56.32 ? 482 HOH A O   1 
HETATM 1531 O O   . HOH C 3 .   ? 6.577   9.706   8.961   1.00 46.05 ? 483 HOH A O   1 
HETATM 1532 O O   . HOH C 3 .   ? 0.532   15.247  15.277  1.00 31.67 ? 484 HOH A O   1 
HETATM 1533 O O   . HOH C 3 .   ? 11.691  8.629   1.761   1.00 40.61 ? 485 HOH A O   1 
HETATM 1534 O O   . HOH C 3 .   ? -6.328  16.723  13.895  1.00 29.44 ? 486 HOH A O   1 
HETATM 1535 O O   . HOH C 3 .   ? -11.587 11.209  12.865  1.00 38.82 ? 487 HOH A O   1 
HETATM 1536 O O   . HOH C 3 .   ? -13.220 -0.881  -17.669 1.00 43.72 ? 488 HOH A O   1 
HETATM 1537 O O   . HOH C 3 .   ? 8.259   8.021   9.609   1.00 42.33 ? 489 HOH A O   1 
HETATM 1538 O O   . HOH C 3 .   ? 9.456   -6.408  4.254   1.00 43.68 ? 490 HOH A O   1 
HETATM 1539 O O   . HOH C 3 .   ? 9.089   8.999   -9.385  1.00 47.78 ? 491 HOH A O   1 
HETATM 1540 O O   . HOH C 3 .   ? -11.274 -7.905  -16.208 1.00 28.80 ? 492 HOH A O   1 
HETATM 1541 O O   . HOH C 3 .   ? -11.253 -9.779  -4.324  1.00 43.00 ? 493 HOH A O   1 
HETATM 1542 O O   . HOH C 3 .   ? 6.088   10.979  12.056  1.00 46.22 ? 494 HOH A O   1 
HETATM 1543 O O   . HOH C 3 .   ? -5.498  -8.187  -20.395 1.00 33.90 ? 495 HOH A O   1 
HETATM 1544 O O   . HOH C 3 .   ? 13.150  -11.842 -13.888 1.00 42.10 ? 496 HOH A O   1 
HETATM 1545 O O   . HOH C 3 .   ? -7.884  6.346   -14.484 1.00 47.37 ? 497 HOH A O   1 
HETATM 1546 O O   . HOH C 3 .   ? 7.509   8.070   -11.995 1.00 47.77 ? 498 HOH A O   1 
HETATM 1547 O O   . HOH C 3 .   ? -11.344 14.776  8.358   1.00 44.09 ? 499 HOH A O   1 
HETATM 1548 O O   . HOH C 3 .   ? -3.486  19.866  8.573   1.00 38.14 ? 500 HOH A O   1 
HETATM 1549 O O   . HOH C 3 .   ? 0.772   -7.738  -22.500 1.00 43.99 ? 501 HOH A O   1 
HETATM 1550 O O   . HOH C 3 .   ? -13.748 12.776  7.776   1.00 43.79 ? 502 HOH A O   1 
HETATM 1551 O O   . HOH C 3 .   ? -4.554  14.852  -2.188  1.00 54.30 ? 503 HOH A O   1 
HETATM 1552 O O   . HOH C 3 .   ? -10.231 -2.493  6.382   1.00 35.94 ? 504 HOH A O   1 
HETATM 1553 O O   . HOH C 3 .   ? -0.216  17.568  11.206  1.00 42.34 ? 505 HOH A O   1 
HETATM 1554 O O   . HOH C 3 .   ? -4.529  -3.471  23.693  1.00 52.69 ? 506 HOH A O   1 
HETATM 1555 O O   . HOH C 3 .   ? -13.125 -4.574  -19.321 1.00 39.12 ? 507 HOH A O   1 
HETATM 1556 O O   . HOH C 3 .   ? -15.432 -7.541  -11.683 1.00 44.75 ? 508 HOH A O   1 
HETATM 1557 O O   . HOH C 3 .   ? -8.791  -11.227 -14.651 1.00 46.07 ? 509 HOH A O   1 
HETATM 1558 O O   . HOH C 3 .   ? -12.827 13.737  9.669   1.00 48.79 ? 510 HOH A O   1 
HETATM 1559 O O   . HOH C 3 .   ? -8.001  3.984   -13.147 1.00 27.16 ? 511 HOH A O   1 
HETATM 1560 O O   . HOH C 3 .   ? -13.597 0.771   4.746   1.00 47.42 ? 512 HOH A O   1 
HETATM 1561 O O   . HOH C 3 .   ? -1.013  15.355  17.281  1.00 36.42 ? 513 HOH A O   1 
HETATM 1562 O O   . HOH C 3 .   ? -10.027 -1.476  -19.844 1.00 55.78 ? 514 HOH A O   1 
HETATM 1563 O O   . HOH C 3 .   ? 10.047  7.655   12.272  1.00 49.02 ? 515 HOH A O   1 
HETATM 1564 O O   . HOH C 3 .   ? 8.229   10.816  -17.107 1.00 52.27 ? 516 HOH A O   1 
HETATM 1565 O O   . HOH C 3 .   ? -9.125  -7.400  -9.290  1.00 33.81 ? 517 HOH A O   1 
HETATM 1566 O O   . HOH C 3 .   ? -7.752  -9.829  -18.757 1.00 40.70 ? 518 HOH A O   1 
HETATM 1567 O O   . HOH C 3 .   ? -0.263  5.440   -20.467 1.00 39.73 ? 519 HOH A O   1 
HETATM 1568 O O   . HOH C 3 .   ? -10.757 3.715   -13.888 1.00 41.79 ? 520 HOH A O   1 
HETATM 1569 O O   . HOH C 3 .   ? -5.702  6.952   -16.231 1.00 47.84 ? 521 HOH A O   1 
HETATM 1570 O O   . HOH C 3 .   ? -13.583 8.943   -5.927  1.00 41.84 ? 522 HOH A O   1 
HETATM 1571 O O   . HOH C 3 .   ? 5.799   -14.788 -22.319 1.00 45.09 ? 523 HOH A O   1 
HETATM 1572 O O   . HOH C 3 .   ? -10.455 -5.998  3.852   1.00 43.41 ? 524 HOH A O   1 
HETATM 1573 O O   . HOH C 3 .   ? -14.145 -4.020  -3.174  1.00 40.28 ? 525 HOH A O   1 
HETATM 1574 O O   . HOH C 3 .   ? -14.892 -9.577  -14.371 1.00 53.56 ? 526 HOH A O   1 
HETATM 1575 O O   . HOH C 3 .   ? -3.192  17.030  16.931  1.00 28.10 ? 527 HOH A O   1 
HETATM 1576 O O   . HOH C 3 .   ? 16.318  -16.360 2.454   1.00 47.55 ? 528 HOH A O   1 
HETATM 1577 O O   . HOH C 3 .   ? -9.735  15.148  12.986  1.00 45.06 ? 529 HOH A O   1 
HETATM 1578 O O   . HOH C 3 .   ? -8.018  -3.182  21.336  1.00 33.96 ? 530 HOH A O   1 
HETATM 1579 O O   . HOH C 3 .   ? 2.147   -20.330 6.049   1.00 43.89 ? 531 HOH A O   1 
HETATM 1580 O O   . HOH C 3 .   ? 7.527   -21.249 4.658   1.00 47.78 ? 532 HOH A O   1 
HETATM 1581 O O   . HOH C 3 .   ? -10.856 10.431  -0.065  1.00 41.47 ? 533 HOH A O   1 
HETATM 1582 O O   . HOH C 3 .   ? 3.776   -2.424  -21.884 1.00 43.66 ? 534 HOH A O   1 
HETATM 1583 O O   . HOH C 3 .   ? -10.647 -8.080  -2.830  1.00 41.95 ? 535 HOH A O   1 
HETATM 1584 O O   . HOH C 3 .   ? -3.596  17.159  -2.812  1.00 54.35 ? 536 HOH A O   1 
HETATM 1585 O O   . HOH C 3 .   ? 3.026   10.984  -25.447 1.00 45.10 ? 537 HOH A O   1 
HETATM 1586 O O   . HOH C 3 .   ? 9.334   14.530  -20.799 1.00 40.57 ? 538 HOH A O   1 
HETATM 1587 O O   . HOH C 3 .   ? -16.646 3.149   0.398   1.00 37.81 ? 539 HOH A O   1 
HETATM 1588 O O   . HOH C 3 .   ? 17.358  -8.178  -6.788  1.00 50.34 ? 540 HOH A O   1 
HETATM 1589 O O   . HOH C 3 .   ? -2.996  -8.574  4.402   1.00 23.79 ? 541 HOH A O   1 
HETATM 1590 O O   . HOH C 3 .   ? -10.915 8.980   -6.740  1.00 40.67 ? 542 HOH A O   1 
HETATM 1591 O O   . HOH C 3 .   ? -6.112  13.092  23.549  1.00 31.76 ? 543 HOH A O   1 
HETATM 1592 O O   . HOH C 3 .   ? -11.833 -4.225  3.651   1.00 39.62 ? 544 HOH A O   1 
HETATM 1593 O O   . HOH C 3 .   ? -4.930  -9.720  3.077   1.00 34.05 ? 545 HOH A O   1 
HETATM 1594 O O   . HOH C 3 .   ? 0.185   -19.889 -4.530  1.00 22.75 ? 546 HOH A O   1 
HETATM 1595 O O   . HOH C 3 .   ? -8.822  -1.001  22.680  1.00 42.47 ? 547 HOH A O   1 
HETATM 1596 O O   . HOH C 3 .   ? -9.601  -8.503  -0.348  1.00 33.05 ? 548 HOH A O   1 
HETATM 1597 O O   . HOH C 3 .   ? -4.341  18.964  12.970  1.00 32.09 ? 549 HOH A O   1 
HETATM 1598 O O   . HOH C 3 .   ? -13.716 8.388   -0.669  1.00 37.22 ? 550 HOH A O   1 
HETATM 1599 O O   . HOH C 3 .   ? 7.734   -15.553 -21.457 1.00 45.57 ? 551 HOH A O   1 
HETATM 1600 O O   . HOH C 3 .   ? -12.359 -8.673  -13.975 1.00 30.74 ? 552 HOH A O   1 
HETATM 1601 O O   . HOH C 3 .   ? -1.680  -7.980  -22.766 1.00 38.28 ? 553 HOH A O   1 
HETATM 1602 O O   . HOH C 3 .   ? -5.215  21.343  12.540  1.00 48.79 ? 554 HOH A O   1 
HETATM 1603 O O   . HOH C 3 .   ? 9.472   11.520  6.475   1.00 46.27 ? 555 HOH A O   1 
HETATM 1604 O O   . HOH C 3 .   ? 11.075  -1.112  -14.279 1.00 54.66 ? 556 HOH A O   1 
HETATM 1605 O O   . HOH C 3 .   ? -13.960 -0.807  0.083   1.00 35.63 ? 557 HOH A O   1 
HETATM 1606 O O   . HOH C 3 .   ? 1.893   -0.569  -23.830 1.00 47.40 ? 558 HOH A O   1 
HETATM 1607 O O   . HOH C 3 .   ? -14.452 -2.831  -1.333  1.00 45.81 ? 559 HOH A O   1 
HETATM 1608 O O   . HOH C 3 .   ? 13.402  -15.168 -13.120 1.00 51.58 ? 560 HOH A O   1 
HETATM 1609 O O   . HOH C 3 .   ? 10.414  12.013  4.254   1.00 48.66 ? 561 HOH A O   1 
HETATM 1610 O O   . HOH C 3 .   ? -5.916  -3.065  25.515  1.00 60.98 ? 562 HOH A O   1 
HETATM 1611 O O   . HOH C 3 .   ? -1.371  -3.227  -21.988 1.00 42.23 ? 563 HOH A O   1 
HETATM 1612 O O   . HOH C 3 .   ? -10.222 -10.520 -12.950 1.00 39.39 ? 564 HOH A O   1 
HETATM 1613 O O   . HOH C 3 .   ? -11.383 -7.166  1.937   1.00 46.61 ? 565 HOH A O   1 
HETATM 1614 O O   . HOH C 3 .   ? -2.320  -5.125  -23.103 1.00 50.61 ? 566 HOH A O   1 
# 
loop_
_pdbx_poly_seq_scheme.asym_id 
_pdbx_poly_seq_scheme.entity_id 
_pdbx_poly_seq_scheme.seq_id 
_pdbx_poly_seq_scheme.mon_id 
_pdbx_poly_seq_scheme.ndb_seq_num 
_pdbx_poly_seq_scheme.pdb_seq_num 
_pdbx_poly_seq_scheme.auth_seq_num 
_pdbx_poly_seq_scheme.pdb_mon_id 
_pdbx_poly_seq_scheme.auth_mon_id 
_pdbx_poly_seq_scheme.pdb_strand_id 
_pdbx_poly_seq_scheme.pdb_ins_code 
_pdbx_poly_seq_scheme.hetero 
A 1 1   SER 1   2   2   SER SER A . n 
A 1 2   GLY 2   3   3   GLY GLY A . n 
A 1 3   ILE 3   4   4   ILE ILE A . n 
A 1 4   ALA 4   5   5   ALA ALA A . n 
A 1 5   LEU 5   6   6   LEU LEU A . n 
A 1 6   SER 6   7   7   SER SER A . n 
A 1 7   ARG 7   8   8   ARG ARG A . n 
A 1 8   LEU 8   9   9   LEU LEU A . n 
A 1 9   ALA 9   10  10  ALA ALA A . n 
A 1 10  GLN 10  11  11  GLN GLN A . n 
A 1 11  GLU 11  12  12  GLU GLU A . n 
A 1 12  ARG 12  13  13  ARG ARG A . n 
A 1 13  LYS 13  14  14  LYS LYS A . n 
A 1 14  ALA 14  15  15  ALA ALA A . n 
A 1 15  TRP 15  16  16  TRP TRP A . n 
A 1 16  ARG 16  17  17  ARG ARG A . n 
A 1 17  LYS 17  18  18  LYS LYS A . n 
A 1 18  ASP 18  19  19  ASP ASP A . n 
A 1 19  HIS 19  20  20  HIS HIS A . n 
A 1 20  PRO 20  21  21  PRO PRO A . n 
A 1 21  PHE 21  22  22  PHE PHE A . n 
A 1 22  GLY 22  23  23  GLY GLY A . n 
A 1 23  PHE 23  24  24  PHE PHE A . n 
A 1 24  VAL 24  25  25  VAL VAL A . n 
A 1 25  ALA 25  26  26  ALA ALA A . n 
A 1 26  VAL 26  27  27  VAL VAL A . n 
A 1 27  PRO 27  28  28  PRO PRO A . n 
A 1 28  THR 28  29  29  THR THR A . n 
A 1 29  LYS 29  30  30  LYS LYS A . n 
A 1 30  ASN 30  31  31  ASN ASN A . n 
A 1 31  PRO 31  32  32  PRO PRO A . n 
A 1 32  ASP 32  33  33  ASP ASP A . n 
A 1 33  GLY 33  34  34  GLY GLY A . n 
A 1 34  THR 34  35  35  THR THR A . n 
A 1 35  MET 35  36  36  MET MET A . n 
A 1 36  ASN 36  37  37  ASN ASN A . n 
A 1 37  LEU 37  38  38  LEU LEU A . n 
A 1 38  MET 38  39  39  MET MET A . n 
A 1 39  ASN 39  40  40  ASN ASN A . n 
A 1 40  TRP 40  41  41  TRP TRP A . n 
A 1 41  GLU 41  42  42  GLU GLU A . n 
A 1 42  CYS 42  43  43  CYS CYS A . n 
A 1 43  ALA 43  44  44  ALA ALA A . n 
A 1 44  ILE 44  45  45  ILE ILE A . n 
A 1 45  PRO 45  46  46  PRO PRO A . n 
A 1 46  GLY 46  47  47  GLY GLY A . n 
A 1 47  ALA 47  48  48  ALA ALA A . n 
A 1 48  ALA 48  49  49  ALA ALA A . n 
A 1 49  GLY 49  50  50  GLY GLY A . n 
A 1 50  THR 50  51  51  THR THR A . n 
A 1 51  PRO 51  52  52  PRO PRO A . n 
A 1 52  TRP 52  53  53  TRP TRP A . n 
A 1 53  ALA 53  54  54  ALA ALA A . n 
A 1 54  GLY 54  55  55  GLY GLY A . n 
A 1 55  GLY 55  56  56  GLY GLY A . n 
A 1 56  LEU 56  57  57  LEU LEU A . n 
A 1 57  PHE 57  58  58  PHE PHE A . n 
A 1 58  LYS 58  59  59  LYS LYS A . n 
A 1 59  LEU 59  60  60  LEU LEU A . n 
A 1 60  ARG 60  61  61  ARG ARG A . n 
A 1 61  MET 61  62  62  MET MET A . n 
A 1 62  LEU 62  63  63  LEU LEU A . n 
A 1 63  PHE 63  64  64  PHE PHE A . n 
A 1 64  LYS 64  65  65  LYS LYS A . n 
A 1 65  ASP 65  66  66  ASP ASP A . n 
A 1 66  ASP 66  67  67  ASP ASP A . n 
A 1 67  TYR 67  68  68  TYR TYR A . n 
A 1 68  PRO 68  69  69  PRO PRO A . n 
A 1 69  SER 69  70  70  SER SER A . n 
A 1 70  SER 70  71  71  SER SER A . n 
A 1 71  PRO 71  72  72  PRO PRO A . n 
A 1 72  PRO 72  73  73  PRO PRO A . n 
A 1 73  LYS 73  74  74  LYS LYS A . n 
A 1 74  CYS 74  75  75  CYS CYS A . n 
A 1 75  LYS 75  76  76  LYS LYS A . n 
A 1 76  PHE 76  77  77  PHE PHE A . n 
A 1 77  GLU 77  78  78  GLU GLU A . n 
A 1 78  PRO 78  79  79  PRO PRO A . n 
A 1 79  PRO 79  80  80  PRO PRO A . n 
A 1 80  LEU 80  81  81  LEU LEU A . n 
A 1 81  PHE 81  82  82  PHE PHE A . n 
A 1 82  HIS 82  83  83  HIS HIS A . n 
A 1 83  PRO 83  84  84  PRO PRO A . n 
A 1 84  ASN 84  85  85  ASN ASN A . n 
A 1 85  VAL 85  86  86  VAL VAL A . n 
A 1 86  TYR 86  87  87  TYR TYR A . n 
A 1 87  PRO 87  88  88  PRO PRO A . n 
A 1 88  SER 88  89  89  SER SER A . n 
A 1 89  GLY 89  90  90  GLY GLY A . n 
A 1 90  THR 90  91  91  THR THR A . n 
A 1 91  VAL 91  92  92  VAL VAL A . n 
A 1 92  CYS 92  93  93  CYS CYS A . n 
A 1 93  LEU 93  94  94  LEU LEU A . n 
A 1 94  SER 94  95  95  SER SER A . n 
A 1 95  ILE 95  96  96  ILE ILE A . n 
A 1 96  LEU 96  97  97  LEU LEU A . n 
A 1 97  GLU 97  98  98  GLU GLU A . n 
A 1 98  GLU 98  99  99  GLU GLU A . n 
A 1 99  ASP 99  100 100 ASP ASP A . n 
A 1 100 LYS 100 101 101 LYS LYS A . n 
A 1 101 ASP 101 102 102 ASP ASP A . n 
A 1 102 TRP 102 103 103 TRP TRP A . n 
A 1 103 ARG 103 104 104 ARG ARG A . n 
A 1 104 PRO 104 105 105 PRO PRO A . n 
A 1 105 ALA 105 106 106 ALA ALA A . n 
A 1 106 ILE 106 107 107 ILE ILE A . n 
A 1 107 THR 107 108 108 THR THR A . n 
A 1 108 ILE 108 109 109 ILE ILE A . n 
A 1 109 LYS 109 110 110 LYS LYS A . n 
A 1 110 GLN 110 111 111 GLN GLN A . n 
A 1 111 ILE 111 112 112 ILE ILE A . n 
A 1 112 LEU 112 113 113 LEU LEU A . n 
A 1 113 LEU 113 114 114 LEU LEU A . n 
A 1 114 GLY 114 115 115 GLY GLY A . n 
A 1 115 ILE 115 116 116 ILE ILE A . n 
A 1 116 GLN 116 117 117 GLN GLN A . n 
A 1 117 GLU 117 118 118 GLU GLU A . n 
A 1 118 LEU 118 119 119 LEU LEU A . n 
A 1 119 LEU 119 120 120 LEU LEU A . n 
A 1 120 ASN 120 121 121 ASN ASN A . n 
A 1 121 GLU 121 122 122 GLU GLU A . n 
A 1 122 PRO 122 123 123 PRO PRO A . n 
A 1 123 ASN 123 124 124 ASN ASN A . n 
A 1 124 ILE 124 125 125 ILE ILE A . n 
A 1 125 GLN 125 126 126 GLN GLN A . n 
A 1 126 ASP 126 127 127 ASP ASP A . n 
A 1 127 PRO 127 128 128 PRO PRO A . n 
A 1 128 ALA 128 129 129 ALA ALA A . n 
A 1 129 GLN 129 130 130 GLN GLN A . n 
A 1 130 ALA 130 131 131 ALA ALA A . n 
A 1 131 GLU 131 132 132 GLU GLU A . n 
A 1 132 ALA 132 133 133 ALA ALA A . n 
A 1 133 TYR 133 134 134 TYR TYR A . n 
A 1 134 THR 134 135 135 THR THR A . n 
A 1 135 ILE 135 136 136 ILE ILE A . n 
A 1 136 TYR 136 137 137 TYR TYR A . n 
A 1 137 CYS 137 138 138 CYS CYS A . n 
A 1 138 GLN 138 139 139 GLN GLN A . n 
A 1 139 ASN 139 140 140 ASN ASN A . n 
A 1 140 ARG 140 141 141 ARG ARG A . n 
A 1 141 VAL 141 142 142 VAL VAL A . n 
A 1 142 GLU 142 143 143 GLU GLU A . n 
A 1 143 TYR 143 144 144 TYR TYR A . n 
A 1 144 GLU 144 145 145 GLU GLU A . n 
A 1 145 LYS 145 146 146 LYS LYS A . n 
A 1 146 ARG 146 147 147 ARG ARG A . n 
A 1 147 VAL 147 148 148 VAL VAL A . n 
A 1 148 ARG 148 149 149 ARG ARG A . n 
A 1 149 ALA 149 150 150 ALA ALA A . n 
A 1 150 GLN 150 151 151 GLN GLN A . n 
A 1 151 ALA 151 152 152 ALA ALA A . n 
A 1 152 LYS 152 153 153 LYS LYS A . n 
A 1 153 LYS 153 154 154 LYS LYS A . n 
A 1 154 PHE 154 155 155 PHE PHE A . n 
A 1 155 ALA 155 156 156 ALA ALA A . n 
A 1 156 PRO 156 157 157 PRO PRO A . n 
A 1 157 SER 157 158 ?   ?   ?   A . n 
# 
loop_
_pdbx_nonpoly_scheme.asym_id 
_pdbx_nonpoly_scheme.entity_id 
_pdbx_nonpoly_scheme.mon_id 
_pdbx_nonpoly_scheme.ndb_seq_num 
_pdbx_nonpoly_scheme.pdb_seq_num 
_pdbx_nonpoly_scheme.auth_seq_num 
_pdbx_nonpoly_scheme.pdb_mon_id 
_pdbx_nonpoly_scheme.auth_mon_id 
_pdbx_nonpoly_scheme.pdb_strand_id 
_pdbx_nonpoly_scheme.pdb_ins_code 
B 2 5VJ 1   201 1   5VJ DRG A . 
C 3 HOH 1   301 152 HOH HOH A . 
C 3 HOH 2   302 151 HOH HOH A . 
C 3 HOH 3   303 13  HOH HOH A . 
C 3 HOH 4   304 191 HOH HOH A . 
C 3 HOH 5   305 145 HOH HOH A . 
C 3 HOH 6   306 132 HOH HOH A . 
C 3 HOH 7   307 48  HOH HOH A . 
C 3 HOH 8   308 203 HOH HOH A . 
C 3 HOH 9   309 223 HOH HOH A . 
C 3 HOH 10  310 109 HOH HOH A . 
C 3 HOH 11  311 160 HOH HOH A . 
C 3 HOH 12  312 271 HOH HOH A . 
C 3 HOH 13  313 113 HOH HOH A . 
C 3 HOH 14  314 154 HOH HOH A . 
C 3 HOH 15  315 244 HOH HOH A . 
C 3 HOH 16  316 204 HOH HOH A . 
C 3 HOH 17  317 58  HOH HOH A . 
C 3 HOH 18  318 217 HOH HOH A . 
C 3 HOH 19  319 124 HOH HOH A . 
C 3 HOH 20  320 185 HOH HOH A . 
C 3 HOH 21  321 99  HOH HOH A . 
C 3 HOH 22  322 81  HOH HOH A . 
C 3 HOH 23  323 238 HOH HOH A . 
C 3 HOH 24  324 241 HOH HOH A . 
C 3 HOH 25  325 15  HOH HOH A . 
C 3 HOH 26  326 16  HOH HOH A . 
C 3 HOH 27  327 161 HOH HOH A . 
C 3 HOH 28  328 43  HOH HOH A . 
C 3 HOH 29  329 59  HOH HOH A . 
C 3 HOH 30  330 1   HOH HOH A . 
C 3 HOH 31  331 176 HOH HOH A . 
C 3 HOH 32  332 45  HOH HOH A . 
C 3 HOH 33  333 63  HOH HOH A . 
C 3 HOH 34  334 54  HOH HOH A . 
C 3 HOH 35  335 162 HOH HOH A . 
C 3 HOH 36  336 184 HOH HOH A . 
C 3 HOH 37  337 18  HOH HOH A . 
C 3 HOH 38  338 40  HOH HOH A . 
C 3 HOH 39  339 5   HOH HOH A . 
C 3 HOH 40  340 169 HOH HOH A . 
C 3 HOH 41  341 114 HOH HOH A . 
C 3 HOH 42  342 31  HOH HOH A . 
C 3 HOH 43  343 158 HOH HOH A . 
C 3 HOH 44  344 3   HOH HOH A . 
C 3 HOH 45  345 22  HOH HOH A . 
C 3 HOH 46  346 44  HOH HOH A . 
C 3 HOH 47  347 17  HOH HOH A . 
C 3 HOH 48  348 234 HOH HOH A . 
C 3 HOH 49  349 177 HOH HOH A . 
C 3 HOH 50  350 10  HOH HOH A . 
C 3 HOH 51  351 47  HOH HOH A . 
C 3 HOH 52  352 26  HOH HOH A . 
C 3 HOH 53  353 125 HOH HOH A . 
C 3 HOH 54  354 79  HOH HOH A . 
C 3 HOH 55  355 32  HOH HOH A . 
C 3 HOH 56  356 34  HOH HOH A . 
C 3 HOH 57  357 120 HOH HOH A . 
C 3 HOH 58  358 171 HOH HOH A . 
C 3 HOH 59  359 68  HOH HOH A . 
C 3 HOH 60  360 30  HOH HOH A . 
C 3 HOH 61  361 27  HOH HOH A . 
C 3 HOH 62  362 21  HOH HOH A . 
C 3 HOH 63  363 61  HOH HOH A . 
C 3 HOH 64  364 53  HOH HOH A . 
C 3 HOH 65  365 92  HOH HOH A . 
C 3 HOH 66  366 14  HOH HOH A . 
C 3 HOH 67  367 100 HOH HOH A . 
C 3 HOH 68  368 205 HOH HOH A . 
C 3 HOH 69  369 116 HOH HOH A . 
C 3 HOH 70  370 52  HOH HOH A . 
C 3 HOH 71  371 86  HOH HOH A . 
C 3 HOH 72  372 89  HOH HOH A . 
C 3 HOH 73  373 226 HOH HOH A . 
C 3 HOH 74  374 38  HOH HOH A . 
C 3 HOH 75  375 6   HOH HOH A . 
C 3 HOH 76  376 75  HOH HOH A . 
C 3 HOH 77  377 214 HOH HOH A . 
C 3 HOH 78  378 167 HOH HOH A . 
C 3 HOH 79  379 62  HOH HOH A . 
C 3 HOH 80  380 2   HOH HOH A . 
C 3 HOH 81  381 49  HOH HOH A . 
C 3 HOH 82  382 20  HOH HOH A . 
C 3 HOH 83  383 213 HOH HOH A . 
C 3 HOH 84  384 4   HOH HOH A . 
C 3 HOH 85  385 11  HOH HOH A . 
C 3 HOH 86  386 272 HOH HOH A . 
C 3 HOH 87  387 138 HOH HOH A . 
C 3 HOH 88  388 46  HOH HOH A . 
C 3 HOH 89  389 23  HOH HOH A . 
C 3 HOH 90  390 148 HOH HOH A . 
C 3 HOH 91  391 19  HOH HOH A . 
C 3 HOH 92  392 163 HOH HOH A . 
C 3 HOH 93  393 192 HOH HOH A . 
C 3 HOH 94  394 28  HOH HOH A . 
C 3 HOH 95  395 183 HOH HOH A . 
C 3 HOH 96  396 66  HOH HOH A . 
C 3 HOH 97  397 246 HOH HOH A . 
C 3 HOH 98  398 98  HOH HOH A . 
C 3 HOH 99  399 129 HOH HOH A . 
C 3 HOH 100 400 178 HOH HOH A . 
C 3 HOH 101 401 118 HOH HOH A . 
C 3 HOH 102 402 103 HOH HOH A . 
C 3 HOH 103 403 42  HOH HOH A . 
C 3 HOH 104 404 256 HOH HOH A . 
C 3 HOH 105 405 65  HOH HOH A . 
C 3 HOH 106 406 95  HOH HOH A . 
C 3 HOH 107 407 227 HOH HOH A . 
C 3 HOH 108 408 24  HOH HOH A . 
C 3 HOH 109 409 35  HOH HOH A . 
C 3 HOH 110 410 76  HOH HOH A . 
C 3 HOH 111 411 56  HOH HOH A . 
C 3 HOH 112 412 186 HOH HOH A . 
C 3 HOH 113 413 101 HOH HOH A . 
C 3 HOH 114 414 180 HOH HOH A . 
C 3 HOH 115 415 159 HOH HOH A . 
C 3 HOH 116 416 218 HOH HOH A . 
C 3 HOH 117 417 72  HOH HOH A . 
C 3 HOH 118 418 55  HOH HOH A . 
C 3 HOH 119 419 207 HOH HOH A . 
C 3 HOH 120 420 277 HOH HOH A . 
C 3 HOH 121 421 195 HOH HOH A . 
C 3 HOH 122 422 181 HOH HOH A . 
C 3 HOH 123 423 245 HOH HOH A . 
C 3 HOH 124 424 262 HOH HOH A . 
C 3 HOH 125 425 9   HOH HOH A . 
C 3 HOH 126 426 7   HOH HOH A . 
C 3 HOH 127 427 80  HOH HOH A . 
C 3 HOH 128 428 50  HOH HOH A . 
C 3 HOH 129 429 8   HOH HOH A . 
C 3 HOH 130 430 206 HOH HOH A . 
C 3 HOH 131 431 33  HOH HOH A . 
C 3 HOH 132 432 60  HOH HOH A . 
C 3 HOH 133 433 242 HOH HOH A . 
C 3 HOH 134 434 137 HOH HOH A . 
C 3 HOH 135 435 12  HOH HOH A . 
C 3 HOH 136 436 199 HOH HOH A . 
C 3 HOH 137 437 94  HOH HOH A . 
C 3 HOH 138 438 170 HOH HOH A . 
C 3 HOH 139 439 257 HOH HOH A . 
C 3 HOH 140 440 82  HOH HOH A . 
C 3 HOH 141 441 73  HOH HOH A . 
C 3 HOH 142 442 74  HOH HOH A . 
C 3 HOH 143 443 168 HOH HOH A . 
C 3 HOH 144 444 131 HOH HOH A . 
C 3 HOH 145 445 240 HOH HOH A . 
C 3 HOH 146 446 254 HOH HOH A . 
C 3 HOH 147 447 215 HOH HOH A . 
C 3 HOH 148 448 57  HOH HOH A . 
C 3 HOH 149 449 219 HOH HOH A . 
C 3 HOH 150 450 96  HOH HOH A . 
C 3 HOH 151 451 108 HOH HOH A . 
C 3 HOH 152 452 235 HOH HOH A . 
C 3 HOH 153 453 259 HOH HOH A . 
C 3 HOH 154 454 228 HOH HOH A . 
C 3 HOH 155 455 274 HOH HOH A . 
C 3 HOH 156 456 267 HOH HOH A . 
C 3 HOH 157 457 165 HOH HOH A . 
C 3 HOH 158 458 251 HOH HOH A . 
C 3 HOH 159 459 119 HOH HOH A . 
C 3 HOH 160 460 127 HOH HOH A . 
C 3 HOH 161 461 194 HOH HOH A . 
C 3 HOH 162 462 248 HOH HOH A . 
C 3 HOH 163 463 269 HOH HOH A . 
C 3 HOH 164 464 173 HOH HOH A . 
C 3 HOH 165 465 39  HOH HOH A . 
C 3 HOH 166 466 250 HOH HOH A . 
C 3 HOH 167 467 211 HOH HOH A . 
C 3 HOH 168 468 261 HOH HOH A . 
C 3 HOH 169 469 174 HOH HOH A . 
C 3 HOH 170 470 106 HOH HOH A . 
C 3 HOH 171 471 150 HOH HOH A . 
C 3 HOH 172 472 249 HOH HOH A . 
C 3 HOH 173 473 128 HOH HOH A . 
C 3 HOH 174 474 78  HOH HOH A . 
C 3 HOH 175 475 85  HOH HOH A . 
C 3 HOH 176 476 166 HOH HOH A . 
C 3 HOH 177 477 121 HOH HOH A . 
C 3 HOH 178 478 97  HOH HOH A . 
C 3 HOH 179 479 71  HOH HOH A . 
C 3 HOH 180 480 236 HOH HOH A . 
C 3 HOH 181 481 105 HOH HOH A . 
C 3 HOH 182 482 210 HOH HOH A . 
C 3 HOH 183 483 189 HOH HOH A . 
C 3 HOH 184 484 29  HOH HOH A . 
C 3 HOH 185 485 141 HOH HOH A . 
C 3 HOH 186 486 64  HOH HOH A . 
C 3 HOH 187 487 135 HOH HOH A . 
C 3 HOH 188 488 136 HOH HOH A . 
C 3 HOH 189 489 147 HOH HOH A . 
C 3 HOH 190 490 208 HOH HOH A . 
C 3 HOH 191 491 221 HOH HOH A . 
C 3 HOH 192 492 41  HOH HOH A . 
C 3 HOH 193 493 156 HOH HOH A . 
C 3 HOH 194 494 268 HOH HOH A . 
C 3 HOH 195 495 36  HOH HOH A . 
C 3 HOH 196 496 265 HOH HOH A . 
C 3 HOH 197 497 88  HOH HOH A . 
C 3 HOH 198 498 239 HOH HOH A . 
C 3 HOH 199 499 209 HOH HOH A . 
C 3 HOH 200 500 233 HOH HOH A . 
C 3 HOH 201 501 139 HOH HOH A . 
C 3 HOH 202 502 188 HOH HOH A . 
C 3 HOH 203 503 155 HOH HOH A . 
C 3 HOH 204 504 123 HOH HOH A . 
C 3 HOH 205 505 117 HOH HOH A . 
C 3 HOH 206 506 224 HOH HOH A . 
C 3 HOH 207 507 87  HOH HOH A . 
C 3 HOH 208 508 196 HOH HOH A . 
C 3 HOH 209 509 270 HOH HOH A . 
C 3 HOH 210 510 198 HOH HOH A . 
C 3 HOH 211 511 25  HOH HOH A . 
C 3 HOH 212 512 200 HOH HOH A . 
C 3 HOH 213 513 112 HOH HOH A . 
C 3 HOH 214 514 252 HOH HOH A . 
C 3 HOH 215 515 193 HOH HOH A . 
C 3 HOH 216 516 247 HOH HOH A . 
C 3 HOH 217 517 243 HOH HOH A . 
C 3 HOH 218 518 83  HOH HOH A . 
C 3 HOH 219 519 84  HOH HOH A . 
C 3 HOH 220 520 111 HOH HOH A . 
C 3 HOH 221 521 153 HOH HOH A . 
C 3 HOH 222 522 104 HOH HOH A . 
C 3 HOH 223 523 179 HOH HOH A . 
C 3 HOH 224 524 175 HOH HOH A . 
C 3 HOH 225 525 225 HOH HOH A . 
C 3 HOH 226 526 258 HOH HOH A . 
C 3 HOH 227 527 77  HOH HOH A . 
C 3 HOH 228 528 229 HOH HOH A . 
C 3 HOH 229 529 197 HOH HOH A . 
C 3 HOH 230 530 67  HOH HOH A . 
C 3 HOH 231 531 164 HOH HOH A . 
C 3 HOH 232 532 143 HOH HOH A . 
C 3 HOH 233 533 182 HOH HOH A . 
C 3 HOH 234 534 122 HOH HOH A . 
C 3 HOH 235 535 144 HOH HOH A . 
C 3 HOH 236 536 273 HOH HOH A . 
C 3 HOH 237 537 140 HOH HOH A . 
C 3 HOH 238 538 69  HOH HOH A . 
C 3 HOH 239 539 133 HOH HOH A . 
C 3 HOH 240 540 253 HOH HOH A . 
C 3 HOH 241 541 37  HOH HOH A . 
C 3 HOH 242 542 149 HOH HOH A . 
C 3 HOH 243 543 110 HOH HOH A . 
C 3 HOH 244 544 232 HOH HOH A . 
C 3 HOH 245 545 91  HOH HOH A . 
C 3 HOH 246 546 107 HOH HOH A . 
C 3 HOH 247 547 142 HOH HOH A . 
C 3 HOH 248 548 70  HOH HOH A . 
C 3 HOH 249 549 90  HOH HOH A . 
C 3 HOH 250 550 134 HOH HOH A . 
C 3 HOH 251 551 190 HOH HOH A . 
C 3 HOH 252 552 51  HOH HOH A . 
C 3 HOH 253 553 126 HOH HOH A . 
C 3 HOH 254 554 187 HOH HOH A . 
C 3 HOH 255 555 93  HOH HOH A . 
C 3 HOH 256 556 220 HOH HOH A . 
C 3 HOH 257 557 115 HOH HOH A . 
C 3 HOH 258 558 222 HOH HOH A . 
C 3 HOH 259 559 237 HOH HOH A . 
C 3 HOH 260 560 255 HOH HOH A . 
C 3 HOH 261 561 157 HOH HOH A . 
C 3 HOH 262 562 231 HOH HOH A . 
C 3 HOH 263 563 102 HOH HOH A . 
C 3 HOH 264 564 264 HOH HOH A . 
C 3 HOH 265 565 146 HOH HOH A . 
C 3 HOH 266 566 130 HOH HOH A . 
# 
_pdbx_struct_assembly.id                   1 
_pdbx_struct_assembly.details              author_and_software_defined_assembly 
_pdbx_struct_assembly.method_details       PISA 
_pdbx_struct_assembly.oligomeric_details   monomeric 
_pdbx_struct_assembly.oligomeric_count     1 
# 
_pdbx_struct_assembly_gen.assembly_id       1 
_pdbx_struct_assembly_gen.oper_expression   1 
_pdbx_struct_assembly_gen.asym_id_list      A,B,C 
# 
_pdbx_struct_oper_list.id                   1 
_pdbx_struct_oper_list.type                 'identity operation' 
_pdbx_struct_oper_list.name                 1_555 
_pdbx_struct_oper_list.symmetry_operation   x,y,z 
_pdbx_struct_oper_list.matrix[1][1]         1.0000000000 
_pdbx_struct_oper_list.matrix[1][2]         0.0000000000 
_pdbx_struct_oper_list.matrix[1][3]         0.0000000000 
_pdbx_struct_oper_list.vector[1]            0.0000000000 
_pdbx_struct_oper_list.matrix[2][1]         0.0000000000 
_pdbx_struct_oper_list.matrix[2][2]         1.0000000000 
_pdbx_struct_oper_list.matrix[2][3]         0.0000000000 
_pdbx_struct_oper_list.vector[2]            0.0000000000 
_pdbx_struct_oper_list.matrix[3][1]         0.0000000000 
_pdbx_struct_oper_list.matrix[3][2]         0.0000000000 
_pdbx_struct_oper_list.matrix[3][3]         1.0000000000 
_pdbx_struct_oper_list.vector[3]            0.0000000000 
# 
loop_
_pdbx_audit_revision_history.ordinal 
_pdbx_audit_revision_history.data_content_type 
_pdbx_audit_revision_history.major_revision 
_pdbx_audit_revision_history.minor_revision 
_pdbx_audit_revision_history.revision_date 
1 'Structure model' 1 0 2016-04-27 
2 'Structure model' 1 1 2016-05-04 
3 'Structure model' 1 2 2017-03-15 
4 'Structure model' 1 3 2023-09-27 
# 
_pdbx_audit_revision_details.ordinal             1 
_pdbx_audit_revision_details.revision_ordinal    1 
_pdbx_audit_revision_details.data_content_type   'Structure model' 
_pdbx_audit_revision_details.provider            repository 
_pdbx_audit_revision_details.type                'Initial release' 
_pdbx_audit_revision_details.description         ? 
_pdbx_audit_revision_details.details             ? 
# 
loop_
_pdbx_audit_revision_group.ordinal 
_pdbx_audit_revision_group.revision_ordinal 
_pdbx_audit_revision_group.data_content_type 
_pdbx_audit_revision_group.group 
1 2 'Structure model' 'Database references'    
2 3 'Structure model' 'Structure summary'      
3 4 'Structure model' 'Data collection'        
4 4 'Structure model' 'Database references'    
5 4 'Structure model' 'Refinement description' 
# 
loop_
_pdbx_audit_revision_category.ordinal 
_pdbx_audit_revision_category.revision_ordinal 
_pdbx_audit_revision_category.data_content_type 
_pdbx_audit_revision_category.category 
1 4 'Structure model' chem_comp_atom                
2 4 'Structure model' chem_comp_bond                
3 4 'Structure model' database_2                    
4 4 'Structure model' pdbx_initial_refinement_model 
# 
loop_
_pdbx_audit_revision_item.ordinal 
_pdbx_audit_revision_item.revision_ordinal 
_pdbx_audit_revision_item.data_content_type 
_pdbx_audit_revision_item.item 
1 4 'Structure model' '_database_2.pdbx_DOI'                
2 4 'Structure model' '_database_2.pdbx_database_accession' 
# 
loop_
_software.citation_id 
_software.classification 
_software.compiler_name 
_software.compiler_version 
_software.contact_author 
_software.contact_author_email 
_software.date 
_software.description 
_software.dependencies 
_software.hardware 
_software.language 
_software.location 
_software.mods 
_software.name 
_software.os 
_software.os_version 
_software.type 
_software.version 
_software.pdbx_ordinal 
? refinement       ? ? ? ? ? ? ? ? ? ? ? PHENIX   ? ? ? 1.9_1692 1 
? 'data reduction' ? ? ? ? ? ? ? ? ? ? ? HKL-3000 ? ? ? .        2 
? 'data scaling'   ? ? ? ? ? ? ? ? ? ? ? HKL-3000 ? ? ? .        3 
? phasing          ? ? ? ? ? ? ? ? ? ? ? PHASER   ? ? ? .        4 
# 
_pdbx_validate_close_contact.id               1 
_pdbx_validate_close_contact.PDB_model_num    1 
_pdbx_validate_close_contact.auth_atom_id_1   O 
_pdbx_validate_close_contact.auth_asym_id_1   A 
_pdbx_validate_close_contact.auth_comp_id_1   HOH 
_pdbx_validate_close_contact.auth_seq_id_1    424 
_pdbx_validate_close_contact.PDB_ins_code_1   ? 
_pdbx_validate_close_contact.label_alt_id_1   ? 
_pdbx_validate_close_contact.auth_atom_id_2   O 
_pdbx_validate_close_contact.auth_asym_id_2   A 
_pdbx_validate_close_contact.auth_comp_id_2   HOH 
_pdbx_validate_close_contact.auth_seq_id_2    456 
_pdbx_validate_close_contact.PDB_ins_code_2   ? 
_pdbx_validate_close_contact.label_alt_id_2   ? 
_pdbx_validate_close_contact.dist             2.19 
# 
_pdbx_validate_symm_contact.id                1 
_pdbx_validate_symm_contact.PDB_model_num     1 
_pdbx_validate_symm_contact.auth_atom_id_1    O 
_pdbx_validate_symm_contact.auth_asym_id_1    A 
_pdbx_validate_symm_contact.auth_comp_id_1    HOH 
_pdbx_validate_symm_contact.auth_seq_id_1     308 
_pdbx_validate_symm_contact.PDB_ins_code_1    ? 
_pdbx_validate_symm_contact.label_alt_id_1    ? 
_pdbx_validate_symm_contact.site_symmetry_1   1_555 
_pdbx_validate_symm_contact.auth_atom_id_2    O 
_pdbx_validate_symm_contact.auth_asym_id_2    A 
_pdbx_validate_symm_contact.auth_comp_id_2    HOH 
_pdbx_validate_symm_contact.auth_seq_id_2     325 
_pdbx_validate_symm_contact.PDB_ins_code_2    ? 
_pdbx_validate_symm_contact.label_alt_id_2    ? 
_pdbx_validate_symm_contact.site_symmetry_2   2_544 
_pdbx_validate_symm_contact.dist              2.19 
# 
_pdbx_validate_rmsd_angle.id                         1 
_pdbx_validate_rmsd_angle.PDB_model_num              1 
_pdbx_validate_rmsd_angle.auth_atom_id_1             CA 
_pdbx_validate_rmsd_angle.auth_asym_id_1             A 
_pdbx_validate_rmsd_angle.auth_comp_id_1             LEU 
_pdbx_validate_rmsd_angle.auth_seq_id_1              60 
_pdbx_validate_rmsd_angle.PDB_ins_code_1             ? 
_pdbx_validate_rmsd_angle.label_alt_id_1             B 
_pdbx_validate_rmsd_angle.auth_atom_id_2             CB 
_pdbx_validate_rmsd_angle.auth_asym_id_2             A 
_pdbx_validate_rmsd_angle.auth_comp_id_2             LEU 
_pdbx_validate_rmsd_angle.auth_seq_id_2              60 
_pdbx_validate_rmsd_angle.PDB_ins_code_2             ? 
_pdbx_validate_rmsd_angle.label_alt_id_2             B 
_pdbx_validate_rmsd_angle.auth_atom_id_3             CG 
_pdbx_validate_rmsd_angle.auth_asym_id_3             A 
_pdbx_validate_rmsd_angle.auth_comp_id_3             LEU 
_pdbx_validate_rmsd_angle.auth_seq_id_3              60 
_pdbx_validate_rmsd_angle.PDB_ins_code_3             ? 
_pdbx_validate_rmsd_angle.label_alt_id_3             B 
_pdbx_validate_rmsd_angle.angle_value                130.02 
_pdbx_validate_rmsd_angle.angle_target_value         115.30 
_pdbx_validate_rmsd_angle.angle_deviation            14.72 
_pdbx_validate_rmsd_angle.angle_standard_deviation   2.30 
_pdbx_validate_rmsd_angle.linker_flag                N 
# 
loop_
_pdbx_validate_torsion.id 
_pdbx_validate_torsion.PDB_model_num 
_pdbx_validate_torsion.auth_comp_id 
_pdbx_validate_torsion.auth_asym_id 
_pdbx_validate_torsion.auth_seq_id 
_pdbx_validate_torsion.PDB_ins_code 
_pdbx_validate_torsion.label_alt_id 
_pdbx_validate_torsion.phi 
_pdbx_validate_torsion.psi 
1 1 THR A 29  ? ? -100.59 -166.25 
2 1 HIS A 83  ? ? -172.34 139.48  
3 1 LYS A 101 ? ? -110.42 -102.15 
4 1 ASP A 127 ? ? -116.93 61.42   
# 
_pdbx_distant_solvent_atoms.id                                1 
_pdbx_distant_solvent_atoms.PDB_model_num                     1 
_pdbx_distant_solvent_atoms.auth_atom_id                      O 
_pdbx_distant_solvent_atoms.label_alt_id                      ? 
_pdbx_distant_solvent_atoms.auth_asym_id                      A 
_pdbx_distant_solvent_atoms.auth_comp_id                      HOH 
_pdbx_distant_solvent_atoms.auth_seq_id                       566 
_pdbx_distant_solvent_atoms.PDB_ins_code                      ? 
_pdbx_distant_solvent_atoms.neighbor_macromolecule_distance   5.83 
_pdbx_distant_solvent_atoms.neighbor_ligand_distance          . 
# 
_pdbx_unobs_or_zero_occ_residues.id               1 
_pdbx_unobs_or_zero_occ_residues.PDB_model_num    1 
_pdbx_unobs_or_zero_occ_residues.polymer_flag     Y 
_pdbx_unobs_or_zero_occ_residues.occupancy_flag   1 
_pdbx_unobs_or_zero_occ_residues.auth_asym_id     A 
_pdbx_unobs_or_zero_occ_residues.auth_comp_id     SER 
_pdbx_unobs_or_zero_occ_residues.auth_seq_id      158 
_pdbx_unobs_or_zero_occ_residues.PDB_ins_code     ? 
_pdbx_unobs_or_zero_occ_residues.label_asym_id    A 
_pdbx_unobs_or_zero_occ_residues.label_comp_id    SER 
_pdbx_unobs_or_zero_occ_residues.label_seq_id     157 
# 
loop_
_chem_comp_atom.comp_id 
_chem_comp_atom.atom_id 
_chem_comp_atom.type_symbol 
_chem_comp_atom.pdbx_aromatic_flag 
_chem_comp_atom.pdbx_stereo_config 
_chem_comp_atom.pdbx_ordinal 
5VJ OAA  O N N 1   
5VJ SAP  S N N 2   
5VJ OAB  O N N 3   
5VJ CAO  C Y N 4   
5VJ CAJ  C Y N 5   
5VJ CAF  C Y N 6   
5VJ CAE  C Y N 7   
5VJ CAI  C Y N 8   
5VJ CAN  C Y N 9   
5VJ CAM  C Y N 10  
5VJ CAH  C Y N 11  
5VJ CAD  C Y N 12  
5VJ CAC  C Y N 13  
5VJ CAG  C Y N 14  
5VJ CAL  C Y N 15  
5VJ NAK  N N N 16  
5VJ H1   H N N 17  
5VJ H2   H N N 18  
5VJ H3   H N N 19  
5VJ H4   H N N 20  
5VJ H5   H N N 21  
5VJ H6   H N N 22  
5VJ H7   H N N 23  
5VJ H8   H N N 24  
5VJ H9   H N N 25  
ALA N    N N N 26  
ALA CA   C N S 27  
ALA C    C N N 28  
ALA O    O N N 29  
ALA CB   C N N 30  
ALA OXT  O N N 31  
ALA H    H N N 32  
ALA H2   H N N 33  
ALA HA   H N N 34  
ALA HB1  H N N 35  
ALA HB2  H N N 36  
ALA HB3  H N N 37  
ALA HXT  H N N 38  
ARG N    N N N 39  
ARG CA   C N S 40  
ARG C    C N N 41  
ARG O    O N N 42  
ARG CB   C N N 43  
ARG CG   C N N 44  
ARG CD   C N N 45  
ARG NE   N N N 46  
ARG CZ   C N N 47  
ARG NH1  N N N 48  
ARG NH2  N N N 49  
ARG OXT  O N N 50  
ARG H    H N N 51  
ARG H2   H N N 52  
ARG HA   H N N 53  
ARG HB2  H N N 54  
ARG HB3  H N N 55  
ARG HG2  H N N 56  
ARG HG3  H N N 57  
ARG HD2  H N N 58  
ARG HD3  H N N 59  
ARG HE   H N N 60  
ARG HH11 H N N 61  
ARG HH12 H N N 62  
ARG HH21 H N N 63  
ARG HH22 H N N 64  
ARG HXT  H N N 65  
ASN N    N N N 66  
ASN CA   C N S 67  
ASN C    C N N 68  
ASN O    O N N 69  
ASN CB   C N N 70  
ASN CG   C N N 71  
ASN OD1  O N N 72  
ASN ND2  N N N 73  
ASN OXT  O N N 74  
ASN H    H N N 75  
ASN H2   H N N 76  
ASN HA   H N N 77  
ASN HB2  H N N 78  
ASN HB3  H N N 79  
ASN HD21 H N N 80  
ASN HD22 H N N 81  
ASN HXT  H N N 82  
ASP N    N N N 83  
ASP CA   C N S 84  
ASP C    C N N 85  
ASP O    O N N 86  
ASP CB   C N N 87  
ASP CG   C N N 88  
ASP OD1  O N N 89  
ASP OD2  O N N 90  
ASP OXT  O N N 91  
ASP H    H N N 92  
ASP H2   H N N 93  
ASP HA   H N N 94  
ASP HB2  H N N 95  
ASP HB3  H N N 96  
ASP HD2  H N N 97  
ASP HXT  H N N 98  
CYS N    N N N 99  
CYS CA   C N R 100 
CYS C    C N N 101 
CYS O    O N N 102 
CYS CB   C N N 103 
CYS SG   S N N 104 
CYS OXT  O N N 105 
CYS H    H N N 106 
CYS H2   H N N 107 
CYS HA   H N N 108 
CYS HB2  H N N 109 
CYS HB3  H N N 110 
CYS HG   H N N 111 
CYS HXT  H N N 112 
GLN N    N N N 113 
GLN CA   C N S 114 
GLN C    C N N 115 
GLN O    O N N 116 
GLN CB   C N N 117 
GLN CG   C N N 118 
GLN CD   C N N 119 
GLN OE1  O N N 120 
GLN NE2  N N N 121 
GLN OXT  O N N 122 
GLN H    H N N 123 
GLN H2   H N N 124 
GLN HA   H N N 125 
GLN HB2  H N N 126 
GLN HB3  H N N 127 
GLN HG2  H N N 128 
GLN HG3  H N N 129 
GLN HE21 H N N 130 
GLN HE22 H N N 131 
GLN HXT  H N N 132 
GLU N    N N N 133 
GLU CA   C N S 134 
GLU C    C N N 135 
GLU O    O N N 136 
GLU CB   C N N 137 
GLU CG   C N N 138 
GLU CD   C N N 139 
GLU OE1  O N N 140 
GLU OE2  O N N 141 
GLU OXT  O N N 142 
GLU H    H N N 143 
GLU H2   H N N 144 
GLU HA   H N N 145 
GLU HB2  H N N 146 
GLU HB3  H N N 147 
GLU HG2  H N N 148 
GLU HG3  H N N 149 
GLU HE2  H N N 150 
GLU HXT  H N N 151 
GLY N    N N N 152 
GLY CA   C N N 153 
GLY C    C N N 154 
GLY O    O N N 155 
GLY OXT  O N N 156 
GLY H    H N N 157 
GLY H2   H N N 158 
GLY HA2  H N N 159 
GLY HA3  H N N 160 
GLY HXT  H N N 161 
HIS N    N N N 162 
HIS CA   C N S 163 
HIS C    C N N 164 
HIS O    O N N 165 
HIS CB   C N N 166 
HIS CG   C Y N 167 
HIS ND1  N Y N 168 
HIS CD2  C Y N 169 
HIS CE1  C Y N 170 
HIS NE2  N Y N 171 
HIS OXT  O N N 172 
HIS H    H N N 173 
HIS H2   H N N 174 
HIS HA   H N N 175 
HIS HB2  H N N 176 
HIS HB3  H N N 177 
HIS HD1  H N N 178 
HIS HD2  H N N 179 
HIS HE1  H N N 180 
HIS HE2  H N N 181 
HIS HXT  H N N 182 
HOH O    O N N 183 
HOH H1   H N N 184 
HOH H2   H N N 185 
ILE N    N N N 186 
ILE CA   C N S 187 
ILE C    C N N 188 
ILE O    O N N 189 
ILE CB   C N S 190 
ILE CG1  C N N 191 
ILE CG2  C N N 192 
ILE CD1  C N N 193 
ILE OXT  O N N 194 
ILE H    H N N 195 
ILE H2   H N N 196 
ILE HA   H N N 197 
ILE HB   H N N 198 
ILE HG12 H N N 199 
ILE HG13 H N N 200 
ILE HG21 H N N 201 
ILE HG22 H N N 202 
ILE HG23 H N N 203 
ILE HD11 H N N 204 
ILE HD12 H N N 205 
ILE HD13 H N N 206 
ILE HXT  H N N 207 
LEU N    N N N 208 
LEU CA   C N S 209 
LEU C    C N N 210 
LEU O    O N N 211 
LEU CB   C N N 212 
LEU CG   C N N 213 
LEU CD1  C N N 214 
LEU CD2  C N N 215 
LEU OXT  O N N 216 
LEU H    H N N 217 
LEU H2   H N N 218 
LEU HA   H N N 219 
LEU HB2  H N N 220 
LEU HB3  H N N 221 
LEU HG   H N N 222 
LEU HD11 H N N 223 
LEU HD12 H N N 224 
LEU HD13 H N N 225 
LEU HD21 H N N 226 
LEU HD22 H N N 227 
LEU HD23 H N N 228 
LEU HXT  H N N 229 
LYS N    N N N 230 
LYS CA   C N S 231 
LYS C    C N N 232 
LYS O    O N N 233 
LYS CB   C N N 234 
LYS CG   C N N 235 
LYS CD   C N N 236 
LYS CE   C N N 237 
LYS NZ   N N N 238 
LYS OXT  O N N 239 
LYS H    H N N 240 
LYS H2   H N N 241 
LYS HA   H N N 242 
LYS HB2  H N N 243 
LYS HB3  H N N 244 
LYS HG2  H N N 245 
LYS HG3  H N N 246 
LYS HD2  H N N 247 
LYS HD3  H N N 248 
LYS HE2  H N N 249 
LYS HE3  H N N 250 
LYS HZ1  H N N 251 
LYS HZ2  H N N 252 
LYS HZ3  H N N 253 
LYS HXT  H N N 254 
MET N    N N N 255 
MET CA   C N S 256 
MET C    C N N 257 
MET O    O N N 258 
MET CB   C N N 259 
MET CG   C N N 260 
MET SD   S N N 261 
MET CE   C N N 262 
MET OXT  O N N 263 
MET H    H N N 264 
MET H2   H N N 265 
MET HA   H N N 266 
MET HB2  H N N 267 
MET HB3  H N N 268 
MET HG2  H N N 269 
MET HG3  H N N 270 
MET HE1  H N N 271 
MET HE2  H N N 272 
MET HE3  H N N 273 
MET HXT  H N N 274 
PHE N    N N N 275 
PHE CA   C N S 276 
PHE C    C N N 277 
PHE O    O N N 278 
PHE CB   C N N 279 
PHE CG   C Y N 280 
PHE CD1  C Y N 281 
PHE CD2  C Y N 282 
PHE CE1  C Y N 283 
PHE CE2  C Y N 284 
PHE CZ   C Y N 285 
PHE OXT  O N N 286 
PHE H    H N N 287 
PHE H2   H N N 288 
PHE HA   H N N 289 
PHE HB2  H N N 290 
PHE HB3  H N N 291 
PHE HD1  H N N 292 
PHE HD2  H N N 293 
PHE HE1  H N N 294 
PHE HE2  H N N 295 
PHE HZ   H N N 296 
PHE HXT  H N N 297 
PRO N    N N N 298 
PRO CA   C N S 299 
PRO C    C N N 300 
PRO O    O N N 301 
PRO CB   C N N 302 
PRO CG   C N N 303 
PRO CD   C N N 304 
PRO OXT  O N N 305 
PRO H    H N N 306 
PRO HA   H N N 307 
PRO HB2  H N N 308 
PRO HB3  H N N 309 
PRO HG2  H N N 310 
PRO HG3  H N N 311 
PRO HD2  H N N 312 
PRO HD3  H N N 313 
PRO HXT  H N N 314 
SER N    N N N 315 
SER CA   C N S 316 
SER C    C N N 317 
SER O    O N N 318 
SER CB   C N N 319 
SER OG   O N N 320 
SER OXT  O N N 321 
SER H    H N N 322 
SER H2   H N N 323 
SER HA   H N N 324 
SER HB2  H N N 325 
SER HB3  H N N 326 
SER HG   H N N 327 
SER HXT  H N N 328 
THR N    N N N 329 
THR CA   C N S 330 
THR C    C N N 331 
THR O    O N N 332 
THR CB   C N R 333 
THR OG1  O N N 334 
THR CG2  C N N 335 
THR OXT  O N N 336 
THR H    H N N 337 
THR H2   H N N 338 
THR HA   H N N 339 
THR HB   H N N 340 
THR HG1  H N N 341 
THR HG21 H N N 342 
THR HG22 H N N 343 
THR HG23 H N N 344 
THR HXT  H N N 345 
TRP N    N N N 346 
TRP CA   C N S 347 
TRP C    C N N 348 
TRP O    O N N 349 
TRP CB   C N N 350 
TRP CG   C Y N 351 
TRP CD1  C Y N 352 
TRP CD2  C Y N 353 
TRP NE1  N Y N 354 
TRP CE2  C Y N 355 
TRP CE3  C Y N 356 
TRP CZ2  C Y N 357 
TRP CZ3  C Y N 358 
TRP CH2  C Y N 359 
TRP OXT  O N N 360 
TRP H    H N N 361 
TRP H2   H N N 362 
TRP HA   H N N 363 
TRP HB2  H N N 364 
TRP HB3  H N N 365 
TRP HD1  H N N 366 
TRP HE1  H N N 367 
TRP HE3  H N N 368 
TRP HZ2  H N N 369 
TRP HZ3  H N N 370 
TRP HH2  H N N 371 
TRP HXT  H N N 372 
TYR N    N N N 373 
TYR CA   C N S 374 
TYR C    C N N 375 
TYR O    O N N 376 
TYR CB   C N N 377 
TYR CG   C Y N 378 
TYR CD1  C Y N 379 
TYR CD2  C Y N 380 
TYR CE1  C Y N 381 
TYR CE2  C Y N 382 
TYR CZ   C Y N 383 
TYR OH   O N N 384 
TYR OXT  O N N 385 
TYR H    H N N 386 
TYR H2   H N N 387 
TYR HA   H N N 388 
TYR HB2  H N N 389 
TYR HB3  H N N 390 
TYR HD1  H N N 391 
TYR HD2  H N N 392 
TYR HE1  H N N 393 
TYR HE2  H N N 394 
TYR HH   H N N 395 
TYR HXT  H N N 396 
VAL N    N N N 397 
VAL CA   C N S 398 
VAL C    C N N 399 
VAL O    O N N 400 
VAL CB   C N N 401 
VAL CG1  C N N 402 
VAL CG2  C N N 403 
VAL OXT  O N N 404 
VAL H    H N N 405 
VAL H2   H N N 406 
VAL HA   H N N 407 
VAL HB   H N N 408 
VAL HG11 H N N 409 
VAL HG12 H N N 410 
VAL HG13 H N N 411 
VAL HG21 H N N 412 
VAL HG22 H N N 413 
VAL HG23 H N N 414 
VAL HXT  H N N 415 
# 
loop_
_chem_comp_bond.comp_id 
_chem_comp_bond.atom_id_1 
_chem_comp_bond.atom_id_2 
_chem_comp_bond.value_order 
_chem_comp_bond.pdbx_aromatic_flag 
_chem_comp_bond.pdbx_stereo_config 
_chem_comp_bond.pdbx_ordinal 
5VJ OAA SAP  doub N N 1   
5VJ CAC CAG  doub Y N 2   
5VJ CAC CAD  sing Y N 3   
5VJ CAG CAL  sing Y N 4   
5VJ CAD CAH  doub Y N 5   
5VJ CAL NAK  sing N N 6   
5VJ CAL CAM  doub Y N 7   
5VJ NAK SAP  sing N N 8   
5VJ CAH CAM  sing Y N 9   
5VJ CAM CAN  sing N N 10  
5VJ SAP CAO  sing N N 11  
5VJ SAP OAB  doub N N 12  
5VJ CAN CAO  doub Y N 13  
5VJ CAN CAI  sing Y N 14  
5VJ CAO CAJ  sing Y N 15  
5VJ CAI CAE  doub Y N 16  
5VJ CAJ CAF  doub Y N 17  
5VJ CAE CAF  sing Y N 18  
5VJ CAJ H1   sing N N 19  
5VJ CAF H2   sing N N 20  
5VJ CAE H3   sing N N 21  
5VJ CAI H4   sing N N 22  
5VJ CAH H5   sing N N 23  
5VJ CAD H6   sing N N 24  
5VJ CAC H7   sing N N 25  
5VJ CAG H8   sing N N 26  
5VJ NAK H9   sing N N 27  
ALA N   CA   sing N N 28  
ALA N   H    sing N N 29  
ALA N   H2   sing N N 30  
ALA CA  C    sing N N 31  
ALA CA  CB   sing N N 32  
ALA CA  HA   sing N N 33  
ALA C   O    doub N N 34  
ALA C   OXT  sing N N 35  
ALA CB  HB1  sing N N 36  
ALA CB  HB2  sing N N 37  
ALA CB  HB3  sing N N 38  
ALA OXT HXT  sing N N 39  
ARG N   CA   sing N N 40  
ARG N   H    sing N N 41  
ARG N   H2   sing N N 42  
ARG CA  C    sing N N 43  
ARG CA  CB   sing N N 44  
ARG CA  HA   sing N N 45  
ARG C   O    doub N N 46  
ARG C   OXT  sing N N 47  
ARG CB  CG   sing N N 48  
ARG CB  HB2  sing N N 49  
ARG CB  HB3  sing N N 50  
ARG CG  CD   sing N N 51  
ARG CG  HG2  sing N N 52  
ARG CG  HG3  sing N N 53  
ARG CD  NE   sing N N 54  
ARG CD  HD2  sing N N 55  
ARG CD  HD3  sing N N 56  
ARG NE  CZ   sing N N 57  
ARG NE  HE   sing N N 58  
ARG CZ  NH1  sing N N 59  
ARG CZ  NH2  doub N N 60  
ARG NH1 HH11 sing N N 61  
ARG NH1 HH12 sing N N 62  
ARG NH2 HH21 sing N N 63  
ARG NH2 HH22 sing N N 64  
ARG OXT HXT  sing N N 65  
ASN N   CA   sing N N 66  
ASN N   H    sing N N 67  
ASN N   H2   sing N N 68  
ASN CA  C    sing N N 69  
ASN CA  CB   sing N N 70  
ASN CA  HA   sing N N 71  
ASN C   O    doub N N 72  
ASN C   OXT  sing N N 73  
ASN CB  CG   sing N N 74  
ASN CB  HB2  sing N N 75  
ASN CB  HB3  sing N N 76  
ASN CG  OD1  doub N N 77  
ASN CG  ND2  sing N N 78  
ASN ND2 HD21 sing N N 79  
ASN ND2 HD22 sing N N 80  
ASN OXT HXT  sing N N 81  
ASP N   CA   sing N N 82  
ASP N   H    sing N N 83  
ASP N   H2   sing N N 84  
ASP CA  C    sing N N 85  
ASP CA  CB   sing N N 86  
ASP CA  HA   sing N N 87  
ASP C   O    doub N N 88  
ASP C   OXT  sing N N 89  
ASP CB  CG   sing N N 90  
ASP CB  HB2  sing N N 91  
ASP CB  HB3  sing N N 92  
ASP CG  OD1  doub N N 93  
ASP CG  OD2  sing N N 94  
ASP OD2 HD2  sing N N 95  
ASP OXT HXT  sing N N 96  
CYS N   CA   sing N N 97  
CYS N   H    sing N N 98  
CYS N   H2   sing N N 99  
CYS CA  C    sing N N 100 
CYS CA  CB   sing N N 101 
CYS CA  HA   sing N N 102 
CYS C   O    doub N N 103 
CYS C   OXT  sing N N 104 
CYS CB  SG   sing N N 105 
CYS CB  HB2  sing N N 106 
CYS CB  HB3  sing N N 107 
CYS SG  HG   sing N N 108 
CYS OXT HXT  sing N N 109 
GLN N   CA   sing N N 110 
GLN N   H    sing N N 111 
GLN N   H2   sing N N 112 
GLN CA  C    sing N N 113 
GLN CA  CB   sing N N 114 
GLN CA  HA   sing N N 115 
GLN C   O    doub N N 116 
GLN C   OXT  sing N N 117 
GLN CB  CG   sing N N 118 
GLN CB  HB2  sing N N 119 
GLN CB  HB3  sing N N 120 
GLN CG  CD   sing N N 121 
GLN CG  HG2  sing N N 122 
GLN CG  HG3  sing N N 123 
GLN CD  OE1  doub N N 124 
GLN CD  NE2  sing N N 125 
GLN NE2 HE21 sing N N 126 
GLN NE2 HE22 sing N N 127 
GLN OXT HXT  sing N N 128 
GLU N   CA   sing N N 129 
GLU N   H    sing N N 130 
GLU N   H2   sing N N 131 
GLU CA  C    sing N N 132 
GLU CA  CB   sing N N 133 
GLU CA  HA   sing N N 134 
GLU C   O    doub N N 135 
GLU C   OXT  sing N N 136 
GLU CB  CG   sing N N 137 
GLU CB  HB2  sing N N 138 
GLU CB  HB3  sing N N 139 
GLU CG  CD   sing N N 140 
GLU CG  HG2  sing N N 141 
GLU CG  HG3  sing N N 142 
GLU CD  OE1  doub N N 143 
GLU CD  OE2  sing N N 144 
GLU OE2 HE2  sing N N 145 
GLU OXT HXT  sing N N 146 
GLY N   CA   sing N N 147 
GLY N   H    sing N N 148 
GLY N   H2   sing N N 149 
GLY CA  C    sing N N 150 
GLY CA  HA2  sing N N 151 
GLY CA  HA3  sing N N 152 
GLY C   O    doub N N 153 
GLY C   OXT  sing N N 154 
GLY OXT HXT  sing N N 155 
HIS N   CA   sing N N 156 
HIS N   H    sing N N 157 
HIS N   H2   sing N N 158 
HIS CA  C    sing N N 159 
HIS CA  CB   sing N N 160 
HIS CA  HA   sing N N 161 
HIS C   O    doub N N 162 
HIS C   OXT  sing N N 163 
HIS CB  CG   sing N N 164 
HIS CB  HB2  sing N N 165 
HIS CB  HB3  sing N N 166 
HIS CG  ND1  sing Y N 167 
HIS CG  CD2  doub Y N 168 
HIS ND1 CE1  doub Y N 169 
HIS ND1 HD1  sing N N 170 
HIS CD2 NE2  sing Y N 171 
HIS CD2 HD2  sing N N 172 
HIS CE1 NE2  sing Y N 173 
HIS CE1 HE1  sing N N 174 
HIS NE2 HE2  sing N N 175 
HIS OXT HXT  sing N N 176 
HOH O   H1   sing N N 177 
HOH O   H2   sing N N 178 
ILE N   CA   sing N N 179 
ILE N   H    sing N N 180 
ILE N   H2   sing N N 181 
ILE CA  C    sing N N 182 
ILE CA  CB   sing N N 183 
ILE CA  HA   sing N N 184 
ILE C   O    doub N N 185 
ILE C   OXT  sing N N 186 
ILE CB  CG1  sing N N 187 
ILE CB  CG2  sing N N 188 
ILE CB  HB   sing N N 189 
ILE CG1 CD1  sing N N 190 
ILE CG1 HG12 sing N N 191 
ILE CG1 HG13 sing N N 192 
ILE CG2 HG21 sing N N 193 
ILE CG2 HG22 sing N N 194 
ILE CG2 HG23 sing N N 195 
ILE CD1 HD11 sing N N 196 
ILE CD1 HD12 sing N N 197 
ILE CD1 HD13 sing N N 198 
ILE OXT HXT  sing N N 199 
LEU N   CA   sing N N 200 
LEU N   H    sing N N 201 
LEU N   H2   sing N N 202 
LEU CA  C    sing N N 203 
LEU CA  CB   sing N N 204 
LEU CA  HA   sing N N 205 
LEU C   O    doub N N 206 
LEU C   OXT  sing N N 207 
LEU CB  CG   sing N N 208 
LEU CB  HB2  sing N N 209 
LEU CB  HB3  sing N N 210 
LEU CG  CD1  sing N N 211 
LEU CG  CD2  sing N N 212 
LEU CG  HG   sing N N 213 
LEU CD1 HD11 sing N N 214 
LEU CD1 HD12 sing N N 215 
LEU CD1 HD13 sing N N 216 
LEU CD2 HD21 sing N N 217 
LEU CD2 HD22 sing N N 218 
LEU CD2 HD23 sing N N 219 
LEU OXT HXT  sing N N 220 
LYS N   CA   sing N N 221 
LYS N   H    sing N N 222 
LYS N   H2   sing N N 223 
LYS CA  C    sing N N 224 
LYS CA  CB   sing N N 225 
LYS CA  HA   sing N N 226 
LYS C   O    doub N N 227 
LYS C   OXT  sing N N 228 
LYS CB  CG   sing N N 229 
LYS CB  HB2  sing N N 230 
LYS CB  HB3  sing N N 231 
LYS CG  CD   sing N N 232 
LYS CG  HG2  sing N N 233 
LYS CG  HG3  sing N N 234 
LYS CD  CE   sing N N 235 
LYS CD  HD2  sing N N 236 
LYS CD  HD3  sing N N 237 
LYS CE  NZ   sing N N 238 
LYS CE  HE2  sing N N 239 
LYS CE  HE3  sing N N 240 
LYS NZ  HZ1  sing N N 241 
LYS NZ  HZ2  sing N N 242 
LYS NZ  HZ3  sing N N 243 
LYS OXT HXT  sing N N 244 
MET N   CA   sing N N 245 
MET N   H    sing N N 246 
MET N   H2   sing N N 247 
MET CA  C    sing N N 248 
MET CA  CB   sing N N 249 
MET CA  HA   sing N N 250 
MET C   O    doub N N 251 
MET C   OXT  sing N N 252 
MET CB  CG   sing N N 253 
MET CB  HB2  sing N N 254 
MET CB  HB3  sing N N 255 
MET CG  SD   sing N N 256 
MET CG  HG2  sing N N 257 
MET CG  HG3  sing N N 258 
MET SD  CE   sing N N 259 
MET CE  HE1  sing N N 260 
MET CE  HE2  sing N N 261 
MET CE  HE3  sing N N 262 
MET OXT HXT  sing N N 263 
PHE N   CA   sing N N 264 
PHE N   H    sing N N 265 
PHE N   H2   sing N N 266 
PHE CA  C    sing N N 267 
PHE CA  CB   sing N N 268 
PHE CA  HA   sing N N 269 
PHE C   O    doub N N 270 
PHE C   OXT  sing N N 271 
PHE CB  CG   sing N N 272 
PHE CB  HB2  sing N N 273 
PHE CB  HB3  sing N N 274 
PHE CG  CD1  doub Y N 275 
PHE CG  CD2  sing Y N 276 
PHE CD1 CE1  sing Y N 277 
PHE CD1 HD1  sing N N 278 
PHE CD2 CE2  doub Y N 279 
PHE CD2 HD2  sing N N 280 
PHE CE1 CZ   doub Y N 281 
PHE CE1 HE1  sing N N 282 
PHE CE2 CZ   sing Y N 283 
PHE CE2 HE2  sing N N 284 
PHE CZ  HZ   sing N N 285 
PHE OXT HXT  sing N N 286 
PRO N   CA   sing N N 287 
PRO N   CD   sing N N 288 
PRO N   H    sing N N 289 
PRO CA  C    sing N N 290 
PRO CA  CB   sing N N 291 
PRO CA  HA   sing N N 292 
PRO C   O    doub N N 293 
PRO C   OXT  sing N N 294 
PRO CB  CG   sing N N 295 
PRO CB  HB2  sing N N 296 
PRO CB  HB3  sing N N 297 
PRO CG  CD   sing N N 298 
PRO CG  HG2  sing N N 299 
PRO CG  HG3  sing N N 300 
PRO CD  HD2  sing N N 301 
PRO CD  HD3  sing N N 302 
PRO OXT HXT  sing N N 303 
SER N   CA   sing N N 304 
SER N   H    sing N N 305 
SER N   H2   sing N N 306 
SER CA  C    sing N N 307 
SER CA  CB   sing N N 308 
SER CA  HA   sing N N 309 
SER C   O    doub N N 310 
SER C   OXT  sing N N 311 
SER CB  OG   sing N N 312 
SER CB  HB2  sing N N 313 
SER CB  HB3  sing N N 314 
SER OG  HG   sing N N 315 
SER OXT HXT  sing N N 316 
THR N   CA   sing N N 317 
THR N   H    sing N N 318 
THR N   H2   sing N N 319 
THR CA  C    sing N N 320 
THR CA  CB   sing N N 321 
THR CA  HA   sing N N 322 
THR C   O    doub N N 323 
THR C   OXT  sing N N 324 
THR CB  OG1  sing N N 325 
THR CB  CG2  sing N N 326 
THR CB  HB   sing N N 327 
THR OG1 HG1  sing N N 328 
THR CG2 HG21 sing N N 329 
THR CG2 HG22 sing N N 330 
THR CG2 HG23 sing N N 331 
THR OXT HXT  sing N N 332 
TRP N   CA   sing N N 333 
TRP N   H    sing N N 334 
TRP N   H2   sing N N 335 
TRP CA  C    sing N N 336 
TRP CA  CB   sing N N 337 
TRP CA  HA   sing N N 338 
TRP C   O    doub N N 339 
TRP C   OXT  sing N N 340 
TRP CB  CG   sing N N 341 
TRP CB  HB2  sing N N 342 
TRP CB  HB3  sing N N 343 
TRP CG  CD1  doub Y N 344 
TRP CG  CD2  sing Y N 345 
TRP CD1 NE1  sing Y N 346 
TRP CD1 HD1  sing N N 347 
TRP CD2 CE2  doub Y N 348 
TRP CD2 CE3  sing Y N 349 
TRP NE1 CE2  sing Y N 350 
TRP NE1 HE1  sing N N 351 
TRP CE2 CZ2  sing Y N 352 
TRP CE3 CZ3  doub Y N 353 
TRP CE3 HE3  sing N N 354 
TRP CZ2 CH2  doub Y N 355 
TRP CZ2 HZ2  sing N N 356 
TRP CZ3 CH2  sing Y N 357 
TRP CZ3 HZ3  sing N N 358 
TRP CH2 HH2  sing N N 359 
TRP OXT HXT  sing N N 360 
TYR N   CA   sing N N 361 
TYR N   H    sing N N 362 
TYR N   H2   sing N N 363 
TYR CA  C    sing N N 364 
TYR CA  CB   sing N N 365 
TYR CA  HA   sing N N 366 
TYR C   O    doub N N 367 
TYR C   OXT  sing N N 368 
TYR CB  CG   sing N N 369 
TYR CB  HB2  sing N N 370 
TYR CB  HB3  sing N N 371 
TYR CG  CD1  doub Y N 372 
TYR CG  CD2  sing Y N 373 
TYR CD1 CE1  sing Y N 374 
TYR CD1 HD1  sing N N 375 
TYR CD2 CE2  doub Y N 376 
TYR CD2 HD2  sing N N 377 
TYR CE1 CZ   doub Y N 378 
TYR CE1 HE1  sing N N 379 
TYR CE2 CZ   sing Y N 380 
TYR CE2 HE2  sing N N 381 
TYR CZ  OH   sing N N 382 
TYR OH  HH   sing N N 383 
TYR OXT HXT  sing N N 384 
VAL N   CA   sing N N 385 
VAL N   H    sing N N 386 
VAL N   H2   sing N N 387 
VAL CA  C    sing N N 388 
VAL CA  CB   sing N N 389 
VAL CA  HA   sing N N 390 
VAL C   O    doub N N 391 
VAL C   OXT  sing N N 392 
VAL CB  CG1  sing N N 393 
VAL CB  CG2  sing N N 394 
VAL CB  HB   sing N N 395 
VAL CG1 HG11 sing N N 396 
VAL CG1 HG12 sing N N 397 
VAL CG1 HG13 sing N N 398 
VAL CG2 HG21 sing N N 399 
VAL CG2 HG22 sing N N 400 
VAL CG2 HG23 sing N N 401 
VAL OXT HXT  sing N N 402 
# 
loop_
_pdbx_entity_nonpoly.entity_id 
_pdbx_entity_nonpoly.name 
_pdbx_entity_nonpoly.comp_id 
2 '6~{H}-benzo[c][1,2]benzothiazine 5,5-dioxide' 5VJ 
3 water                                          HOH 
# 
_pdbx_initial_refinement_model.id               1 
_pdbx_initial_refinement_model.entity_id_list   ? 
_pdbx_initial_refinement_model.type             'experimental model' 
_pdbx_initial_refinement_model.source_name      PDB 
_pdbx_initial_refinement_model.accession_code   1U9B 
_pdbx_initial_refinement_model.details          ? 
# 
